data_1L2M
# 
_entry.id   1L2M 
# 
_audit_conform.dict_name       mmcif_pdbx.dic 
_audit_conform.dict_version    5.392 
_audit_conform.dict_location   http://mmcif.pdb.org/dictionaries/ascii/mmcif_pdbx.dic 
# 
loop_
_database_2.database_id 
_database_2.database_code 
_database_2.pdbx_database_accession 
_database_2.pdbx_DOI 
PDB   1L2M         pdb_00001l2m 10.2210/pdb1l2m/pdb 
RCSB  RCSB015586   ?            ?                   
WWPDB D_1000015586 ?            ?                   
# 
loop_
_pdbx_audit_revision_history.ordinal 
_pdbx_audit_revision_history.data_content_type 
_pdbx_audit_revision_history.major_revision 
_pdbx_audit_revision_history.minor_revision 
_pdbx_audit_revision_history.revision_date 
1 'Structure model' 1 0 2002-09-18 
2 'Structure model' 1 1 2008-04-28 
3 'Structure model' 1 2 2011-07-13 
4 'Structure model' 1 3 2022-02-23 
5 'Structure model' 1 4 2024-05-22 
# 
_pdbx_audit_revision_details.ordinal             1 
_pdbx_audit_revision_details.revision_ordinal    1 
_pdbx_audit_revision_details.data_content_type   'Structure model' 
_pdbx_audit_revision_details.provider            repository 
_pdbx_audit_revision_details.type                'Initial release' 
_pdbx_audit_revision_details.description         ? 
_pdbx_audit_revision_details.details             ? 
# 
loop_
_pdbx_audit_revision_group.ordinal 
_pdbx_audit_revision_group.revision_ordinal 
_pdbx_audit_revision_group.data_content_type 
_pdbx_audit_revision_group.group 
1 2 'Structure model' 'Version format compliance' 
2 3 'Structure model' 'Version format compliance' 
3 4 'Structure model' 'Database references'       
4 4 'Structure model' 'Derived calculations'      
5 5 'Structure model' 'Data collection'           
# 
loop_
_pdbx_audit_revision_category.ordinal 
_pdbx_audit_revision_category.revision_ordinal 
_pdbx_audit_revision_category.data_content_type 
_pdbx_audit_revision_category.category 
1 4 'Structure model' database_2            
2 4 'Structure model' pdbx_struct_assembly  
3 4 'Structure model' pdbx_struct_oper_list 
4 5 'Structure model' chem_comp_atom        
5 5 'Structure model' chem_comp_bond        
# 
loop_
_pdbx_audit_revision_item.ordinal 
_pdbx_audit_revision_item.revision_ordinal 
_pdbx_audit_revision_item.data_content_type 
_pdbx_audit_revision_item.item 
1 4 'Structure model' '_database_2.pdbx_DOI'                
2 4 'Structure model' '_database_2.pdbx_database_accession' 
# 
_pdbx_database_status.status_code                     REL 
_pdbx_database_status.entry_id                        1L2M 
_pdbx_database_status.recvd_initial_deposition_date   2002-02-22 
_pdbx_database_status.deposit_site                    RCSB 
_pdbx_database_status.process_site                    RCSB 
_pdbx_database_status.status_code_mr                  REL 
_pdbx_database_status.SG_entry                        . 
_pdbx_database_status.pdb_format_compatible           Y 
_pdbx_database_status.status_code_sf                  ? 
_pdbx_database_status.status_code_cs                  ? 
_pdbx_database_status.status_code_nmr_data            ? 
_pdbx_database_status.methods_development_category    ? 
# 
loop_
_pdbx_database_related.db_name 
_pdbx_database_related.db_id 
_pdbx_database_related.details 
_pdbx_database_related.content_type 
BMRB 5297 
;1H, 13C, and 15N NMR assignments. 
 
Coupling constants hnha.
;
unspecified 
PDB  1L5I 'Ensemble of 30 conformers'                                     unspecified 
# 
loop_
_audit_author.name 
_audit_author.pdbx_ordinal 
'Campos-Olivas, R.' 1 
'Louis, J.M.'       2 
'Clerot, D.'        3 
'Gronenborn, B.'    4 
'Gronenborn, A.M.'  5 
# 
_citation.id                        primary 
_citation.title                     'The structure of a replication initiator unites diverse aspects of nucleic acid metabolism' 
_citation.journal_abbrev            Proc.Natl.Acad.Sci.USA 
_citation.journal_volume            99 
_citation.page_first                10310 
_citation.page_last                 10315 
_citation.year                      2002 
_citation.journal_id_ASTM           PNASA6 
_citation.country                   US 
_citation.journal_id_ISSN           0027-8424 
_citation.journal_id_CSD            0040 
_citation.book_publisher            ? 
_citation.pdbx_database_id_PubMed   12130667 
_citation.pdbx_database_id_DOI      10.1073/pnas.152342699 
# 
loop_
_citation_author.citation_id 
_citation_author.name 
_citation_author.ordinal 
_citation_author.identifier_ORCID 
primary 'Campos-Olivas, R.' 1 ? 
primary 'Louis, J.M.'       2 ? 
primary 'Clerot, D.'        3 ? 
primary 'Gronenborn, B.'    4 ? 
primary 'Gronenborn, A.M.'  5 ? 
# 
_entity.id                         1 
_entity.type                       polymer 
_entity.src_method                 man 
_entity.pdbx_description           'Rep protein' 
_entity.formula_weight             13583.302 
_entity.pdbx_number_of_molecules   1 
_entity.pdbx_ec                    ? 
_entity.pdbx_mutation              ? 
_entity.pdbx_fragment              'N-terminal domain (residues 4-121), DNA-binding domain' 
_entity.details                    ? 
# 
_entity_poly.entity_id                      1 
_entity_poly.type                           'polypeptide(L)' 
_entity_poly.nstd_linkage                   no 
_entity_poly.nstd_monomer                   no 
_entity_poly.pdbx_seq_one_letter_code       
;SGRFSIKAKNYFLTYPKCDLTKENALSQITNLQTPTNKLFIKICRELHENGEPHLHILIQFEGKYNCTNQRFFDLVSPTR
SAHFHPNIQGAKSSSDVKSYIDKDGDVLEWGTFQIDGR
;
_entity_poly.pdbx_seq_one_letter_code_can   
;SGRFSIKAKNYFLTYPKCDLTKENALSQITNLQTPTNKLFIKICRELHENGEPHLHILIQFEGKYNCTNQRFFDLVSPTR
SAHFHPNIQGAKSSSDVKSYIDKDGDVLEWGTFQIDGR
;
_entity_poly.pdbx_strand_id                 A 
_entity_poly.pdbx_target_identifier         ? 
# 
loop_
_entity_poly_seq.entity_id 
_entity_poly_seq.num 
_entity_poly_seq.mon_id 
_entity_poly_seq.hetero 
1 1   SER n 
1 2   GLY n 
1 3   ARG n 
1 4   PHE n 
1 5   SER n 
1 6   ILE n 
1 7   LYS n 
1 8   ALA n 
1 9   LYS n 
1 10  ASN n 
1 11  TYR n 
1 12  PHE n 
1 13  LEU n 
1 14  THR n 
1 15  TYR n 
1 16  PRO n 
1 17  LYS n 
1 18  CYS n 
1 19  ASP n 
1 20  LEU n 
1 21  THR n 
1 22  LYS n 
1 23  GLU n 
1 24  ASN n 
1 25  ALA n 
1 26  LEU n 
1 27  SER n 
1 28  GLN n 
1 29  ILE n 
1 30  THR n 
1 31  ASN n 
1 32  LEU n 
1 33  GLN n 
1 34  THR n 
1 35  PRO n 
1 36  THR n 
1 37  ASN n 
1 38  LYS n 
1 39  LEU n 
1 40  PHE n 
1 41  ILE n 
1 42  LYS n 
1 43  ILE n 
1 44  CYS n 
1 45  ARG n 
1 46  GLU n 
1 47  LEU n 
1 48  HIS n 
1 49  GLU n 
1 50  ASN n 
1 51  GLY n 
1 52  GLU n 
1 53  PRO n 
1 54  HIS n 
1 55  LEU n 
1 56  HIS n 
1 57  ILE n 
1 58  LEU n 
1 59  ILE n 
1 60  GLN n 
1 61  PHE n 
1 62  GLU n 
1 63  GLY n 
1 64  LYS n 
1 65  TYR n 
1 66  ASN n 
1 67  CYS n 
1 68  THR n 
1 69  ASN n 
1 70  GLN n 
1 71  ARG n 
1 72  PHE n 
1 73  PHE n 
1 74  ASP n 
1 75  LEU n 
1 76  VAL n 
1 77  SER n 
1 78  PRO n 
1 79  THR n 
1 80  ARG n 
1 81  SER n 
1 82  ALA n 
1 83  HIS n 
1 84  PHE n 
1 85  HIS n 
1 86  PRO n 
1 87  ASN n 
1 88  ILE n 
1 89  GLN n 
1 90  GLY n 
1 91  ALA n 
1 92  LYS n 
1 93  SER n 
1 94  SER n 
1 95  SER n 
1 96  ASP n 
1 97  VAL n 
1 98  LYS n 
1 99  SER n 
1 100 TYR n 
1 101 ILE n 
1 102 ASP n 
1 103 LYS n 
1 104 ASP n 
1 105 GLY n 
1 106 ASP n 
1 107 VAL n 
1 108 LEU n 
1 109 GLU n 
1 110 TRP n 
1 111 GLY n 
1 112 THR n 
1 113 PHE n 
1 114 GLN n 
1 115 ILE n 
1 116 ASP n 
1 117 GLY n 
1 118 ARG n 
# 
_entity_src_gen.entity_id                          1 
_entity_src_gen.pdbx_src_id                        1 
_entity_src_gen.pdbx_alt_source_flag               sample 
_entity_src_gen.pdbx_seq_type                      ? 
_entity_src_gen.pdbx_beg_seq_num                   ? 
_entity_src_gen.pdbx_end_seq_num                   ? 
_entity_src_gen.gene_src_common_name               ? 
_entity_src_gen.gene_src_genus                     Begomovirus 
_entity_src_gen.pdbx_gene_src_gene                 rep 
_entity_src_gen.gene_src_species                   ? 
_entity_src_gen.gene_src_strain                    ? 
_entity_src_gen.gene_src_tissue                    ? 
_entity_src_gen.gene_src_tissue_fraction           ? 
_entity_src_gen.gene_src_details                   ? 
_entity_src_gen.pdbx_gene_src_fragment             ? 
_entity_src_gen.pdbx_gene_src_scientific_name      'Tomato yellow leaf curl Sardinia virus' 
_entity_src_gen.pdbx_gene_src_ncbi_taxonomy_id     123735 
_entity_src_gen.pdbx_gene_src_variant              ? 
_entity_src_gen.pdbx_gene_src_cell_line            ? 
_entity_src_gen.pdbx_gene_src_atcc                 ? 
_entity_src_gen.pdbx_gene_src_organ                ? 
_entity_src_gen.pdbx_gene_src_organelle            ? 
_entity_src_gen.pdbx_gene_src_cell                 ? 
_entity_src_gen.pdbx_gene_src_cellular_location    ? 
_entity_src_gen.host_org_common_name               ? 
_entity_src_gen.pdbx_host_org_scientific_name      'Escherichia coli' 
_entity_src_gen.pdbx_host_org_ncbi_taxonomy_id     562 
_entity_src_gen.host_org_genus                     Escherichia 
_entity_src_gen.pdbx_host_org_gene                 ? 
_entity_src_gen.pdbx_host_org_organ                ? 
_entity_src_gen.host_org_species                   ? 
_entity_src_gen.pdbx_host_org_tissue               ? 
_entity_src_gen.pdbx_host_org_tissue_fraction      ? 
_entity_src_gen.pdbx_host_org_strain               ? 
_entity_src_gen.pdbx_host_org_variant              ? 
_entity_src_gen.pdbx_host_org_cell_line            ? 
_entity_src_gen.pdbx_host_org_atcc                 ? 
_entity_src_gen.pdbx_host_org_culture_collection   ? 
_entity_src_gen.pdbx_host_org_cell                 ? 
_entity_src_gen.pdbx_host_org_organelle            ? 
_entity_src_gen.pdbx_host_org_cellular_location    ? 
_entity_src_gen.pdbx_host_org_vector_type          plasmid 
_entity_src_gen.pdbx_host_org_vector               ? 
_entity_src_gen.host_org_details                   ? 
_entity_src_gen.expression_system_id               ? 
_entity_src_gen.plasmid_name                       ? 
_entity_src_gen.plasmid_details                    ? 
_entity_src_gen.pdbx_description                   ? 
# 
loop_
_chem_comp.id 
_chem_comp.type 
_chem_comp.mon_nstd_flag 
_chem_comp.name 
_chem_comp.pdbx_synonyms 
_chem_comp.formula 
_chem_comp.formula_weight 
ALA 'L-peptide linking' y ALANINE         ? 'C3 H7 N O2'     89.093  
ARG 'L-peptide linking' y ARGININE        ? 'C6 H15 N4 O2 1' 175.209 
ASN 'L-peptide linking' y ASPARAGINE      ? 'C4 H8 N2 O3'    132.118 
ASP 'L-peptide linking' y 'ASPARTIC ACID' ? 'C4 H7 N O4'     133.103 
CYS 'L-peptide linking' y CYSTEINE        ? 'C3 H7 N O2 S'   121.158 
GLN 'L-peptide linking' y GLUTAMINE       ? 'C5 H10 N2 O3'   146.144 
GLU 'L-peptide linking' y 'GLUTAMIC ACID' ? 'C5 H9 N O4'     147.129 
GLY 'peptide linking'   y GLYCINE         ? 'C2 H5 N O2'     75.067  
HIS 'L-peptide linking' y HISTIDINE       ? 'C6 H10 N3 O2 1' 156.162 
ILE 'L-peptide linking' y ISOLEUCINE      ? 'C6 H13 N O2'    131.173 
LEU 'L-peptide linking' y LEUCINE         ? 'C6 H13 N O2'    131.173 
LYS 'L-peptide linking' y LYSINE          ? 'C6 H15 N2 O2 1' 147.195 
PHE 'L-peptide linking' y PHENYLALANINE   ? 'C9 H11 N O2'    165.189 
PRO 'L-peptide linking' y PROLINE         ? 'C5 H9 N O2'     115.130 
SER 'L-peptide linking' y SERINE          ? 'C3 H7 N O3'     105.093 
THR 'L-peptide linking' y THREONINE       ? 'C4 H9 N O3'     119.119 
TRP 'L-peptide linking' y TRYPTOPHAN      ? 'C11 H12 N2 O2'  204.225 
TYR 'L-peptide linking' y TYROSINE        ? 'C9 H11 N O3'    181.189 
VAL 'L-peptide linking' y VALINE          ? 'C5 H11 N O2'    117.146 
# 
loop_
_pdbx_poly_seq_scheme.asym_id 
_pdbx_poly_seq_scheme.entity_id 
_pdbx_poly_seq_scheme.seq_id 
_pdbx_poly_seq_scheme.mon_id 
_pdbx_poly_seq_scheme.ndb_seq_num 
_pdbx_poly_seq_scheme.pdb_seq_num 
_pdbx_poly_seq_scheme.auth_seq_num 
_pdbx_poly_seq_scheme.pdb_mon_id 
_pdbx_poly_seq_scheme.auth_mon_id 
_pdbx_poly_seq_scheme.pdb_strand_id 
_pdbx_poly_seq_scheme.pdb_ins_code 
_pdbx_poly_seq_scheme.hetero 
A 1 1   SER 1   4   4   SER SER A . n 
A 1 2   GLY 2   5   5   GLY GLY A . n 
A 1 3   ARG 3   6   6   ARG ARG A . n 
A 1 4   PHE 4   7   7   PHE PHE A . n 
A 1 5   SER 5   8   8   SER SER A . n 
A 1 6   ILE 6   9   9   ILE ILE A . n 
A 1 7   LYS 7   10  10  LYS LYS A . n 
A 1 8   ALA 8   11  11  ALA ALA A . n 
A 1 9   LYS 9   12  12  LYS LYS A . n 
A 1 10  ASN 10  13  13  ASN ASN A . n 
A 1 11  TYR 11  14  14  TYR TYR A . n 
A 1 12  PHE 12  15  15  PHE PHE A . n 
A 1 13  LEU 13  16  16  LEU LEU A . n 
A 1 14  THR 14  17  17  THR THR A . n 
A 1 15  TYR 15  18  18  TYR TYR A . n 
A 1 16  PRO 16  19  19  PRO PRO A . n 
A 1 17  LYS 17  20  20  LYS LYS A . n 
A 1 18  CYS 18  21  21  CYS CYS A . n 
A 1 19  ASP 19  22  22  ASP ASP A . n 
A 1 20  LEU 20  23  23  LEU LEU A . n 
A 1 21  THR 21  24  24  THR THR A . n 
A 1 22  LYS 22  25  25  LYS LYS A . n 
A 1 23  GLU 23  26  26  GLU GLU A . n 
A 1 24  ASN 24  27  27  ASN ASN A . n 
A 1 25  ALA 25  28  28  ALA ALA A . n 
A 1 26  LEU 26  29  29  LEU LEU A . n 
A 1 27  SER 27  30  30  SER SER A . n 
A 1 28  GLN 28  31  31  GLN GLN A . n 
A 1 29  ILE 29  32  32  ILE ILE A . n 
A 1 30  THR 30  33  33  THR THR A . n 
A 1 31  ASN 31  34  34  ASN ASN A . n 
A 1 32  LEU 32  35  35  LEU LEU A . n 
A 1 33  GLN 33  36  36  GLN GLN A . n 
A 1 34  THR 34  37  37  THR THR A . n 
A 1 35  PRO 35  38  38  PRO PRO A . n 
A 1 36  THR 36  39  39  THR THR A . n 
A 1 37  ASN 37  40  40  ASN ASN A . n 
A 1 38  LYS 38  41  41  LYS LYS A . n 
A 1 39  LEU 39  42  42  LEU LEU A . n 
A 1 40  PHE 40  43  43  PHE PHE A . n 
A 1 41  ILE 41  44  44  ILE ILE A . n 
A 1 42  LYS 42  45  45  LYS LYS A . n 
A 1 43  ILE 43  46  46  ILE ILE A . n 
A 1 44  CYS 44  47  47  CYS CYS A . n 
A 1 45  ARG 45  48  48  ARG ARG A . n 
A 1 46  GLU 46  49  49  GLU GLU A . n 
A 1 47  LEU 47  50  50  LEU LEU A . n 
A 1 48  HIS 48  51  51  HIS HIS A . n 
A 1 49  GLU 49  52  52  GLU GLU A . n 
A 1 50  ASN 50  53  53  ASN ASN A . n 
A 1 51  GLY 51  54  54  GLY GLY A . n 
A 1 52  GLU 52  55  55  GLU GLU A . n 
A 1 53  PRO 53  56  56  PRO PRO A . n 
A 1 54  HIS 54  57  57  HIS HIS A . n 
A 1 55  LEU 55  58  58  LEU LEU A . n 
A 1 56  HIS 56  59  59  HIS HIS A . n 
A 1 57  ILE 57  60  60  ILE ILE A . n 
A 1 58  LEU 58  61  61  LEU LEU A . n 
A 1 59  ILE 59  62  62  ILE ILE A . n 
A 1 60  GLN 60  63  63  GLN GLN A . n 
A 1 61  PHE 61  64  64  PHE PHE A . n 
A 1 62  GLU 62  65  65  GLU GLU A . n 
A 1 63  GLY 63  66  66  GLY GLY A . n 
A 1 64  LYS 64  67  67  LYS LYS A . n 
A 1 65  TYR 65  68  68  TYR TYR A . n 
A 1 66  ASN 66  69  69  ASN ASN A . n 
A 1 67  CYS 67  70  70  CYS CYS A . n 
A 1 68  THR 68  71  71  THR THR A . n 
A 1 69  ASN 69  72  72  ASN ASN A . n 
A 1 70  GLN 70  73  73  GLN GLN A . n 
A 1 71  ARG 71  74  74  ARG ARG A . n 
A 1 72  PHE 72  75  75  PHE PHE A . n 
A 1 73  PHE 73  76  76  PHE PHE A . n 
A 1 74  ASP 74  77  77  ASP ASP A . n 
A 1 75  LEU 75  78  78  LEU LEU A . n 
A 1 76  VAL 76  79  79  VAL VAL A . n 
A 1 77  SER 77  80  80  SER SER A . n 
A 1 78  PRO 78  81  81  PRO PRO A . n 
A 1 79  THR 79  82  82  THR THR A . n 
A 1 80  ARG 80  83  83  ARG ARG A . n 
A 1 81  SER 81  84  84  SER SER A . n 
A 1 82  ALA 82  85  85  ALA ALA A . n 
A 1 83  HIS 83  86  86  HIS HIS A . n 
A 1 84  PHE 84  87  87  PHE PHE A . n 
A 1 85  HIS 85  88  88  HIS HIS A . n 
A 1 86  PRO 86  89  89  PRO PRO A . n 
A 1 87  ASN 87  90  90  ASN ASN A . n 
A 1 88  ILE 88  91  91  ILE ILE A . n 
A 1 89  GLN 89  92  92  GLN GLN A . n 
A 1 90  GLY 90  93  93  GLY GLY A . n 
A 1 91  ALA 91  94  94  ALA ALA A . n 
A 1 92  LYS 92  95  95  LYS LYS A . n 
A 1 93  SER 93  96  96  SER SER A . n 
A 1 94  SER 94  97  97  SER SER A . n 
A 1 95  SER 95  98  98  SER SER A . n 
A 1 96  ASP 96  99  99  ASP ASP A . n 
A 1 97  VAL 97  100 100 VAL VAL A . n 
A 1 98  LYS 98  101 101 LYS LYS A . n 
A 1 99  SER 99  102 102 SER SER A . n 
A 1 100 TYR 100 103 103 TYR TYR A . n 
A 1 101 ILE 101 104 104 ILE ILE A . n 
A 1 102 ASP 102 105 105 ASP ASP A . n 
A 1 103 LYS 103 106 106 LYS LYS A . n 
A 1 104 ASP 104 107 107 ASP ASP A . n 
A 1 105 GLY 105 108 108 GLY GLY A . n 
A 1 106 ASP 106 109 109 ASP ASP A . n 
A 1 107 VAL 107 110 110 VAL VAL A . n 
A 1 108 LEU 108 111 111 LEU LEU A . n 
A 1 109 GLU 109 112 112 GLU GLU A . n 
A 1 110 TRP 110 113 113 TRP TRP A . n 
A 1 111 GLY 111 114 114 GLY GLY A . n 
A 1 112 THR 112 115 115 THR THR A . n 
A 1 113 PHE 113 116 116 PHE PHE A . n 
A 1 114 GLN 114 117 117 GLN GLN A . n 
A 1 115 ILE 115 118 118 ILE ILE A . n 
A 1 116 ASP 116 119 119 ASP ASP A . n 
A 1 117 GLY 117 120 120 GLY GLY A . n 
A 1 118 ARG 118 121 121 ARG ARG A . n 
# 
_exptl.entry_id          1L2M 
_exptl.method            'SOLUTION NMR' 
_exptl.crystals_number   ? 
# 
_exptl_crystal.id                    1 
_exptl_crystal.density_meas          ? 
_exptl_crystal.density_Matthews      ? 
_exptl_crystal.density_percent_sol   ? 
_exptl_crystal.description           ? 
# 
_diffrn.id                     1 
_diffrn.ambient_temp           ? 
_diffrn.ambient_temp_details   ? 
_diffrn.crystal_id             1 
# 
_diffrn_radiation.diffrn_id                        1 
_diffrn_radiation.wavelength_id                    1 
_diffrn_radiation.pdbx_monochromatic_or_laue_m_l   M 
_diffrn_radiation.monochromator                    ? 
_diffrn_radiation.pdbx_diffrn_protocol             'SINGLE WAVELENGTH' 
_diffrn_radiation.pdbx_scattering_type             ? 
# 
_diffrn_radiation_wavelength.id           1 
_diffrn_radiation_wavelength.wavelength   . 
_diffrn_radiation_wavelength.wt           1.0 
# 
_struct.entry_id                  1L2M 
_struct.title                     
;Minimized Average Structure of the N-terminal, DNA-binding domain of the replication initiation protein from a geminivirus (Tomato yellow leaf curl virus-Sardinia)
;
_struct.pdbx_model_details        ? 
_struct.pdbx_CASP_flag            ? 
_struct.pdbx_model_type_details   'minimized average' 
# 
_struct_keywords.entry_id        1L2M 
_struct_keywords.pdbx_keywords   'VIRAL PROTEIN' 
_struct_keywords.text            'a+b fold, RBD-like fold, Viral protein' 
# 
_struct_asym.id                            A 
_struct_asym.pdbx_blank_PDB_chainid_flag   N 
_struct_asym.pdbx_modified                 N 
_struct_asym.entity_id                     1 
_struct_asym.details                       ? 
# 
_struct_ref.id                         1 
_struct_ref.db_name                    UNP 
_struct_ref.db_code                    VAL1_TYLCS 
_struct_ref.entity_id                  1 
_struct_ref.pdbx_seq_one_letter_code   
;SGRFSIKAKNYFLTYPKCDLTKENALSQITNLQTPTNKLFIKICRELHENGEPHLHILIQFEGKYNCTNQRFFDLVSPTR
SAHFHPNIQGAKSSSDVKSYIDKDGDVLEWGTFQIDGR
;
_struct_ref.pdbx_align_begin           4 
_struct_ref.pdbx_db_accession          P27260 
_struct_ref.pdbx_db_isoform            ? 
# 
_struct_ref_seq.align_id                      1 
_struct_ref_seq.ref_id                        1 
_struct_ref_seq.pdbx_PDB_id_code              1L2M 
_struct_ref_seq.pdbx_strand_id                A 
_struct_ref_seq.seq_align_beg                 1 
_struct_ref_seq.pdbx_seq_align_beg_ins_code   ? 
_struct_ref_seq.seq_align_end                 118 
_struct_ref_seq.pdbx_seq_align_end_ins_code   ? 
_struct_ref_seq.pdbx_db_accession             P27260 
_struct_ref_seq.db_align_beg                  4 
_struct_ref_seq.pdbx_db_align_beg_ins_code    ? 
_struct_ref_seq.db_align_end                  121 
_struct_ref_seq.pdbx_db_align_end_ins_code    ? 
_struct_ref_seq.pdbx_auth_seq_align_beg       4 
_struct_ref_seq.pdbx_auth_seq_align_end       121 
# 
_pdbx_struct_assembly.id                   1 
_pdbx_struct_assembly.details              author_defined_assembly 
_pdbx_struct_assembly.method_details       ? 
_pdbx_struct_assembly.oligomeric_details   monomeric 
_pdbx_struct_assembly.oligomeric_count     1 
# 
_pdbx_struct_assembly_gen.assembly_id       1 
_pdbx_struct_assembly_gen.oper_expression   1 
_pdbx_struct_assembly_gen.asym_id_list      A 
# 
_pdbx_struct_oper_list.id                   1 
_pdbx_struct_oper_list.type                 'identity operation' 
_pdbx_struct_oper_list.name                 1_555 
_pdbx_struct_oper_list.symmetry_operation   x,y,z 
_pdbx_struct_oper_list.matrix[1][1]         1.0000000000 
_pdbx_struct_oper_list.matrix[1][2]         0.0000000000 
_pdbx_struct_oper_list.matrix[1][3]         0.0000000000 
_pdbx_struct_oper_list.vector[1]            0.0000000000 
_pdbx_struct_oper_list.matrix[2][1]         0.0000000000 
_pdbx_struct_oper_list.matrix[2][2]         1.0000000000 
_pdbx_struct_oper_list.matrix[2][3]         0.0000000000 
_pdbx_struct_oper_list.vector[2]            0.0000000000 
_pdbx_struct_oper_list.matrix[3][1]         0.0000000000 
_pdbx_struct_oper_list.matrix[3][2]         0.0000000000 
_pdbx_struct_oper_list.matrix[3][3]         1.0000000000 
_pdbx_struct_oper_list.vector[3]            0.0000000000 
# 
_struct_biol.id   1 
# 
loop_
_struct_conf.conf_type_id 
_struct_conf.id 
_struct_conf.pdbx_PDB_helix_id 
_struct_conf.beg_label_comp_id 
_struct_conf.beg_label_asym_id 
_struct_conf.beg_label_seq_id 
_struct_conf.pdbx_beg_PDB_ins_code 
_struct_conf.end_label_comp_id 
_struct_conf.end_label_asym_id 
_struct_conf.end_label_seq_id 
_struct_conf.pdbx_end_PDB_ins_code 
_struct_conf.beg_auth_comp_id 
_struct_conf.beg_auth_asym_id 
_struct_conf.beg_auth_seq_id 
_struct_conf.end_auth_comp_id 
_struct_conf.end_auth_asym_id 
_struct_conf.end_auth_seq_id 
_struct_conf.pdbx_PDB_helix_class 
_struct_conf.details 
_struct_conf.pdbx_PDB_helix_length 
HELX_P HELX_P1 1 THR A 21 ? LEU A 32  ? THR A 24 LEU A 35  1 ? 12 
HELX_P HELX_P2 2 SER A 95 ? LYS A 103 ? SER A 98 LYS A 106 1 ? 9  
# 
_struct_conf_type.id          HELX_P 
_struct_conf_type.criteria    ? 
_struct_conf_type.reference   ? 
# 
loop_
_struct_sheet.id 
_struct_sheet.type 
_struct_sheet.number_strands 
_struct_sheet.details 
A ? 5 ? 
B ? 2 ? 
# 
loop_
_struct_sheet_order.sheet_id 
_struct_sheet_order.range_id_1 
_struct_sheet_order.range_id_2 
_struct_sheet_order.offset 
_struct_sheet_order.sense 
A 1 2 ? anti-parallel 
A 2 3 ? anti-parallel 
A 3 4 ? anti-parallel 
A 4 5 ? anti-parallel 
B 1 2 ? anti-parallel 
# 
loop_
_struct_sheet_range.sheet_id 
_struct_sheet_range.id 
_struct_sheet_range.beg_label_comp_id 
_struct_sheet_range.beg_label_asym_id 
_struct_sheet_range.beg_label_seq_id 
_struct_sheet_range.pdbx_beg_PDB_ins_code 
_struct_sheet_range.end_label_comp_id 
_struct_sheet_range.end_label_asym_id 
_struct_sheet_range.end_label_seq_id 
_struct_sheet_range.pdbx_end_PDB_ins_code 
_struct_sheet_range.beg_auth_comp_id 
_struct_sheet_range.beg_auth_asym_id 
_struct_sheet_range.beg_auth_seq_id 
_struct_sheet_range.end_auth_comp_id 
_struct_sheet_range.end_auth_asym_id 
_struct_sheet_range.end_auth_seq_id 
A 1 ASN A 87  ? ALA A 91  ? ASN A 90  ALA A 94  
A 2 LYS A 7   ? TYR A 15  ? LYS A 10  TYR A 18  
A 3 PRO A 53  ? ASN A 66  ? PRO A 56  ASN A 69  
A 4 LYS A 38  ? LEU A 47  ? LYS A 41  LEU A 50  
A 5 LEU A 108 ? TRP A 110 ? LEU A 111 TRP A 113 
B 1 LEU A 75  ? VAL A 76  ? LEU A 78  VAL A 79  
B 2 HIS A 83  ? PHE A 84  ? HIS A 86  PHE A 87  
# 
loop_
_pdbx_struct_sheet_hbond.sheet_id 
_pdbx_struct_sheet_hbond.range_id_1 
_pdbx_struct_sheet_hbond.range_id_2 
_pdbx_struct_sheet_hbond.range_1_label_atom_id 
_pdbx_struct_sheet_hbond.range_1_label_comp_id 
_pdbx_struct_sheet_hbond.range_1_label_asym_id 
_pdbx_struct_sheet_hbond.range_1_label_seq_id 
_pdbx_struct_sheet_hbond.range_1_PDB_ins_code 
_pdbx_struct_sheet_hbond.range_1_auth_atom_id 
_pdbx_struct_sheet_hbond.range_1_auth_comp_id 
_pdbx_struct_sheet_hbond.range_1_auth_asym_id 
_pdbx_struct_sheet_hbond.range_1_auth_seq_id 
_pdbx_struct_sheet_hbond.range_2_label_atom_id 
_pdbx_struct_sheet_hbond.range_2_label_comp_id 
_pdbx_struct_sheet_hbond.range_2_label_asym_id 
_pdbx_struct_sheet_hbond.range_2_label_seq_id 
_pdbx_struct_sheet_hbond.range_2_PDB_ins_code 
_pdbx_struct_sheet_hbond.range_2_auth_atom_id 
_pdbx_struct_sheet_hbond.range_2_auth_comp_id 
_pdbx_struct_sheet_hbond.range_2_auth_asym_id 
_pdbx_struct_sheet_hbond.range_2_auth_seq_id 
A 1 2 O GLN A 89 ? O GLN A 92 N PHE A 12  ? N PHE A 15  
A 2 3 N TYR A 11 ? N TYR A 14 O ILE A 59  ? O ILE A 62  
A 3 4 O LEU A 58 ? O LEU A 61 N LYS A 42  ? N LYS A 45  
A 4 5 N ILE A 41 ? N ILE A 44 O TRP A 110 ? O TRP A 113 
B 1 2 N LEU A 75 ? N LEU A 78 O PHE A 84  ? O PHE A 87  
# 
loop_
_pdbx_validate_torsion.id 
_pdbx_validate_torsion.PDB_model_num 
_pdbx_validate_torsion.auth_comp_id 
_pdbx_validate_torsion.auth_asym_id 
_pdbx_validate_torsion.auth_seq_id 
_pdbx_validate_torsion.PDB_ins_code 
_pdbx_validate_torsion.label_alt_id 
_pdbx_validate_torsion.phi 
_pdbx_validate_torsion.psi 
1 1 LYS A 20 ? ? 39.04   42.95   
2 1 THR A 39 ? ? -115.80 -108.66 
3 1 ASN A 40 ? ? -171.53 137.67  
4 1 LEU A 42 ? ? -103.21 -84.54  
5 1 CYS A 70 ? ? -108.46 69.48   
6 1 THR A 71 ? ? -96.02  31.95   
7 1 GLN A 73 ? ? -87.87  38.66   
8 1 LYS A 95 ? ? -61.88  -143.90 
9 1 SER A 97 ? ? 156.81  142.51  
# 
_pdbx_nmr_ensemble.entry_id                             1L2M 
_pdbx_nmr_ensemble.conformers_calculated_total_number   ? 
_pdbx_nmr_ensemble.conformers_submitted_total_number    1 
_pdbx_nmr_ensemble.conformer_selection_criteria         ? 
# 
_pdbx_nmr_representative.entry_id             1L2M 
_pdbx_nmr_representative.conformer_id         ? 
_pdbx_nmr_representative.selection_criteria   'minimized average structure' 
# 
loop_
_pdbx_nmr_sample_details.solution_id 
_pdbx_nmr_sample_details.contents 
_pdbx_nmr_sample_details.solvent_system 
1 
;0.8-1.0mM [10%-13C;U-99% 15N] rep4-121,  
sodium phosphate    20mM, 
NaCl               100mM,  
DTT                  1mM
;
8%D2O,92%H2O 
2 
;0.8-1.0mM [U-13C;U-99% 15N] rep4-121,  
sodium phosphate    20mM, 
NaCl               100mM,  
DTT                  1mM
;
8%D2O,92%H2O 
3 
;0.8-1.0mM [10%-13C;U-99% 15N] rep4-121,  
sodium phosphate    20mM, 
NaCl               100mM,  
DTT                  1mM
;
'100% D2O'   
4 
;0.8-1.0mM [U-13C;U-99% 15N] rep4-121,  
sodium phosphate    20mM, 
NaCl               100mM,  
DTT                  1mM
;
'100% D2O'   
# 
_pdbx_nmr_exptl_sample_conditions.conditions_id       1 
_pdbx_nmr_exptl_sample_conditions.temperature         298 
_pdbx_nmr_exptl_sample_conditions.pressure            ambient 
_pdbx_nmr_exptl_sample_conditions.pH                  6.6 
_pdbx_nmr_exptl_sample_conditions.ionic_strength      0.3M 
_pdbx_nmr_exptl_sample_conditions.pressure_units      ? 
_pdbx_nmr_exptl_sample_conditions.temperature_units   K 
# 
loop_
_pdbx_nmr_exptl.experiment_id 
_pdbx_nmr_exptl.solution_id 
_pdbx_nmr_exptl.conditions_id 
_pdbx_nmr_exptl.type 
1 1 1 '2D NOESY'                 
2 3 1 '2D NOESY'                 
3 1 1 3D_15N-separated_NOESY     
4 1 1 HNHA                       
5 1 1 HNHB                       
6 2 1 4D_13C/15N-separated_NOESY 
7 1 1 '2D HNCOCG arom'           
8 1 1 '2D HNCO arom'             
9 1 1 '4D 13C,13C NOESY'         
# 
_pdbx_nmr_details.entry_id   1L2M 
_pdbx_nmr_details.text       
;This entry contains the minimized average structure of 
the 30-conformer ensemble deposited under code 1L5I.  The
single model included in this entry is a good representation of the
30-conformer ensemble.
;
# 
_pdbx_nmr_refine.entry_id           1L2M 
_pdbx_nmr_refine.method             'torsion angle simulated anhealing' 
_pdbx_nmr_refine.details            ? 
_pdbx_nmr_refine.software_ordinal   1 
# 
loop_
_pdbx_nmr_software.name 
_pdbx_nmr_software.version 
_pdbx_nmr_software.classification 
_pdbx_nmr_software.authors 
_pdbx_nmr_software.ordinal 
NMRPipe ?     processing           ? 1 
NMRView 4.1.1 'data analysis'      ? 2 
TALOS   ?     'data analysis'      ? 3 
DYANA   ?     'structure solution' ? 4 
DYANA   ?     refinement           ? 5 
# 
loop_
_chem_comp_atom.comp_id 
_chem_comp_atom.atom_id 
_chem_comp_atom.type_symbol 
_chem_comp_atom.pdbx_aromatic_flag 
_chem_comp_atom.pdbx_stereo_config 
_chem_comp_atom.pdbx_ordinal 
ALA N    N N N 1   
ALA CA   C N S 2   
ALA C    C N N 3   
ALA O    O N N 4   
ALA CB   C N N 5   
ALA OXT  O N N 6   
ALA H    H N N 7   
ALA H2   H N N 8   
ALA HA   H N N 9   
ALA HB1  H N N 10  
ALA HB2  H N N 11  
ALA HB3  H N N 12  
ALA HXT  H N N 13  
ARG N    N N N 14  
ARG CA   C N S 15  
ARG C    C N N 16  
ARG O    O N N 17  
ARG CB   C N N 18  
ARG CG   C N N 19  
ARG CD   C N N 20  
ARG NE   N N N 21  
ARG CZ   C N N 22  
ARG NH1  N N N 23  
ARG NH2  N N N 24  
ARG OXT  O N N 25  
ARG H    H N N 26  
ARG H2   H N N 27  
ARG HA   H N N 28  
ARG HB2  H N N 29  
ARG HB3  H N N 30  
ARG HG2  H N N 31  
ARG HG3  H N N 32  
ARG HD2  H N N 33  
ARG HD3  H N N 34  
ARG HE   H N N 35  
ARG HH11 H N N 36  
ARG HH12 H N N 37  
ARG HH21 H N N 38  
ARG HH22 H N N 39  
ARG HXT  H N N 40  
ASN N    N N N 41  
ASN CA   C N S 42  
ASN C    C N N 43  
ASN O    O N N 44  
ASN CB   C N N 45  
ASN CG   C N N 46  
ASN OD1  O N N 47  
ASN ND2  N N N 48  
ASN OXT  O N N 49  
ASN H    H N N 50  
ASN H2   H N N 51  
ASN HA   H N N 52  
ASN HB2  H N N 53  
ASN HB3  H N N 54  
ASN HD21 H N N 55  
ASN HD22 H N N 56  
ASN HXT  H N N 57  
ASP N    N N N 58  
ASP CA   C N S 59  
ASP C    C N N 60  
ASP O    O N N 61  
ASP CB   C N N 62  
ASP CG   C N N 63  
ASP OD1  O N N 64  
ASP OD2  O N N 65  
ASP OXT  O N N 66  
ASP H    H N N 67  
ASP H2   H N N 68  
ASP HA   H N N 69  
ASP HB2  H N N 70  
ASP HB3  H N N 71  
ASP HD2  H N N 72  
ASP HXT  H N N 73  
CYS N    N N N 74  
CYS CA   C N R 75  
CYS C    C N N 76  
CYS O    O N N 77  
CYS CB   C N N 78  
CYS SG   S N N 79  
CYS OXT  O N N 80  
CYS H    H N N 81  
CYS H2   H N N 82  
CYS HA   H N N 83  
CYS HB2  H N N 84  
CYS HB3  H N N 85  
CYS HG   H N N 86  
CYS HXT  H N N 87  
GLN N    N N N 88  
GLN CA   C N S 89  
GLN C    C N N 90  
GLN O    O N N 91  
GLN CB   C N N 92  
GLN CG   C N N 93  
GLN CD   C N N 94  
GLN OE1  O N N 95  
GLN NE2  N N N 96  
GLN OXT  O N N 97  
GLN H    H N N 98  
GLN H2   H N N 99  
GLN HA   H N N 100 
GLN HB2  H N N 101 
GLN HB3  H N N 102 
GLN HG2  H N N 103 
GLN HG3  H N N 104 
GLN HE21 H N N 105 
GLN HE22 H N N 106 
GLN HXT  H N N 107 
GLU N    N N N 108 
GLU CA   C N S 109 
GLU C    C N N 110 
GLU O    O N N 111 
GLU CB   C N N 112 
GLU CG   C N N 113 
GLU CD   C N N 114 
GLU OE1  O N N 115 
GLU OE2  O N N 116 
GLU OXT  O N N 117 
GLU H    H N N 118 
GLU H2   H N N 119 
GLU HA   H N N 120 
GLU HB2  H N N 121 
GLU HB3  H N N 122 
GLU HG2  H N N 123 
GLU HG3  H N N 124 
GLU HE2  H N N 125 
GLU HXT  H N N 126 
GLY N    N N N 127 
GLY CA   C N N 128 
GLY C    C N N 129 
GLY O    O N N 130 
GLY OXT  O N N 131 
GLY H    H N N 132 
GLY H2   H N N 133 
GLY HA2  H N N 134 
GLY HA3  H N N 135 
GLY HXT  H N N 136 
HIS N    N N N 137 
HIS CA   C N S 138 
HIS C    C N N 139 
HIS O    O N N 140 
HIS CB   C N N 141 
HIS CG   C Y N 142 
HIS ND1  N Y N 143 
HIS CD2  C Y N 144 
HIS CE1  C Y N 145 
HIS NE2  N Y N 146 
HIS OXT  O N N 147 
HIS H    H N N 148 
HIS H2   H N N 149 
HIS HA   H N N 150 
HIS HB2  H N N 151 
HIS HB3  H N N 152 
HIS HD1  H N N 153 
HIS HD2  H N N 154 
HIS HE1  H N N 155 
HIS HE2  H N N 156 
HIS HXT  H N N 157 
ILE N    N N N 158 
ILE CA   C N S 159 
ILE C    C N N 160 
ILE O    O N N 161 
ILE CB   C N S 162 
ILE CG1  C N N 163 
ILE CG2  C N N 164 
ILE CD1  C N N 165 
ILE OXT  O N N 166 
ILE H    H N N 167 
ILE H2   H N N 168 
ILE HA   H N N 169 
ILE HB   H N N 170 
ILE HG12 H N N 171 
ILE HG13 H N N 172 
ILE HG21 H N N 173 
ILE HG22 H N N 174 
ILE HG23 H N N 175 
ILE HD11 H N N 176 
ILE HD12 H N N 177 
ILE HD13 H N N 178 
ILE HXT  H N N 179 
LEU N    N N N 180 
LEU CA   C N S 181 
LEU C    C N N 182 
LEU O    O N N 183 
LEU CB   C N N 184 
LEU CG   C N N 185 
LEU CD1  C N N 186 
LEU CD2  C N N 187 
LEU OXT  O N N 188 
LEU H    H N N 189 
LEU H2   H N N 190 
LEU HA   H N N 191 
LEU HB2  H N N 192 
LEU HB3  H N N 193 
LEU HG   H N N 194 
LEU HD11 H N N 195 
LEU HD12 H N N 196 
LEU HD13 H N N 197 
LEU HD21 H N N 198 
LEU HD22 H N N 199 
LEU HD23 H N N 200 
LEU HXT  H N N 201 
LYS N    N N N 202 
LYS CA   C N S 203 
LYS C    C N N 204 
LYS O    O N N 205 
LYS CB   C N N 206 
LYS CG   C N N 207 
LYS CD   C N N 208 
LYS CE   C N N 209 
LYS NZ   N N N 210 
LYS OXT  O N N 211 
LYS H    H N N 212 
LYS H2   H N N 213 
LYS HA   H N N 214 
LYS HB2  H N N 215 
LYS HB3  H N N 216 
LYS HG2  H N N 217 
LYS HG3  H N N 218 
LYS HD2  H N N 219 
LYS HD3  H N N 220 
LYS HE2  H N N 221 
LYS HE3  H N N 222 
LYS HZ1  H N N 223 
LYS HZ2  H N N 224 
LYS HZ3  H N N 225 
LYS HXT  H N N 226 
PHE N    N N N 227 
PHE CA   C N S 228 
PHE C    C N N 229 
PHE O    O N N 230 
PHE CB   C N N 231 
PHE CG   C Y N 232 
PHE CD1  C Y N 233 
PHE CD2  C Y N 234 
PHE CE1  C Y N 235 
PHE CE2  C Y N 236 
PHE CZ   C Y N 237 
PHE OXT  O N N 238 
PHE H    H N N 239 
PHE H2   H N N 240 
PHE HA   H N N 241 
PHE HB2  H N N 242 
PHE HB3  H N N 243 
PHE HD1  H N N 244 
PHE HD2  H N N 245 
PHE HE1  H N N 246 
PHE HE2  H N N 247 
PHE HZ   H N N 248 
PHE HXT  H N N 249 
PRO N    N N N 250 
PRO CA   C N S 251 
PRO C    C N N 252 
PRO O    O N N 253 
PRO CB   C N N 254 
PRO CG   C N N 255 
PRO CD   C N N 256 
PRO OXT  O N N 257 
PRO H    H N N 258 
PRO HA   H N N 259 
PRO HB2  H N N 260 
PRO HB3  H N N 261 
PRO HG2  H N N 262 
PRO HG3  H N N 263 
PRO HD2  H N N 264 
PRO HD3  H N N 265 
PRO HXT  H N N 266 
SER N    N N N 267 
SER CA   C N S 268 
SER C    C N N 269 
SER O    O N N 270 
SER CB   C N N 271 
SER OG   O N N 272 
SER OXT  O N N 273 
SER H    H N N 274 
SER H2   H N N 275 
SER HA   H N N 276 
SER HB2  H N N 277 
SER HB3  H N N 278 
SER HG   H N N 279 
SER HXT  H N N 280 
THR N    N N N 281 
THR CA   C N S 282 
THR C    C N N 283 
THR O    O N N 284 
THR CB   C N R 285 
THR OG1  O N N 286 
THR CG2  C N N 287 
THR OXT  O N N 288 
THR H    H N N 289 
THR H2   H N N 290 
THR HA   H N N 291 
THR HB   H N N 292 
THR HG1  H N N 293 
THR HG21 H N N 294 
THR HG22 H N N 295 
THR HG23 H N N 296 
THR HXT  H N N 297 
TRP N    N N N 298 
TRP CA   C N S 299 
TRP C    C N N 300 
TRP O    O N N 301 
TRP CB   C N N 302 
TRP CG   C Y N 303 
TRP CD1  C Y N 304 
TRP CD2  C Y N 305 
TRP NE1  N Y N 306 
TRP CE2  C Y N 307 
TRP CE3  C Y N 308 
TRP CZ2  C Y N 309 
TRP CZ3  C Y N 310 
TRP CH2  C Y N 311 
TRP OXT  O N N 312 
TRP H    H N N 313 
TRP H2   H N N 314 
TRP HA   H N N 315 
TRP HB2  H N N 316 
TRP HB3  H N N 317 
TRP HD1  H N N 318 
TRP HE1  H N N 319 
TRP HE3  H N N 320 
TRP HZ2  H N N 321 
TRP HZ3  H N N 322 
TRP HH2  H N N 323 
TRP HXT  H N N 324 
TYR N    N N N 325 
TYR CA   C N S 326 
TYR C    C N N 327 
TYR O    O N N 328 
TYR CB   C N N 329 
TYR CG   C Y N 330 
TYR CD1  C Y N 331 
TYR CD2  C Y N 332 
TYR CE1  C Y N 333 
TYR CE2  C Y N 334 
TYR CZ   C Y N 335 
TYR OH   O N N 336 
TYR OXT  O N N 337 
TYR H    H N N 338 
TYR H2   H N N 339 
TYR HA   H N N 340 
TYR HB2  H N N 341 
TYR HB3  H N N 342 
TYR HD1  H N N 343 
TYR HD2  H N N 344 
TYR HE1  H N N 345 
TYR HE2  H N N 346 
TYR HH   H N N 347 
TYR HXT  H N N 348 
VAL N    N N N 349 
VAL CA   C N S 350 
VAL C    C N N 351 
VAL O    O N N 352 
VAL CB   C N N 353 
VAL CG1  C N N 354 
VAL CG2  C N N 355 
VAL OXT  O N N 356 
VAL H    H N N 357 
VAL H2   H N N 358 
VAL HA   H N N 359 
VAL HB   H N N 360 
VAL HG11 H N N 361 
VAL HG12 H N N 362 
VAL HG13 H N N 363 
VAL HG21 H N N 364 
VAL HG22 H N N 365 
VAL HG23 H N N 366 
VAL HXT  H N N 367 
# 
loop_
_chem_comp_bond.comp_id 
_chem_comp_bond.atom_id_1 
_chem_comp_bond.atom_id_2 
_chem_comp_bond.value_order 
_chem_comp_bond.pdbx_aromatic_flag 
_chem_comp_bond.pdbx_stereo_config 
_chem_comp_bond.pdbx_ordinal 
ALA N   CA   sing N N 1   
ALA N   H    sing N N 2   
ALA N   H2   sing N N 3   
ALA CA  C    sing N N 4   
ALA CA  CB   sing N N 5   
ALA CA  HA   sing N N 6   
ALA C   O    doub N N 7   
ALA C   OXT  sing N N 8   
ALA CB  HB1  sing N N 9   
ALA CB  HB2  sing N N 10  
ALA CB  HB3  sing N N 11  
ALA OXT HXT  sing N N 12  
ARG N   CA   sing N N 13  
ARG N   H    sing N N 14  
ARG N   H2   sing N N 15  
ARG CA  C    sing N N 16  
ARG CA  CB   sing N N 17  
ARG CA  HA   sing N N 18  
ARG C   O    doub N N 19  
ARG C   OXT  sing N N 20  
ARG CB  CG   sing N N 21  
ARG CB  HB2  sing N N 22  
ARG CB  HB3  sing N N 23  
ARG CG  CD   sing N N 24  
ARG CG  HG2  sing N N 25  
ARG CG  HG3  sing N N 26  
ARG CD  NE   sing N N 27  
ARG CD  HD2  sing N N 28  
ARG CD  HD3  sing N N 29  
ARG NE  CZ   sing N N 30  
ARG NE  HE   sing N N 31  
ARG CZ  NH1  sing N N 32  
ARG CZ  NH2  doub N N 33  
ARG NH1 HH11 sing N N 34  
ARG NH1 HH12 sing N N 35  
ARG NH2 HH21 sing N N 36  
ARG NH2 HH22 sing N N 37  
ARG OXT HXT  sing N N 38  
ASN N   CA   sing N N 39  
ASN N   H    sing N N 40  
ASN N   H2   sing N N 41  
ASN CA  C    sing N N 42  
ASN CA  CB   sing N N 43  
ASN CA  HA   sing N N 44  
ASN C   O    doub N N 45  
ASN C   OXT  sing N N 46  
ASN CB  CG   sing N N 47  
ASN CB  HB2  sing N N 48  
ASN CB  HB3  sing N N 49  
ASN CG  OD1  doub N N 50  
ASN CG  ND2  sing N N 51  
ASN ND2 HD21 sing N N 52  
ASN ND2 HD22 sing N N 53  
ASN OXT HXT  sing N N 54  
ASP N   CA   sing N N 55  
ASP N   H    sing N N 56  
ASP N   H2   sing N N 57  
ASP CA  C    sing N N 58  
ASP CA  CB   sing N N 59  
ASP CA  HA   sing N N 60  
ASP C   O    doub N N 61  
ASP C   OXT  sing N N 62  
ASP CB  CG   sing N N 63  
ASP CB  HB2  sing N N 64  
ASP CB  HB3  sing N N 65  
ASP CG  OD1  doub N N 66  
ASP CG  OD2  sing N N 67  
ASP OD2 HD2  sing N N 68  
ASP OXT HXT  sing N N 69  
CYS N   CA   sing N N 70  
CYS N   H    sing N N 71  
CYS N   H2   sing N N 72  
CYS CA  C    sing N N 73  
CYS CA  CB   sing N N 74  
CYS CA  HA   sing N N 75  
CYS C   O    doub N N 76  
CYS C   OXT  sing N N 77  
CYS CB  SG   sing N N 78  
CYS CB  HB2  sing N N 79  
CYS CB  HB3  sing N N 80  
CYS SG  HG   sing N N 81  
CYS OXT HXT  sing N N 82  
GLN N   CA   sing N N 83  
GLN N   H    sing N N 84  
GLN N   H2   sing N N 85  
GLN CA  C    sing N N 86  
GLN CA  CB   sing N N 87  
GLN CA  HA   sing N N 88  
GLN C   O    doub N N 89  
GLN C   OXT  sing N N 90  
GLN CB  CG   sing N N 91  
GLN CB  HB2  sing N N 92  
GLN CB  HB3  sing N N 93  
GLN CG  CD   sing N N 94  
GLN CG  HG2  sing N N 95  
GLN CG  HG3  sing N N 96  
GLN CD  OE1  doub N N 97  
GLN CD  NE2  sing N N 98  
GLN NE2 HE21 sing N N 99  
GLN NE2 HE22 sing N N 100 
GLN OXT HXT  sing N N 101 
GLU N   CA   sing N N 102 
GLU N   H    sing N N 103 
GLU N   H2   sing N N 104 
GLU CA  C    sing N N 105 
GLU CA  CB   sing N N 106 
GLU CA  HA   sing N N 107 
GLU C   O    doub N N 108 
GLU C   OXT  sing N N 109 
GLU CB  CG   sing N N 110 
GLU CB  HB2  sing N N 111 
GLU CB  HB3  sing N N 112 
GLU CG  CD   sing N N 113 
GLU CG  HG2  sing N N 114 
GLU CG  HG3  sing N N 115 
GLU CD  OE1  doub N N 116 
GLU CD  OE2  sing N N 117 
GLU OE2 HE2  sing N N 118 
GLU OXT HXT  sing N N 119 
GLY N   CA   sing N N 120 
GLY N   H    sing N N 121 
GLY N   H2   sing N N 122 
GLY CA  C    sing N N 123 
GLY CA  HA2  sing N N 124 
GLY CA  HA3  sing N N 125 
GLY C   O    doub N N 126 
GLY C   OXT  sing N N 127 
GLY OXT HXT  sing N N 128 
HIS N   CA   sing N N 129 
HIS N   H    sing N N 130 
HIS N   H2   sing N N 131 
HIS CA  C    sing N N 132 
HIS CA  CB   sing N N 133 
HIS CA  HA   sing N N 134 
HIS C   O    doub N N 135 
HIS C   OXT  sing N N 136 
HIS CB  CG   sing N N 137 
HIS CB  HB2  sing N N 138 
HIS CB  HB3  sing N N 139 
HIS CG  ND1  sing Y N 140 
HIS CG  CD2  doub Y N 141 
HIS ND1 CE1  doub Y N 142 
HIS ND1 HD1  sing N N 143 
HIS CD2 NE2  sing Y N 144 
HIS CD2 HD2  sing N N 145 
HIS CE1 NE2  sing Y N 146 
HIS CE1 HE1  sing N N 147 
HIS NE2 HE2  sing N N 148 
HIS OXT HXT  sing N N 149 
ILE N   CA   sing N N 150 
ILE N   H    sing N N 151 
ILE N   H2   sing N N 152 
ILE CA  C    sing N N 153 
ILE CA  CB   sing N N 154 
ILE CA  HA   sing N N 155 
ILE C   O    doub N N 156 
ILE C   OXT  sing N N 157 
ILE CB  CG1  sing N N 158 
ILE CB  CG2  sing N N 159 
ILE CB  HB   sing N N 160 
ILE CG1 CD1  sing N N 161 
ILE CG1 HG12 sing N N 162 
ILE CG1 HG13 sing N N 163 
ILE CG2 HG21 sing N N 164 
ILE CG2 HG22 sing N N 165 
ILE CG2 HG23 sing N N 166 
ILE CD1 HD11 sing N N 167 
ILE CD1 HD12 sing N N 168 
ILE CD1 HD13 sing N N 169 
ILE OXT HXT  sing N N 170 
LEU N   CA   sing N N 171 
LEU N   H    sing N N 172 
LEU N   H2   sing N N 173 
LEU CA  C    sing N N 174 
LEU CA  CB   sing N N 175 
LEU CA  HA   sing N N 176 
LEU C   O    doub N N 177 
LEU C   OXT  sing N N 178 
LEU CB  CG   sing N N 179 
LEU CB  HB2  sing N N 180 
LEU CB  HB3  sing N N 181 
LEU CG  CD1  sing N N 182 
LEU CG  CD2  sing N N 183 
LEU CG  HG   sing N N 184 
LEU CD1 HD11 sing N N 185 
LEU CD1 HD12 sing N N 186 
LEU CD1 HD13 sing N N 187 
LEU CD2 HD21 sing N N 188 
LEU CD2 HD22 sing N N 189 
LEU CD2 HD23 sing N N 190 
LEU OXT HXT  sing N N 191 
LYS N   CA   sing N N 192 
LYS N   H    sing N N 193 
LYS N   H2   sing N N 194 
LYS CA  C    sing N N 195 
LYS CA  CB   sing N N 196 
LYS CA  HA   sing N N 197 
LYS C   O    doub N N 198 
LYS C   OXT  sing N N 199 
LYS CB  CG   sing N N 200 
LYS CB  HB2  sing N N 201 
LYS CB  HB3  sing N N 202 
LYS CG  CD   sing N N 203 
LYS CG  HG2  sing N N 204 
LYS CG  HG3  sing N N 205 
LYS CD  CE   sing N N 206 
LYS CD  HD2  sing N N 207 
LYS CD  HD3  sing N N 208 
LYS CE  NZ   sing N N 209 
LYS CE  HE2  sing N N 210 
LYS CE  HE3  sing N N 211 
LYS NZ  HZ1  sing N N 212 
LYS NZ  HZ2  sing N N 213 
LYS NZ  HZ3  sing N N 214 
LYS OXT HXT  sing N N 215 
PHE N   CA   sing N N 216 
PHE N   H    sing N N 217 
PHE N   H2   sing N N 218 
PHE CA  C    sing N N 219 
PHE CA  CB   sing N N 220 
PHE CA  HA   sing N N 221 
PHE C   O    doub N N 222 
PHE C   OXT  sing N N 223 
PHE CB  CG   sing N N 224 
PHE CB  HB2  sing N N 225 
PHE CB  HB3  sing N N 226 
PHE CG  CD1  doub Y N 227 
PHE CG  CD2  sing Y N 228 
PHE CD1 CE1  sing Y N 229 
PHE CD1 HD1  sing N N 230 
PHE CD2 CE2  doub Y N 231 
PHE CD2 HD2  sing N N 232 
PHE CE1 CZ   doub Y N 233 
PHE CE1 HE1  sing N N 234 
PHE CE2 CZ   sing Y N 235 
PHE CE2 HE2  sing N N 236 
PHE CZ  HZ   sing N N 237 
PHE OXT HXT  sing N N 238 
PRO N   CA   sing N N 239 
PRO N   CD   sing N N 240 
PRO N   H    sing N N 241 
PRO CA  C    sing N N 242 
PRO CA  CB   sing N N 243 
PRO CA  HA   sing N N 244 
PRO C   O    doub N N 245 
PRO C   OXT  sing N N 246 
PRO CB  CG   sing N N 247 
PRO CB  HB2  sing N N 248 
PRO CB  HB3  sing N N 249 
PRO CG  CD   sing N N 250 
PRO CG  HG2  sing N N 251 
PRO CG  HG3  sing N N 252 
PRO CD  HD2  sing N N 253 
PRO CD  HD3  sing N N 254 
PRO OXT HXT  sing N N 255 
SER N   CA   sing N N 256 
SER N   H    sing N N 257 
SER N   H2   sing N N 258 
SER CA  C    sing N N 259 
SER CA  CB   sing N N 260 
SER CA  HA   sing N N 261 
SER C   O    doub N N 262 
SER C   OXT  sing N N 263 
SER CB  OG   sing N N 264 
SER CB  HB2  sing N N 265 
SER CB  HB3  sing N N 266 
SER OG  HG   sing N N 267 
SER OXT HXT  sing N N 268 
THR N   CA   sing N N 269 
THR N   H    sing N N 270 
THR N   H2   sing N N 271 
THR CA  C    sing N N 272 
THR CA  CB   sing N N 273 
THR CA  HA   sing N N 274 
THR C   O    doub N N 275 
THR C   OXT  sing N N 276 
THR CB  OG1  sing N N 277 
THR CB  CG2  sing N N 278 
THR CB  HB   sing N N 279 
THR OG1 HG1  sing N N 280 
THR CG2 HG21 sing N N 281 
THR CG2 HG22 sing N N 282 
THR CG2 HG23 sing N N 283 
THR OXT HXT  sing N N 284 
TRP N   CA   sing N N 285 
TRP N   H    sing N N 286 
TRP N   H2   sing N N 287 
TRP CA  C    sing N N 288 
TRP CA  CB   sing N N 289 
TRP CA  HA   sing N N 290 
TRP C   O    doub N N 291 
TRP C   OXT  sing N N 292 
TRP CB  CG   sing N N 293 
TRP CB  HB2  sing N N 294 
TRP CB  HB3  sing N N 295 
TRP CG  CD1  doub Y N 296 
TRP CG  CD2  sing Y N 297 
TRP CD1 NE1  sing Y N 298 
TRP CD1 HD1  sing N N 299 
TRP CD2 CE2  doub Y N 300 
TRP CD2 CE3  sing Y N 301 
TRP NE1 CE2  sing Y N 302 
TRP NE1 HE1  sing N N 303 
TRP CE2 CZ2  sing Y N 304 
TRP CE3 CZ3  doub Y N 305 
TRP CE3 HE3  sing N N 306 
TRP CZ2 CH2  doub Y N 307 
TRP CZ2 HZ2  sing N N 308 
TRP CZ3 CH2  sing Y N 309 
TRP CZ3 HZ3  sing N N 310 
TRP CH2 HH2  sing N N 311 
TRP OXT HXT  sing N N 312 
TYR N   CA   sing N N 313 
TYR N   H    sing N N 314 
TYR N   H2   sing N N 315 
TYR CA  C    sing N N 316 
TYR CA  CB   sing N N 317 
TYR CA  HA   sing N N 318 
TYR C   O    doub N N 319 
TYR C   OXT  sing N N 320 
TYR CB  CG   sing N N 321 
TYR CB  HB2  sing N N 322 
TYR CB  HB3  sing N N 323 
TYR CG  CD1  doub Y N 324 
TYR CG  CD2  sing Y N 325 
TYR CD1 CE1  sing Y N 326 
TYR CD1 HD1  sing N N 327 
TYR CD2 CE2  doub Y N 328 
TYR CD2 HD2  sing N N 329 
TYR CE1 CZ   doub Y N 330 
TYR CE1 HE1  sing N N 331 
TYR CE2 CZ   sing Y N 332 
TYR CE2 HE2  sing N N 333 
TYR CZ  OH   sing N N 334 
TYR OH  HH   sing N N 335 
TYR OXT HXT  sing N N 336 
VAL N   CA   sing N N 337 
VAL N   H    sing N N 338 
VAL N   H2   sing N N 339 
VAL CA  C    sing N N 340 
VAL CA  CB   sing N N 341 
VAL CA  HA   sing N N 342 
VAL C   O    doub N N 343 
VAL C   OXT  sing N N 344 
VAL CB  CG1  sing N N 345 
VAL CB  CG2  sing N N 346 
VAL CB  HB   sing N N 347 
VAL CG1 HG11 sing N N 348 
VAL CG1 HG12 sing N N 349 
VAL CG1 HG13 sing N N 350 
VAL CG2 HG21 sing N N 351 
VAL CG2 HG22 sing N N 352 
VAL CG2 HG23 sing N N 353 
VAL OXT HXT  sing N N 354 
# 
loop_
_pdbx_nmr_spectrometer.spectrometer_id 
_pdbx_nmr_spectrometer.type 
_pdbx_nmr_spectrometer.manufacturer 
_pdbx_nmr_spectrometer.model 
_pdbx_nmr_spectrometer.field_strength 
1 ? Bruker DMX 500 
2 ? Bruker DMX 600 
3 ? Bruker DRX 600 
4 ? Bruker DMX 750 
5 ? Bruker DRX 800 
# 
_atom_sites.entry_id                    1L2M 
_atom_sites.fract_transf_matrix[1][1]   1.000000 
_atom_sites.fract_transf_matrix[1][2]   0.000000 
_atom_sites.fract_transf_matrix[1][3]   0.000000 
_atom_sites.fract_transf_matrix[2][1]   0.000000 
_atom_sites.fract_transf_matrix[2][2]   1.000000 
_atom_sites.fract_transf_matrix[2][3]   0.000000 
_atom_sites.fract_transf_matrix[3][1]   0.000000 
_atom_sites.fract_transf_matrix[3][2]   0.000000 
_atom_sites.fract_transf_matrix[3][3]   1.000000 
_atom_sites.fract_transf_vector[1]      0.00000 
_atom_sites.fract_transf_vector[2]      0.00000 
_atom_sites.fract_transf_vector[3]      0.00000 
# 
loop_
_atom_type.symbol 
C 
H 
N 
O 
S 
# 
loop_
_atom_site.group_PDB 
_atom_site.id 
_atom_site.type_symbol 
_atom_site.label_atom_id 
_atom_site.label_alt_id 
_atom_site.label_comp_id 
_atom_site.label_asym_id 
_atom_site.label_entity_id 
_atom_site.label_seq_id 
_atom_site.pdbx_PDB_ins_code 
_atom_site.Cartn_x 
_atom_site.Cartn_y 
_atom_site.Cartn_z 
_atom_site.occupancy 
_atom_site.B_iso_or_equiv 
_atom_site.pdbx_formal_charge 
_atom_site.auth_seq_id 
_atom_site.auth_comp_id 
_atom_site.auth_asym_id 
_atom_site.auth_atom_id 
_atom_site.pdbx_PDB_model_num 
ATOM 1    N N    . SER A 1 1   ? 22.787  0.501   15.866  1.00 0.00 ? 4   SER A N    1 
ATOM 2    C CA   . SER A 1 1   ? 23.115  -0.912  15.807  1.00 0.00 ? 4   SER A CA   1 
ATOM 3    C C    . SER A 1 1   ? 21.964  -1.690  15.165  1.00 0.00 ? 4   SER A C    1 
ATOM 4    O O    . SER A 1 1   ? 21.764  -2.868  15.461  1.00 0.00 ? 4   SER A O    1 
ATOM 5    C CB   . SER A 1 1   ? 23.418  -1.466  17.201  1.00 0.00 ? 4   SER A CB   1 
ATOM 6    O OG   . SER A 1 1   ? 24.732  -1.131  17.635  1.00 0.00 ? 4   SER A OG   1 
ATOM 7    H H1   . SER A 1 1   ? 23.491  1.082   16.274  1.00 0.00 ? 4   SER A H1   1 
ATOM 8    H HA   . SER A 1 1   ? 24.011  -0.976  15.189  1.00 0.00 ? 4   SER A HA   1 
ATOM 9    H HB2  . SER A 1 1   ? 22.690  -1.076  17.912  1.00 0.00 ? 4   SER A HB2  1 
ATOM 10   H HB3  . SER A 1 1   ? 23.304  -2.551  17.192  1.00 0.00 ? 4   SER A HB3  1 
ATOM 11   H HG   . SER A 1 1   ? 24.895  -1.499  18.550  1.00 0.00 ? 4   SER A HG   1 
ATOM 12   N N    . GLY A 1 2   ? 21.238  -1.002  14.297  1.00 0.00 ? 5   GLY A N    1 
ATOM 13   C CA   . GLY A 1 2   ? 20.114  -1.613  13.610  1.00 0.00 ? 5   GLY A CA   1 
ATOM 14   C C    . GLY A 1 2   ? 19.685  -0.775  12.404  1.00 0.00 ? 5   GLY A C    1 
ATOM 15   O O    . GLY A 1 2   ? 19.858  0.443   12.397  1.00 0.00 ? 5   GLY A O    1 
ATOM 16   H H    . GLY A 1 2   ? 21.407  -0.045  14.062  1.00 0.00 ? 5   GLY A H    1 
ATOM 17   H HA2  . GLY A 1 2   ? 20.385  -2.616  13.282  1.00 0.00 ? 5   GLY A HA2  1 
ATOM 18   H HA3  . GLY A 1 2   ? 19.275  -1.719  14.299  1.00 0.00 ? 5   GLY A HA3  1 
ATOM 19   N N    . ARG A 1 3   ? 19.134  -1.460  11.413  1.00 0.00 ? 6   ARG A N    1 
ATOM 20   C CA   . ARG A 1 3   ? 18.680  -0.793  10.204  1.00 0.00 ? 6   ARG A CA   1 
ATOM 21   C C    . ARG A 1 3   ? 17.220  -1.148  9.919   1.00 0.00 ? 6   ARG A C    1 
ATOM 22   O O    . ARG A 1 3   ? 16.777  -2.256  10.219  1.00 0.00 ? 6   ARG A O    1 
ATOM 23   C CB   . ARG A 1 3   ? 19.539  -1.189  9.002   1.00 0.00 ? 6   ARG A CB   1 
ATOM 24   C CG   . ARG A 1 3   ? 20.262  0.027   8.420   1.00 0.00 ? 6   ARG A CG   1 
ATOM 25   C CD   . ARG A 1 3   ? 21.364  -0.402  7.449   1.00 0.00 ? 6   ARG A CD   1 
ATOM 26   N NE   . ARG A 1 3   ? 22.386  0.664   7.340   1.00 0.00 ? 6   ARG A NE   1 
ATOM 27   C CZ   . ARG A 1 3   ? 23.653  0.453   6.957   1.00 0.00 ? 6   ARG A CZ   1 
ATOM 28   N NH1  . ARG A 1 3   ? 24.061  -0.785  6.646   1.00 0.00 ? 6   ARG A NH1  1 
ATOM 29   N NH2  . ARG A 1 3   ? 24.511  1.480   6.887   1.00 0.00 ? 6   ARG A NH2  1 
ATOM 30   H H    . ARG A 1 3   ? 18.996  -2.450  11.427  1.00 0.00 ? 6   ARG A H    1 
ATOM 31   H HA   . ARG A 1 3   ? 18.791  0.271   10.414  1.00 0.00 ? 6   ARG A HA   1 
ATOM 32   H HB2  . ARG A 1 3   ? 20.269  -1.940  9.303   1.00 0.00 ? 6   ARG A HB2  1 
ATOM 33   H HB3  . ARG A 1 3   ? 18.911  -1.643  8.235   1.00 0.00 ? 6   ARG A HB3  1 
ATOM 34   H HG2  . ARG A 1 3   ? 19.547  0.668   7.904   1.00 0.00 ? 6   ARG A HG2  1 
ATOM 35   H HG3  . ARG A 1 3   ? 20.695  0.619   9.229   1.00 0.00 ? 6   ARG A HG3  1 
ATOM 36   H HD2  . ARG A 1 3   ? 21.826  -1.326  7.796   1.00 0.00 ? 6   ARG A HD2  1 
ATOM 37   H HD3  . ARG A 1 3   ? 20.936  -0.608  6.468   1.00 0.00 ? 6   ARG A HD3  1 
ATOM 38   H HE   . ARG A 1 3   ? 22.114  1.599   7.565   1.00 0.00 ? 6   ARG A HE   1 
ATOM 39   H HH11 . ARG A 1 3   ? 23.421  -1.551  6.698   1.00 0.00 ? 6   ARG A HH11 1 
ATOM 40   H HH12 . ARG A 1 3   ? 25.007  -0.942  6.361   1.00 0.00 ? 6   ARG A HH12 1 
ATOM 41   H HH21 . ARG A 1 3   ? 24.206  2.403   7.120   1.00 0.00 ? 6   ARG A HH21 1 
ATOM 42   H HH22 . ARG A 1 3   ? 25.457  1.322   6.603   1.00 0.00 ? 6   ARG A HH22 1 
ATOM 43   N N    . PHE A 1 4   ? 16.512  -0.188  9.341   1.00 0.00 ? 7   PHE A N    1 
ATOM 44   C CA   . PHE A 1 4   ? 15.111  -0.386  9.012   1.00 0.00 ? 7   PHE A CA   1 
ATOM 45   C C    . PHE A 1 4   ? 14.960  -1.249  7.757   1.00 0.00 ? 7   PHE A C    1 
ATOM 46   O O    . PHE A 1 4   ? 15.141  -0.764  6.641   1.00 0.00 ? 7   PHE A O    1 
ATOM 47   C CB   . PHE A 1 4   ? 14.516  0.997   8.740   1.00 0.00 ? 7   PHE A CB   1 
ATOM 48   C CG   . PHE A 1 4   ? 13.206  0.966   7.950   1.00 0.00 ? 7   PHE A CG   1 
ATOM 49   C CD1  . PHE A 1 4   ? 12.018  0.870   8.606   1.00 0.00 ? 7   PHE A CD1  1 
ATOM 50   C CD2  . PHE A 1 4   ? 13.229  1.035   6.593   1.00 0.00 ? 7   PHE A CD2  1 
ATOM 51   C CE1  . PHE A 1 4   ? 10.803  0.842   7.873   1.00 0.00 ? 7   PHE A CE1  1 
ATOM 52   C CE2  . PHE A 1 4   ? 12.013  1.007   5.859   1.00 0.00 ? 7   PHE A CE2  1 
ATOM 53   C CZ   . PHE A 1 4   ? 10.826  0.911   6.514   1.00 0.00 ? 7   PHE A CZ   1 
ATOM 54   H H    . PHE A 1 4   ? 16.881  0.710   9.100   1.00 0.00 ? 7   PHE A H    1 
ATOM 55   H HA   . PHE A 1 4   ? 14.649  -0.894  9.858   1.00 0.00 ? 7   PHE A HA   1 
ATOM 56   H HB2  . PHE A 1 4   ? 14.343  1.500   9.692   1.00 0.00 ? 7   PHE A HB2  1 
ATOM 57   H HB3  . PHE A 1 4   ? 15.245  1.594   8.192   1.00 0.00 ? 7   PHE A HB3  1 
ATOM 58   H HD1  . PHE A 1 4   ? 12.000  0.815   9.695   1.00 0.00 ? 7   PHE A HD1  1 
ATOM 59   H HD2  . PHE A 1 4   ? 14.181  1.113   6.066   1.00 0.00 ? 7   PHE A HD2  1 
ATOM 60   H HE1  . PHE A 1 4   ? 9.851   0.766   8.398   1.00 0.00 ? 7   PHE A HE1  1 
ATOM 61   H HE2  . PHE A 1 4   ? 12.032  1.063   4.771   1.00 0.00 ? 7   PHE A HE2  1 
ATOM 62   H HZ   . PHE A 1 4   ? 9.893   0.890   5.952   1.00 0.00 ? 7   PHE A HZ   1 
ATOM 63   N N    . SER A 1 5   ? 14.628  -2.512  7.982   1.00 0.00 ? 8   SER A N    1 
ATOM 64   C CA   . SER A 1 5   ? 14.451  -3.446  6.883   1.00 0.00 ? 8   SER A CA   1 
ATOM 65   C C    . SER A 1 5   ? 13.150  -4.230  7.069   1.00 0.00 ? 8   SER A C    1 
ATOM 66   O O    . SER A 1 5   ? 12.993  -4.953  8.052   1.00 0.00 ? 8   SER A O    1 
ATOM 67   C CB   . SER A 1 5   ? 15.639  -4.404  6.777   1.00 0.00 ? 8   SER A CB   1 
ATOM 68   O OG   . SER A 1 5   ? 15.258  -5.756  7.018   1.00 0.00 ? 8   SER A OG   1 
ATOM 69   H H    . SER A 1 5   ? 14.483  -2.897  8.893   1.00 0.00 ? 8   SER A H    1 
ATOM 70   H HA   . SER A 1 5   ? 14.400  -2.830  5.986   1.00 0.00 ? 8   SER A HA   1 
ATOM 71   H HB2  . SER A 1 5   ? 16.082  -4.324  5.785   1.00 0.00 ? 8   SER A HB2  1 
ATOM 72   H HB3  . SER A 1 5   ? 16.407  -4.110  7.493   1.00 0.00 ? 8   SER A HB3  1 
ATOM 73   H HG   . SER A 1 5   ? 16.071  -6.331  7.104   1.00 0.00 ? 8   SER A HG   1 
ATOM 74   N N    . ILE A 1 6   ? 12.253  -4.062  6.111   1.00 0.00 ? 9   ILE A N    1 
ATOM 75   C CA   . ILE A 1 6   ? 10.971  -4.746  6.156   1.00 0.00 ? 9   ILE A CA   1 
ATOM 76   C C    . ILE A 1 6   ? 10.966  -5.879  5.128   1.00 0.00 ? 9   ILE A C    1 
ATOM 77   O O    . ILE A 1 6   ? 11.358  -5.682  3.978   1.00 0.00 ? 9   ILE A O    1 
ATOM 78   C CB   . ILE A 1 6   ? 9.825   -3.748  5.977   1.00 0.00 ? 9   ILE A CB   1 
ATOM 79   C CG1  . ILE A 1 6   ? 9.987   -2.553  6.918   1.00 0.00 ? 9   ILE A CG1  1 
ATOM 80   C CG2  . ILE A 1 6   ? 8.468   -4.435  6.151   1.00 0.00 ? 9   ILE A CG2  1 
ATOM 81   C CD1  . ILE A 1 6   ? 8.822   -1.573  6.766   1.00 0.00 ? 9   ILE A CD1  1 
ATOM 82   H H    . ILE A 1 6   ? 12.388  -3.472  5.314   1.00 0.00 ? 9   ILE A H    1 
ATOM 83   H HA   . ILE A 1 6   ? 10.869  -5.181  7.150   1.00 0.00 ? 9   ILE A HA   1 
ATOM 84   H HB   . ILE A 1 6   ? 9.863   -3.363  4.959   1.00 0.00 ? 9   ILE A HB   1 
ATOM 85   H HG12 . ILE A 1 6   ? 10.041  -2.902  7.949   1.00 0.00 ? 9   ILE A HG12 1 
ATOM 86   H HG13 . ILE A 1 6   ? 10.927  -2.043  6.706   1.00 0.00 ? 9   ILE A HG13 1 
ATOM 87   H HG21 . ILE A 1 6   ? 7.671   -3.722  5.940   1.00 0.00 ? 9   ILE A HG21 1 
ATOM 88   H HG22 . ILE A 1 6   ? 8.396   -5.276  5.462   1.00 0.00 ? 9   ILE A HG22 1 
ATOM 89   H HG23 . ILE A 1 6   ? 8.373   -4.795  7.176   1.00 0.00 ? 9   ILE A HG23 1 
ATOM 90   H HD11 . ILE A 1 6   ? 8.546   -1.499  5.714   1.00 0.00 ? 9   ILE A HD11 1 
ATOM 91   H HD12 . ILE A 1 6   ? 7.969   -1.931  7.341   1.00 0.00 ? 9   ILE A HD12 1 
ATOM 92   H HD13 . ILE A 1 6   ? 9.123   -0.591  7.132   1.00 0.00 ? 9   ILE A HD13 1 
ATOM 93   N N    . LYS A 1 7   ? 10.517  -7.041  5.578   1.00 0.00 ? 10  LYS A N    1 
ATOM 94   C CA   . LYS A 1 7   ? 10.455  -8.206  4.711   1.00 0.00 ? 10  LYS A CA   1 
ATOM 95   C C    . LYS A 1 7   ? 9.112   -8.912  4.908   1.00 0.00 ? 10  LYS A C    1 
ATOM 96   O O    . LYS A 1 7   ? 8.859   -9.488  5.965   1.00 0.00 ? 10  LYS A O    1 
ATOM 97   C CB   . LYS A 1 7   ? 11.666  -9.112  4.945   1.00 0.00 ? 10  LYS A CB   1 
ATOM 98   C CG   . LYS A 1 7   ? 12.614  -9.081  3.743   1.00 0.00 ? 10  LYS A CG   1 
ATOM 99   C CD   . LYS A 1 7   ? 13.271  -10.446 3.528   1.00 0.00 ? 10  LYS A CD   1 
ATOM 100  C CE   . LYS A 1 7   ? 14.692  -10.290 2.987   1.00 0.00 ? 10  LYS A CE   1 
ATOM 101  N NZ   . LYS A 1 7   ? 15.432  -11.567 3.100   1.00 0.00 ? 10  LYS A NZ   1 
ATOM 102  H H    . LYS A 1 7   ? 10.200  -7.194  6.514   1.00 0.00 ? 10  LYS A H    1 
ATOM 103  H HA   . LYS A 1 7   ? 10.512  -7.851  3.682   1.00 0.00 ? 10  LYS A HA   1 
ATOM 104  H HB2  . LYS A 1 7   ? 12.198  -8.792  5.840   1.00 0.00 ? 10  LYS A HB2  1 
ATOM 105  H HB3  . LYS A 1 7   ? 11.332  -10.134 5.122   1.00 0.00 ? 10  LYS A HB3  1 
ATOM 106  H HG2  . LYS A 1 7   ? 12.062  -8.793  2.849   1.00 0.00 ? 10  LYS A HG2  1 
ATOM 107  H HG3  . LYS A 1 7   ? 13.382  -8.324  3.902   1.00 0.00 ? 10  LYS A HG3  1 
ATOM 108  H HD2  . LYS A 1 7   ? 13.293  -10.995 4.469   1.00 0.00 ? 10  LYS A HD2  1 
ATOM 109  H HD3  . LYS A 1 7   ? 12.674  -11.035 2.830   1.00 0.00 ? 10  LYS A HD3  1 
ATOM 110  H HE2  . LYS A 1 7   ? 14.659  -9.974  1.944   1.00 0.00 ? 10  LYS A HE2  1 
ATOM 111  H HE3  . LYS A 1 7   ? 15.215  -9.510  3.541   1.00 0.00 ? 10  LYS A HE3  1 
ATOM 112  H HZ1  . LYS A 1 7   ? 16.030  -11.678 2.306   1.00 0.00 ? 10  LYS A HZ1  1 
ATOM 113  H HZ2  . LYS A 1 7   ? 15.985  -11.560 3.934   1.00 0.00 ? 10  LYS A HZ2  1 
ATOM 114  H HZ3  . LYS A 1 7   ? 14.784  -12.327 3.138   1.00 0.00 ? 10  LYS A HZ3  1 
ATOM 115  N N    . ALA A 1 8   ? 8.287   -8.843  3.873   1.00 0.00 ? 11  ALA A N    1 
ATOM 116  C CA   . ALA A 1 8   ? 6.976   -9.469  3.920   1.00 0.00 ? 11  ALA A CA   1 
ATOM 117  C C    . ALA A 1 8   ? 6.437   -9.618  2.495   1.00 0.00 ? 11  ALA A C    1 
ATOM 118  O O    . ALA A 1 8   ? 6.937   -8.982  1.569   1.00 0.00 ? 11  ALA A O    1 
ATOM 119  C CB   . ALA A 1 8   ? 6.046   -8.642  4.810   1.00 0.00 ? 11  ALA A CB   1 
ATOM 120  H H    . ALA A 1 8   ? 8.501   -8.372  3.018   1.00 0.00 ? 11  ALA A H    1 
ATOM 121  H HA   . ALA A 1 8   ? 7.095   -10.458 4.360   1.00 0.00 ? 11  ALA A HA   1 
ATOM 122  H HB1  . ALA A 1 8   ? 6.641   -7.979  5.440   1.00 0.00 ? 11  ALA A HB1  1 
ATOM 123  H HB2  . ALA A 1 8   ? 5.379   -8.048  4.187   1.00 0.00 ? 11  ALA A HB2  1 
ATOM 124  H HB3  . ALA A 1 8   ? 5.458   -9.309  5.440   1.00 0.00 ? 11  ALA A HB3  1 
ATOM 125  N N    . LYS A 1 9   ? 5.425   -10.463 2.365   1.00 0.00 ? 12  LYS A N    1 
ATOM 126  C CA   . LYS A 1 9   ? 4.813   -10.705 1.070   1.00 0.00 ? 12  LYS A CA   1 
ATOM 127  C C    . LYS A 1 9   ? 3.789   -9.606  0.782   1.00 0.00 ? 12  LYS A C    1 
ATOM 128  O O    . LYS A 1 9   ? 3.613   -9.203  -0.367  1.00 0.00 ? 12  LYS A O    1 
ATOM 129  C CB   . LYS A 1 9   ? 4.232   -12.119 1.007   1.00 0.00 ? 12  LYS A CB   1 
ATOM 130  C CG   . LYS A 1 9   ? 3.057   -12.186 0.030   1.00 0.00 ? 12  LYS A CG   1 
ATOM 131  C CD   . LYS A 1 9   ? 2.521   -13.614 -0.087  1.00 0.00 ? 12  LYS A CD   1 
ATOM 132  C CE   . LYS A 1 9   ? 2.893   -14.441 1.145   1.00 0.00 ? 12  LYS A CE   1 
ATOM 133  N NZ   . LYS A 1 9   ? 2.337   -15.809 1.037   1.00 0.00 ? 12  LYS A NZ   1 
ATOM 134  H H    . LYS A 1 9   ? 5.025   -10.977 3.125   1.00 0.00 ? 12  LYS A H    1 
ATOM 135  H HA   . LYS A 1 9   ? 5.602   -10.647 0.320   1.00 0.00 ? 12  LYS A HA   1 
ATOM 136  H HB2  . LYS A 1 9   ? 5.006   -12.821 0.700   1.00 0.00 ? 12  LYS A HB2  1 
ATOM 137  H HB3  . LYS A 1 9   ? 3.901   -12.424 2.000   1.00 0.00 ? 12  LYS A HB3  1 
ATOM 138  H HG2  . LYS A 1 9   ? 2.261   -11.521 0.366   1.00 0.00 ? 12  LYS A HG2  1 
ATOM 139  H HG3  . LYS A 1 9   ? 3.375   -11.831 -0.951  1.00 0.00 ? 12  LYS A HG3  1 
ATOM 140  H HD2  . LYS A 1 9   ? 1.437   -13.592 -0.201  1.00 0.00 ? 12  LYS A HD2  1 
ATOM 141  H HD3  . LYS A 1 9   ? 2.925   -14.086 -0.983  1.00 0.00 ? 12  LYS A HD3  1 
ATOM 142  H HE2  . LYS A 1 9   ? 3.978   -14.490 1.243   1.00 0.00 ? 12  LYS A HE2  1 
ATOM 143  H HE3  . LYS A 1 9   ? 2.513   -13.957 2.044   1.00 0.00 ? 12  LYS A HE3  1 
ATOM 144  H HZ1  . LYS A 1 9   ? 2.317   -16.086 0.077   1.00 0.00 ? 12  LYS A HZ1  1 
ATOM 145  H HZ2  . LYS A 1 9   ? 2.912   -16.443 1.555   1.00 0.00 ? 12  LYS A HZ2  1 
ATOM 146  H HZ3  . LYS A 1 9   ? 1.409   -15.821 1.408   1.00 0.00 ? 12  LYS A HZ3  1 
ATOM 147  N N    . ASN A 1 10  ? 3.141   -9.150  1.845   1.00 0.00 ? 13  ASN A N    1 
ATOM 148  C CA   . ASN A 1 10  ? 2.140   -8.106  1.719   1.00 0.00 ? 13  ASN A CA   1 
ATOM 149  C C    . ASN A 1 10  ? 2.626   -6.850  2.445   1.00 0.00 ? 13  ASN A C    1 
ATOM 150  O O    . ASN A 1 10  ? 3.316   -6.942  3.460   1.00 0.00 ? 13  ASN A O    1 
ATOM 151  C CB   . ASN A 1 10  ? 0.814   -8.534  2.352   1.00 0.00 ? 13  ASN A CB   1 
ATOM 152  C CG   . ASN A 1 10  ? 0.517   -10.005 2.056   1.00 0.00 ? 13  ASN A CG   1 
ATOM 153  O OD1  . ASN A 1 10  ? 0.036   -10.367 0.996   1.00 0.00 ? 13  ASN A OD1  1 
ATOM 154  N ND2  . ASN A 1 10  ? 0.828   -10.831 3.052   1.00 0.00 ? 13  ASN A ND2  1 
ATOM 155  H H    . ASN A 1 10  ? 3.291   -9.483  2.775   1.00 0.00 ? 13  ASN A H    1 
ATOM 156  H HA   . ASN A 1 10  ? 2.022   -7.948  0.647   1.00 0.00 ? 13  ASN A HA   1 
ATOM 157  H HB2  . ASN A 1 10  ? 0.855   -8.377  3.430   1.00 0.00 ? 13  ASN A HB2  1 
ATOM 158  H HB3  . ASN A 1 10  ? 0.006   -7.911  1.968   1.00 0.00 ? 13  ASN A HB3  1 
ATOM 159  H HD21 . ASN A 1 10  ? 1.220   -10.469 3.898   1.00 0.00 ? 13  ASN A HD21 1 
ATOM 160  H HD22 . ASN A 1 10  ? 0.670   -11.813 2.954   1.00 0.00 ? 13  ASN A HD22 1 
ATOM 161  N N    . TYR A 1 11  ? 2.248   -5.704  1.898   1.00 0.00 ? 14  TYR A N    1 
ATOM 162  C CA   . TYR A 1 11  ? 2.636   -4.431  2.481   1.00 0.00 ? 14  TYR A CA   1 
ATOM 163  C C    . TYR A 1 11  ? 1.439   -3.485  2.581   1.00 0.00 ? 14  TYR A C    1 
ATOM 164  O O    . TYR A 1 11  ? 0.571   -3.482  1.709   1.00 0.00 ? 14  TYR A O    1 
ATOM 165  C CB   . TYR A 1 11  ? 3.670   -3.829  1.528   1.00 0.00 ? 14  TYR A CB   1 
ATOM 166  C CG   . TYR A 1 11  ? 5.120   -4.129  1.911   1.00 0.00 ? 14  TYR A CG   1 
ATOM 167  C CD1  . TYR A 1 11  ? 5.736   -3.395  2.905   1.00 0.00 ? 14  TYR A CD1  1 
ATOM 168  C CD2  . TYR A 1 11  ? 5.812   -5.131  1.264   1.00 0.00 ? 14  TYR A CD2  1 
ATOM 169  C CE1  . TYR A 1 11  ? 7.101   -3.678  3.267   1.00 0.00 ? 14  TYR A CE1  1 
ATOM 170  C CE2  . TYR A 1 11  ? 7.177   -5.414  1.625   1.00 0.00 ? 14  TYR A CE2  1 
ATOM 171  C CZ   . TYR A 1 11  ? 7.754   -4.673  2.608   1.00 0.00 ? 14  TYR A CZ   1 
ATOM 172  O OH   . TYR A 1 11  ? 9.044   -4.938  2.950   1.00 0.00 ? 14  TYR A OH   1 
ATOM 173  H H    . TYR A 1 11  ? 1.686   -5.637  1.074   1.00 0.00 ? 14  TYR A H    1 
ATOM 174  H HA   . TYR A 1 11  ? 3.022   -4.624  3.482   1.00 0.00 ? 14  TYR A HA   1 
ATOM 175  H HB2  . TYR A 1 11  ? 3.485   -4.207  0.522   1.00 0.00 ? 14  TYR A HB2  1 
ATOM 176  H HB3  . TYR A 1 11  ? 3.530   -2.748  1.493   1.00 0.00 ? 14  TYR A HB3  1 
ATOM 177  H HD1  . TYR A 1 11  ? 5.190   -2.603  3.417   1.00 0.00 ? 14  TYR A HD1  1 
ATOM 178  H HD2  . TYR A 1 11  ? 5.325   -5.710  0.479   1.00 0.00 ? 14  TYR A HD2  1 
ATOM 179  H HE1  . TYR A 1 11  ? 7.600   -3.106  4.049   1.00 0.00 ? 14  TYR A HE1  1 
ATOM 180  H HE2  . TYR A 1 11  ? 7.735   -6.203  1.121   1.00 0.00 ? 14  TYR A HE2  1 
ATOM 181  H HH   . TYR A 1 11  ? 9.345   -5.787  2.513   1.00 0.00 ? 14  TYR A HH   1 
ATOM 182  N N    . PHE A 1 12  ? 1.430   -2.702  3.651   1.00 0.00 ? 15  PHE A N    1 
ATOM 183  C CA   . PHE A 1 12  ? 0.352   -1.754  3.875   1.00 0.00 ? 15  PHE A CA   1 
ATOM 184  C C    . PHE A 1 12  ? 0.889   -0.323  3.946   1.00 0.00 ? 15  PHE A C    1 
ATOM 185  O O    . PHE A 1 12  ? 1.747   -0.018  4.774   1.00 0.00 ? 15  PHE A O    1 
ATOM 186  C CB   . PHE A 1 12  ? -0.289  -2.113  5.217   1.00 0.00 ? 15  PHE A CB   1 
ATOM 187  C CG   . PHE A 1 12  ? -1.406  -3.153  5.114   1.00 0.00 ? 15  PHE A CG   1 
ATOM 188  C CD1  . PHE A 1 12  ? -2.642  -2.782  4.687   1.00 0.00 ? 15  PHE A CD1  1 
ATOM 189  C CD2  . PHE A 1 12  ? -1.162  -4.448  5.451   1.00 0.00 ? 15  PHE A CD2  1 
ATOM 190  C CE1  . PHE A 1 12  ? -3.679  -3.748  4.592   1.00 0.00 ? 15  PHE A CE1  1 
ATOM 191  C CE2  . PHE A 1 12  ? -2.199  -5.414  5.356   1.00 0.00 ? 15  PHE A CE2  1 
ATOM 192  C CZ   . PHE A 1 12  ? -3.436  -5.043  4.929   1.00 0.00 ? 15  PHE A CZ   1 
ATOM 193  H H    . PHE A 1 12  ? 2.139   -2.711  4.355   1.00 0.00 ? 15  PHE A H    1 
ATOM 194  H HA   . PHE A 1 12  ? -0.335  -1.840  3.034   1.00 0.00 ? 15  PHE A HA   1 
ATOM 195  H HB2  . PHE A 1 12  ? 0.484   -2.489  5.887   1.00 0.00 ? 15  PHE A HB2  1 
ATOM 196  H HB3  . PHE A 1 12  ? -0.690  -1.207  5.670   1.00 0.00 ? 15  PHE A HB3  1 
ATOM 197  H HD1  . PHE A 1 12  ? -2.837  -1.745  4.417   1.00 0.00 ? 15  PHE A HD1  1 
ATOM 198  H HD2  . PHE A 1 12  ? -0.171  -4.745  5.793   1.00 0.00 ? 15  PHE A HD2  1 
ATOM 199  H HE1  . PHE A 1 12  ? -4.671  -3.451  4.249   1.00 0.00 ? 15  PHE A HE1  1 
ATOM 200  H HE2  . PHE A 1 12  ? -2.004  -6.452  5.626   1.00 0.00 ? 15  PHE A HE2  1 
ATOM 201  H HZ   . PHE A 1 12  ? -4.231  -5.784  4.855   1.00 0.00 ? 15  PHE A HZ   1 
ATOM 202  N N    . LEU A 1 13  ? 0.361   0.518   3.068   1.00 0.00 ? 16  LEU A N    1 
ATOM 203  C CA   . LEU A 1 13  ? 0.776   1.910   3.021   1.00 0.00 ? 16  LEU A CA   1 
ATOM 204  C C    . LEU A 1 13  ? -0.311  2.782   3.650   1.00 0.00 ? 16  LEU A C    1 
ATOM 205  O O    . LEU A 1 13  ? -1.482  2.678   3.288   1.00 0.00 ? 16  LEU A O    1 
ATOM 206  C CB   . LEU A 1 13  ? 1.137   2.313   1.590   1.00 0.00 ? 16  LEU A CB   1 
ATOM 207  C CG   . LEU A 1 13  ? 2.235   1.486   0.917   1.00 0.00 ? 16  LEU A CG   1 
ATOM 208  C CD1  . LEU A 1 13  ? 3.367   1.175   1.898   1.00 0.00 ? 16  LEU A CD1  1 
ATOM 209  C CD2  . LEU A 1 13  ? 1.656   0.216   0.289   1.00 0.00 ? 16  LEU A CD2  1 
ATOM 210  H H    . LEU A 1 13  ? -0.336  0.261   2.398   1.00 0.00 ? 16  LEU A H    1 
ATOM 211  H HA   . LEU A 1 13  ? 1.682   2.001   3.620   1.00 0.00 ? 16  LEU A HA   1 
ATOM 212  H HB2  . LEU A 1 13  ? 0.238   2.252   0.979   1.00 0.00 ? 16  LEU A HB2  1 
ATOM 213  H HB3  . LEU A 1 13  ? 1.450   3.357   1.596   1.00 0.00 ? 16  LEU A HB3  1 
ATOM 214  H HG   . LEU A 1 13  ? 2.663   2.079   0.109   1.00 0.00 ? 16  LEU A HG   1 
ATOM 215  H HD11 . LEU A 1 13  ? 4.311   1.115   1.356   1.00 0.00 ? 16  LEU A HD11 1 
ATOM 216  H HD12 . LEU A 1 13  ? 3.426   1.966   2.646   1.00 0.00 ? 16  LEU A HD12 1 
ATOM 217  H HD13 . LEU A 1 13  ? 3.170   0.223   2.391   1.00 0.00 ? 16  LEU A HD13 1 
ATOM 218  H HD21 . LEU A 1 13  ? 1.223   0.457   -0.682  1.00 0.00 ? 16  LEU A HD21 1 
ATOM 219  H HD22 . LEU A 1 13  ? 2.450   -0.520  0.160   1.00 0.00 ? 16  LEU A HD22 1 
ATOM 220  H HD23 . LEU A 1 13  ? 0.884   -0.192  0.940   1.00 0.00 ? 16  LEU A HD23 1 
ATOM 221  N N    . THR A 1 14  ? 0.114   3.624   4.581   1.00 0.00 ? 17  THR A N    1 
ATOM 222  C CA   . THR A 1 14  ? -0.809  4.514   5.264   1.00 0.00 ? 17  THR A CA   1 
ATOM 223  C C    . THR A 1 14  ? -0.375  5.971   5.086   1.00 0.00 ? 17  THR A C    1 
ATOM 224  O O    . THR A 1 14  ? 0.748   6.334   5.432   1.00 0.00 ? 17  THR A O    1 
ATOM 225  C CB   . THR A 1 14  ? -0.889  4.079   6.728   1.00 0.00 ? 17  THR A CB   1 
ATOM 226  O OG1  . THR A 1 14  ? -1.200  2.690   6.661   1.00 0.00 ? 17  THR A OG1  1 
ATOM 227  C CG2  . THR A 1 14  ? -2.086  4.694   7.456   1.00 0.00 ? 17  THR A CG2  1 
ATOM 228  H H    . THR A 1 14  ? 1.068   3.702   4.870   1.00 0.00 ? 17  THR A H    1 
ATOM 229  H HA   . THR A 1 14  ? -1.790  4.415   4.800   1.00 0.00 ? 17  THR A HA   1 
ATOM 230  H HB   . THR A 1 14  ? 0.041   4.300   7.252   1.00 0.00 ? 17  THR A HB   1 
ATOM 231  H HG1  . THR A 1 14  ? -0.386  2.147   6.869   1.00 0.00 ? 17  THR A HG1  1 
ATOM 232  H HG21 . THR A 1 14  ? -2.548  5.452   6.822   1.00 0.00 ? 17  THR A HG21 1 
ATOM 233  H HG22 . THR A 1 14  ? -2.815  3.915   7.681   1.00 0.00 ? 17  THR A HG22 1 
ATOM 234  H HG23 . THR A 1 14  ? -1.750  5.154   8.386   1.00 0.00 ? 17  THR A HG23 1 
ATOM 235  N N    . TYR A 1 15  ? -1.287  6.765   4.546   1.00 0.00 ? 18  TYR A N    1 
ATOM 236  C CA   . TYR A 1 15  ? -1.013  8.173   4.317   1.00 0.00 ? 18  TYR A CA   1 
ATOM 237  C C    . TYR A 1 15  ? -1.878  9.054   5.222   1.00 0.00 ? 18  TYR A C    1 
ATOM 238  O O    . TYR A 1 15  ? -3.057  9.267   4.945   1.00 0.00 ? 18  TYR A O    1 
ATOM 239  C CB   . TYR A 1 15  ? -1.384  8.444   2.857   1.00 0.00 ? 18  TYR A CB   1 
ATOM 240  C CG   . TYR A 1 15  ? -0.902  7.367   1.883   1.00 0.00 ? 18  TYR A CG   1 
ATOM 241  C CD1  . TYR A 1 15  ? -1.574  6.164   1.798   1.00 0.00 ? 18  TYR A CD1  1 
ATOM 242  C CD2  . TYR A 1 15  ? 0.202   7.598   1.090   1.00 0.00 ? 18  TYR A CD2  1 
ATOM 243  C CE1  . TYR A 1 15  ? -1.121  5.150   0.882   1.00 0.00 ? 18  TYR A CE1  1 
ATOM 244  C CE2  . TYR A 1 15  ? 0.655   6.584   0.173   1.00 0.00 ? 18  TYR A CE2  1 
ATOM 245  C CZ   . TYR A 1 15  ? -0.029  5.410   0.114   1.00 0.00 ? 18  TYR A CZ   1 
ATOM 246  O OH   . TYR A 1 15  ? 0.399   4.452   -0.751  1.00 0.00 ? 18  TYR A OH   1 
ATOM 247  H H    . TYR A 1 15  ? -2.198  6.461   4.266   1.00 0.00 ? 18  TYR A H    1 
ATOM 248  H HA   . TYR A 1 15  ? 0.037   8.352   4.545   1.00 0.00 ? 18  TYR A HA   1 
ATOM 249  H HB2  . TYR A 1 15  ? -2.467  8.533   2.779   1.00 0.00 ? 18  TYR A HB2  1 
ATOM 250  H HB3  . TYR A 1 15  ? -0.963  9.403   2.559   1.00 0.00 ? 18  TYR A HB3  1 
ATOM 251  H HD1  . TYR A 1 15  ? -2.447  5.981   2.425   1.00 0.00 ? 18  TYR A HD1  1 
ATOM 252  H HD2  . TYR A 1 15  ? 0.732   8.548   1.158   1.00 0.00 ? 18  TYR A HD2  1 
ATOM 253  H HE1  . TYR A 1 15  ? -1.642  4.196   0.804   1.00 0.00 ? 18  TYR A HE1  1 
ATOM 254  H HE2  . TYR A 1 15  ? 1.527   6.754   -0.459  1.00 0.00 ? 18  TYR A HE2  1 
ATOM 255  H HH   . TYR A 1 15  ? 0.408   4.814   -1.684  1.00 0.00 ? 18  TYR A HH   1 
ATOM 256  N N    . PRO A 1 16  ? -1.241  9.555   6.314   1.00 0.00 ? 19  PRO A N    1 
ATOM 257  C CA   . PRO A 1 16  ? -1.939  10.408  7.262   1.00 0.00 ? 19  PRO A CA   1 
ATOM 258  C C    . PRO A 1 16  ? -2.139  11.814  6.690   1.00 0.00 ? 19  PRO A C    1 
ATOM 259  O O    . PRO A 1 16  ? -1.233  12.370  6.072   1.00 0.00 ? 19  PRO A O    1 
ATOM 260  C CB   . PRO A 1 16  ? -1.077  10.393  8.513   1.00 0.00 ? 19  PRO A CB   1 
ATOM 261  C CG   . PRO A 1 16  ? 0.296   9.914   8.069   1.00 0.00 ? 19  PRO A CG   1 
ATOM 262  C CD   . PRO A 1 16  ? 0.155   9.324   6.675   1.00 0.00 ? 19  PRO A CD   1 
ATOM 263  H HA   . PRO A 1 16  ? -2.857  10.052  7.439   1.00 0.00 ? 19  PRO A HA   1 
ATOM 264  H HB2  . PRO A 1 16  ? -1.019  11.386  8.960   1.00 0.00 ? 19  PRO A HB2  1 
ATOM 265  H HB3  . PRO A 1 16  ? -1.497  9.728   9.269   1.00 0.00 ? 19  PRO A HB3  1 
ATOM 266  H HG2  . PRO A 1 16  ? 1.005   10.742  8.063   1.00 0.00 ? 19  PRO A HG2  1 
ATOM 267  H HG3  . PRO A 1 16  ? 0.683   9.167   8.762   1.00 0.00 ? 19  PRO A HG3  1 
ATOM 268  H HD2  . PRO A 1 16  ? 0.831   9.808   5.971   1.00 0.00 ? 19  PRO A HD2  1 
ATOM 269  H HD3  . PRO A 1 16  ? 0.395   8.261   6.669   1.00 0.00 ? 19  PRO A HD3  1 
ATOM 270  N N    . LYS A 1 17  ? -3.331  12.345  6.918   1.00 0.00 ? 20  LYS A N    1 
ATOM 271  C CA   . LYS A 1 17  ? -3.661  13.675  6.433   1.00 0.00 ? 20  LYS A CA   1 
ATOM 272  C C    . LYS A 1 17  ? -3.061  13.870  5.040   1.00 0.00 ? 20  LYS A C    1 
ATOM 273  O O    . LYS A 1 17  ? -2.502  14.924  4.741   1.00 0.00 ? 20  LYS A O    1 
ATOM 274  C CB   . LYS A 1 17  ? -3.225  14.737  7.444   1.00 0.00 ? 20  LYS A CB   1 
ATOM 275  C CG   . LYS A 1 17  ? -4.050  16.016  7.287   1.00 0.00 ? 20  LYS A CG   1 
ATOM 276  C CD   . LYS A 1 17  ? -3.144  17.246  7.201   1.00 0.00 ? 20  LYS A CD   1 
ATOM 277  C CE   . LYS A 1 17  ? -3.881  18.427  6.566   1.00 0.00 ? 20  LYS A CE   1 
ATOM 278  N NZ   . LYS A 1 17  ? -3.319  19.709  7.047   1.00 0.00 ? 20  LYS A NZ   1 
ATOM 279  H H    . LYS A 1 17  ? -4.062  11.885  7.420   1.00 0.00 ? 20  LYS A H    1 
ATOM 280  H HA   . LYS A 1 17  ? -4.746  13.733  6.353   1.00 0.00 ? 20  LYS A HA   1 
ATOM 281  H HB2  . LYS A 1 17  ? -3.338  14.349  8.456   1.00 0.00 ? 20  LYS A HB2  1 
ATOM 282  H HB3  . LYS A 1 17  ? -2.167  14.963  7.307   1.00 0.00 ? 20  LYS A HB3  1 
ATOM 283  H HG2  . LYS A 1 17  ? -4.663  15.948  6.388   1.00 0.00 ? 20  LYS A HG2  1 
ATOM 284  H HG3  . LYS A 1 17  ? -4.732  16.120  8.130   1.00 0.00 ? 20  LYS A HG3  1 
ATOM 285  H HD2  . LYS A 1 17  ? -2.802  17.520  8.199   1.00 0.00 ? 20  LYS A HD2  1 
ATOM 286  H HD3  . LYS A 1 17  ? -2.256  17.008  6.614   1.00 0.00 ? 20  LYS A HD3  1 
ATOM 287  H HE2  . LYS A 1 17  ? -3.799  18.372  5.480   1.00 0.00 ? 20  LYS A HE2  1 
ATOM 288  H HE3  . LYS A 1 17  ? -4.943  18.374  6.808   1.00 0.00 ? 20  LYS A HE3  1 
ATOM 289  H HZ1  . LYS A 1 17  ? -4.053  20.271  7.428   1.00 0.00 ? 20  LYS A HZ1  1 
ATOM 290  H HZ2  . LYS A 1 17  ? -2.636  19.528  7.755   1.00 0.00 ? 20  LYS A HZ2  1 
ATOM 291  H HZ3  . LYS A 1 17  ? -2.889  20.191  6.284   1.00 0.00 ? 20  LYS A HZ3  1 
ATOM 292  N N    . CYS A 1 18  ? -3.194  12.835  4.223   1.00 0.00 ? 21  CYS A N    1 
ATOM 293  C CA   . CYS A 1 18  ? -2.673  12.878  2.868   1.00 0.00 ? 21  CYS A CA   1 
ATOM 294  C C    . CYS A 1 18  ? -3.841  13.118  1.910   1.00 0.00 ? 21  CYS A C    1 
ATOM 295  O O    . CYS A 1 18  ? -4.806  12.356  1.899   1.00 0.00 ? 21  CYS A O    1 
ATOM 296  C CB   . CYS A 1 18  ? -1.899  11.605  2.517   1.00 0.00 ? 21  CYS A CB   1 
ATOM 297  S SG   . CYS A 1 18  ? -0.788  11.917  1.098   1.00 0.00 ? 21  CYS A SG   1 
ATOM 298  H H    . CYS A 1 18  ? -3.649  11.980  4.473   1.00 0.00 ? 21  CYS A H    1 
ATOM 299  H HA   . CYS A 1 18  ? -1.966  13.707  2.830   1.00 0.00 ? 21  CYS A HA   1 
ATOM 300  H HB2  . CYS A 1 18  ? -1.320  11.273  3.378   1.00 0.00 ? 21  CYS A HB2  1 
ATOM 301  H HB3  . CYS A 1 18  ? -2.596  10.803  2.275   1.00 0.00 ? 21  CYS A HB3  1 
ATOM 302  H HG   . CYS A 1 18  ? 0.329   11.536  1.710   1.00 0.00 ? 21  CYS A HG   1 
ATOM 303  N N    . ASP A 1 19  ? -3.716  14.181  1.129   1.00 0.00 ? 22  ASP A N    1 
ATOM 304  C CA   . ASP A 1 19  ? -4.750  14.531  0.170   1.00 0.00 ? 22  ASP A CA   1 
ATOM 305  C C    . ASP A 1 19  ? -4.503  13.778  -1.139  1.00 0.00 ? 22  ASP A C    1 
ATOM 306  O O    . ASP A 1 19  ? -5.094  14.102  -2.167  1.00 0.00 ? 22  ASP A O    1 
ATOM 307  C CB   . ASP A 1 19  ? -4.733  16.030  -0.137  1.00 0.00 ? 22  ASP A CB   1 
ATOM 308  C CG   . ASP A 1 19  ? -5.879  16.831  0.484   1.00 0.00 ? 22  ASP A CG   1 
ATOM 309  O OD1  . ASP A 1 19  ? -7.042  16.455  0.219   1.00 0.00 ? 22  ASP A OD1  1 
ATOM 310  O OD2  . ASP A 1 19  ? -5.568  17.799  1.209   1.00 0.00 ? 22  ASP A OD2  1 
ATOM 311  H H    . ASP A 1 19  ? -2.928  14.797  1.144   1.00 0.00 ? 22  ASP A H    1 
ATOM 312  H HA   . ASP A 1 19  ? -5.689  14.245  0.644   1.00 0.00 ? 22  ASP A HA   1 
ATOM 313  H HB2  . ASP A 1 19  ? -3.788  16.446  0.213   1.00 0.00 ? 22  ASP A HB2  1 
ATOM 314  H HB3  . ASP A 1 19  ? -4.760  16.165  -1.218  1.00 0.00 ? 22  ASP A HB3  1 
ATOM 315  N N    . LEU A 1 20  ? -3.627  12.787  -1.057  1.00 0.00 ? 23  LEU A N    1 
ATOM 316  C CA   . LEU A 1 20  ? -3.294  11.985  -2.222  1.00 0.00 ? 23  LEU A CA   1 
ATOM 317  C C    . LEU A 1 20  ? -4.485  11.092  -2.580  1.00 0.00 ? 23  LEU A C    1 
ATOM 318  O O    . LEU A 1 20  ? -5.112  10.506  -1.698  1.00 0.00 ? 23  LEU A O    1 
ATOM 319  C CB   . LEU A 1 20  ? -1.995  11.212  -1.987  1.00 0.00 ? 23  LEU A CB   1 
ATOM 320  C CG   . LEU A 1 20  ? -1.295  10.679  -3.238  1.00 0.00 ? 23  LEU A CG   1 
ATOM 321  C CD1  . LEU A 1 20  ? -1.261  11.739  -4.340  1.00 0.00 ? 23  LEU A CD1  1 
ATOM 322  C CD2  . LEU A 1 20  ? 0.103   10.154  -2.904  1.00 0.00 ? 23  LEU A CD2  1 
ATOM 323  H H    . LEU A 1 20  ? -3.151  12.528  -0.217  1.00 0.00 ? 23  LEU A H    1 
ATOM 324  H HA   . LEU A 1 20  ? -3.115  12.671  -3.050  1.00 0.00 ? 23  LEU A HA   1 
ATOM 325  H HB2  . LEU A 1 20  ? -1.300  11.861  -1.454  1.00 0.00 ? 23  LEU A HB2  1 
ATOM 326  H HB3  . LEU A 1 20  ? -2.211  10.369  -1.329  1.00 0.00 ? 23  LEU A HB3  1 
ATOM 327  H HG   . LEU A 1 20  ? -1.872  9.836   -3.620  1.00 0.00 ? 23  LEU A HG   1 
ATOM 328  H HD11 . LEU A 1 20  ? -2.203  11.724  -4.889  1.00 0.00 ? 23  LEU A HD11 1 
ATOM 329  H HD12 . LEU A 1 20  ? -1.116  12.723  -3.894  1.00 0.00 ? 23  LEU A HD12 1 
ATOM 330  H HD13 . LEU A 1 20  ? -0.439  11.526  -5.024  1.00 0.00 ? 23  LEU A HD13 1 
ATOM 331  H HD21 . LEU A 1 20  ? 0.849   10.749  -3.429  1.00 0.00 ? 23  LEU A HD21 1 
ATOM 332  H HD22 . LEU A 1 20  ? 0.270   10.228  -1.829  1.00 0.00 ? 23  LEU A HD22 1 
ATOM 333  H HD23 . LEU A 1 20  ? 0.184   9.112   -3.214  1.00 0.00 ? 23  LEU A HD23 1 
ATOM 334  N N    . THR A 1 21  ? -4.760  11.017  -3.873  1.00 0.00 ? 24  THR A N    1 
ATOM 335  C CA   . THR A 1 21  ? -5.865  10.207  -4.358  1.00 0.00 ? 24  THR A CA   1 
ATOM 336  C C    . THR A 1 21  ? -5.405  8.768   -4.597  1.00 0.00 ? 24  THR A C    1 
ATOM 337  O O    . THR A 1 21  ? -4.207  8.504   -4.702  1.00 0.00 ? 24  THR A O    1 
ATOM 338  C CB   . THR A 1 21  ? -6.430  10.879  -5.610  1.00 0.00 ? 24  THR A CB   1 
ATOM 339  O OG1  . THR A 1 21  ? -5.511  10.526  -6.640  1.00 0.00 ? 24  THR A OG1  1 
ATOM 340  C CG2  . THR A 1 21  ? -6.346  12.406  -5.545  1.00 0.00 ? 24  THR A CG2  1 
ATOM 341  H H    . THR A 1 21  ? -4.244  11.498  -4.583  1.00 0.00 ? 24  THR A H    1 
ATOM 342  H HA   . THR A 1 21  ? -6.632  10.174  -3.584  1.00 0.00 ? 24  THR A HA   1 
ATOM 343  H HB   . THR A 1 21  ? -7.452  10.554  -5.798  1.00 0.00 ? 24  THR A HB   1 
ATOM 344  H HG1  . THR A 1 21  ? -5.905  10.730  -7.536  1.00 0.00 ? 24  THR A HG1  1 
ATOM 345  H HG21 . THR A 1 21  ? -7.007  12.772  -4.759  1.00 0.00 ? 24  THR A HG21 1 
ATOM 346  H HG22 . THR A 1 21  ? -5.321  12.704  -5.326  1.00 0.00 ? 24  THR A HG22 1 
ATOM 347  H HG23 . THR A 1 21  ? -6.651  12.828  -6.502  1.00 0.00 ? 24  THR A HG23 1 
ATOM 348  N N    . LYS A 1 22  ? -6.380  7.875   -4.674  1.00 0.00 ? 25  LYS A N    1 
ATOM 349  C CA   . LYS A 1 22  ? -6.091  6.468   -4.898  1.00 0.00 ? 25  LYS A CA   1 
ATOM 350  C C    . LYS A 1 22  ? -5.596  6.275   -6.332  1.00 0.00 ? 25  LYS A C    1 
ATOM 351  O O    . LYS A 1 22  ? -4.819  5.361   -6.608  1.00 0.00 ? 25  LYS A O    1 
ATOM 352  C CB   . LYS A 1 22  ? -7.306  5.608   -4.546  1.00 0.00 ? 25  LYS A CB   1 
ATOM 353  C CG   . LYS A 1 22  ? -8.604  6.288   -4.987  1.00 0.00 ? 25  LYS A CG   1 
ATOM 354  C CD   . LYS A 1 22  ? -9.693  5.254   -5.280  1.00 0.00 ? 25  LYS A CD   1 
ATOM 355  C CE   . LYS A 1 22  ? -11.070 5.916   -5.367  1.00 0.00 ? 25  LYS A CE   1 
ATOM 356  N NZ   . LYS A 1 22  ? -11.412 6.215   -6.775  1.00 0.00 ? 25  LYS A NZ   1 
ATOM 357  H H    . LYS A 1 22  ? -7.351  8.097   -4.587  1.00 0.00 ? 25  LYS A H    1 
ATOM 358  H HA   . LYS A 1 22  ? -5.289  6.187   -4.215  1.00 0.00 ? 25  LYS A HA   1 
ATOM 359  H HB2  . LYS A 1 22  ? -7.220  4.635   -5.028  1.00 0.00 ? 25  LYS A HB2  1 
ATOM 360  H HB3  . LYS A 1 22  ? -7.331  5.429   -3.471  1.00 0.00 ? 25  LYS A HB3  1 
ATOM 361  H HG2  . LYS A 1 22  ? -8.945  6.968   -4.206  1.00 0.00 ? 25  LYS A HG2  1 
ATOM 362  H HG3  . LYS A 1 22  ? -8.419  6.890   -5.876  1.00 0.00 ? 25  LYS A HG3  1 
ATOM 363  H HD2  . LYS A 1 22  ? -9.471  4.743   -6.217  1.00 0.00 ? 25  LYS A HD2  1 
ATOM 364  H HD3  . LYS A 1 22  ? -9.699  4.495   -4.497  1.00 0.00 ? 25  LYS A HD3  1 
ATOM 365  H HE2  . LYS A 1 22  ? -11.824 5.260   -4.934  1.00 0.00 ? 25  LYS A HE2  1 
ATOM 366  H HE3  . LYS A 1 22  ? -11.075 6.836   -4.782  1.00 0.00 ? 25  LYS A HE3  1 
ATOM 367  H HZ1  . LYS A 1 22  ? -11.428 5.366   -7.302  1.00 0.00 ? 25  LYS A HZ1  1 
ATOM 368  H HZ2  . LYS A 1 22  ? -12.312 6.648   -6.815  1.00 0.00 ? 25  LYS A HZ2  1 
ATOM 369  H HZ3  . LYS A 1 22  ? -10.727 6.834   -7.161  1.00 0.00 ? 25  LYS A HZ3  1 
ATOM 370  N N    . GLU A 1 23  ? -6.063  7.152   -7.209  1.00 0.00 ? 26  GLU A N    1 
ATOM 371  C CA   . GLU A 1 23  ? -5.677  7.090   -8.608  1.00 0.00 ? 26  GLU A CA   1 
ATOM 372  C C    . GLU A 1 23  ? -4.187  7.396   -8.761  1.00 0.00 ? 26  GLU A C    1 
ATOM 373  O O    . GLU A 1 23  ? -3.469  6.673   -9.452  1.00 0.00 ? 26  GLU A O    1 
ATOM 374  C CB   . GLU A 1 23  ? -6.523  8.046   -9.452  1.00 0.00 ? 26  GLU A CB   1 
ATOM 375  C CG   . GLU A 1 23  ? -7.292  7.287   -10.536 1.00 0.00 ? 26  GLU A CG   1 
ATOM 376  C CD   . GLU A 1 23  ? -7.709  8.224   -11.671 1.00 0.00 ? 26  GLU A CD   1 
ATOM 377  O OE1  . GLU A 1 23  ? -8.749  8.895   -11.500 1.00 0.00 ? 26  GLU A OE1  1 
ATOM 378  O OE2  . GLU A 1 23  ? -6.977  8.247   -12.684 1.00 0.00 ? 26  GLU A OE2  1 
ATOM 379  H H    . GLU A 1 23  ? -6.694  7.893   -6.976  1.00 0.00 ? 26  GLU A H    1 
ATOM 380  H HA   . GLU A 1 23  ? -5.879  6.065   -8.919  1.00 0.00 ? 26  GLU A HA   1 
ATOM 381  H HB2  . GLU A 1 23  ? -7.224  8.580   -8.812  1.00 0.00 ? 26  GLU A HB2  1 
ATOM 382  H HB3  . GLU A 1 23  ? -5.879  8.794   -9.914  1.00 0.00 ? 26  GLU A HB3  1 
ATOM 383  H HG2  . GLU A 1 23  ? -6.671  6.483   -10.932 1.00 0.00 ? 26  GLU A HG2  1 
ATOM 384  H HG3  . GLU A 1 23  ? -8.176  6.821   -10.101 1.00 0.00 ? 26  GLU A HG3  1 
ATOM 385  N N    . ASN A 1 24  ? -3.764  8.468   -8.107  1.00 0.00 ? 27  ASN A N    1 
ATOM 386  C CA   . ASN A 1 24  ? -2.371  8.878   -8.162  1.00 0.00 ? 27  ASN A CA   1 
ATOM 387  C C    . ASN A 1 24  ? -1.505  7.822   -7.471  1.00 0.00 ? 27  ASN A C    1 
ATOM 388  O O    . ASN A 1 24  ? -0.450  7.450   -7.982  1.00 0.00 ? 27  ASN A O    1 
ATOM 389  C CB   . ASN A 1 24  ? -2.160  10.209  -7.439  1.00 0.00 ? 27  ASN A CB   1 
ATOM 390  C CG   . ASN A 1 24  ? -3.297  11.187  -7.746  1.00 0.00 ? 27  ASN A CG   1 
ATOM 391  O OD1  . ASN A 1 24  ? -3.702  11.987  -6.918  1.00 0.00 ? 27  ASN A OD1  1 
ATOM 392  N ND2  . ASN A 1 24  ? -3.786  11.078  -8.978  1.00 0.00 ? 27  ASN A ND2  1 
ATOM 393  H H    . ASN A 1 24  ? -4.354  9.050   -7.548  1.00 0.00 ? 27  ASN A H    1 
ATOM 394  H HA   . ASN A 1 24  ? -2.143  8.976   -9.224  1.00 0.00 ? 27  ASN A HA   1 
ATOM 395  H HB2  . ASN A 1 24  ? -2.103  10.038  -6.364  1.00 0.00 ? 27  ASN A HB2  1 
ATOM 396  H HB3  . ASN A 1 24  ? -1.208  10.646  -7.743  1.00 0.00 ? 27  ASN A HB3  1 
ATOM 397  H HD21 . ASN A 1 24  ? -3.407  10.399  -9.608  1.00 0.00 ? 27  ASN A HD21 1 
ATOM 398  H HD22 . ASN A 1 24  ? -4.532  11.673  -9.274  1.00 0.00 ? 27  ASN A HD22 1 
ATOM 399  N N    . ALA A 1 25  ? -1.984  7.371   -6.321  1.00 0.00 ? 28  ALA A N    1 
ATOM 400  C CA   . ALA A 1 25  ? -1.267  6.366   -5.556  1.00 0.00 ? 28  ALA A CA   1 
ATOM 401  C C    . ALA A 1 25  ? -1.311  5.033   -6.305  1.00 0.00 ? 28  ALA A C    1 
ATOM 402  O O    . ALA A 1 25  ? -0.367  4.247   -6.236  1.00 0.00 ? 28  ALA A O    1 
ATOM 403  C CB   . ALA A 1 25  ? -1.869  6.267   -4.153  1.00 0.00 ? 28  ALA A CB   1 
ATOM 404  H H    . ALA A 1 25  ? -2.843  7.680   -5.913  1.00 0.00 ? 28  ALA A H    1 
ATOM 405  H HA   . ALA A 1 25  ? -0.230  6.691   -5.470  1.00 0.00 ? 28  ALA A HA   1 
ATOM 406  H HB1  . ALA A 1 25  ? -2.120  5.228   -3.937  1.00 0.00 ? 28  ALA A HB1  1 
ATOM 407  H HB2  . ALA A 1 25  ? -1.145  6.626   -3.421  1.00 0.00 ? 28  ALA A HB2  1 
ATOM 408  H HB3  . ALA A 1 25  ? -2.771  6.876   -4.100  1.00 0.00 ? 28  ALA A HB3  1 
ATOM 409  N N    . LEU A 1 26  ? -2.417  4.819   -7.002  1.00 0.00 ? 29  LEU A N    1 
ATOM 410  C CA   . LEU A 1 26  ? -2.597  3.593   -7.762  1.00 0.00 ? 29  LEU A CA   1 
ATOM 411  C C    . LEU A 1 26  ? -1.636  3.591   -8.953  1.00 0.00 ? 29  LEU A C    1 
ATOM 412  O O    . LEU A 1 26  ? -0.991  2.583   -9.233  1.00 0.00 ? 29  LEU A O    1 
ATOM 413  C CB   . LEU A 1 26  ? -4.065  3.418   -8.156  1.00 0.00 ? 29  LEU A CB   1 
ATOM 414  C CG   . LEU A 1 26  ? -4.352  2.352   -9.217  1.00 0.00 ? 29  LEU A CG   1 
ATOM 415  C CD1  . LEU A 1 26  ? -4.014  2.867   -10.617 1.00 0.00 ? 29  LEU A CD1  1 
ATOM 416  C CD2  . LEU A 1 26  ? -3.621  1.047   -8.895  1.00 0.00 ? 29  LEU A CD2  1 
ATOM 417  H H    . LEU A 1 26  ? -3.180  5.462   -7.052  1.00 0.00 ? 29  LEU A H    1 
ATOM 418  H HA   . LEU A 1 26  ? -2.337  2.761   -7.108  1.00 0.00 ? 29  LEU A HA   1 
ATOM 419  H HB2  . LEU A 1 26  ? -4.634  3.172   -7.259  1.00 0.00 ? 29  LEU A HB2  1 
ATOM 420  H HB3  . LEU A 1 26  ? -4.439  4.375   -8.520  1.00 0.00 ? 29  LEU A HB3  1 
ATOM 421  H HG   . LEU A 1 26  ? -5.421  2.135   -9.202  1.00 0.00 ? 29  LEU A HG   1 
ATOM 422  H HD11 . LEU A 1 26  ? -4.933  2.992   -11.190 1.00 0.00 ? 29  LEU A HD11 1 
ATOM 423  H HD12 . LEU A 1 26  ? -3.503  3.827   -10.537 1.00 0.00 ? 29  LEU A HD12 1 
ATOM 424  H HD13 . LEU A 1 26  ? -3.366  2.151   -11.121 1.00 0.00 ? 29  LEU A HD13 1 
ATOM 425  H HD21 . LEU A 1 26  ? -2.816  1.246   -8.188  1.00 0.00 ? 29  LEU A HD21 1 
ATOM 426  H HD22 . LEU A 1 26  ? -4.322  0.338   -8.455  1.00 0.00 ? 29  LEU A HD22 1 
ATOM 427  H HD23 . LEU A 1 26  ? -3.206  0.628   -9.811  1.00 0.00 ? 29  LEU A HD23 1 
ATOM 428  N N    . SER A 1 27  ? -1.572  4.733   -9.622  1.00 0.00 ? 30  SER A N    1 
ATOM 429  C CA   . SER A 1 27  ? -0.701  4.876   -10.777 1.00 0.00 ? 30  SER A CA   1 
ATOM 430  C C    . SER A 1 27  ? 0.763   4.830   -10.336 1.00 0.00 ? 30  SER A C    1 
ATOM 431  O O    . SER A 1 27  ? 1.583   4.159   -10.962 1.00 0.00 ? 30  SER A O    1 
ATOM 432  C CB   . SER A 1 27  ? -0.989  6.179   -11.526 1.00 0.00 ? 30  SER A CB   1 
ATOM 433  O OG   . SER A 1 27  ? -0.060  6.404   -12.583 1.00 0.00 ? 30  SER A OG   1 
ATOM 434  H H    . SER A 1 27  ? -2.102  5.549   -9.389  1.00 0.00 ? 30  SER A H    1 
ATOM 435  H HA   . SER A 1 27  ? -0.934  4.029   -11.421 1.00 0.00 ? 30  SER A HA   1 
ATOM 436  H HB2  . SER A 1 27  ? -2.001  6.148   -11.932 1.00 0.00 ? 30  SER A HB2  1 
ATOM 437  H HB3  . SER A 1 27  ? -0.952  7.015   -10.827 1.00 0.00 ? 30  SER A HB3  1 
ATOM 438  H HG   . SER A 1 27  ? 0.557   7.153   -12.343 1.00 0.00 ? 30  SER A HG   1 
ATOM 439  N N    . GLN A 1 28  ? 1.048   5.551   -9.262  1.00 0.00 ? 31  GLN A N    1 
ATOM 440  C CA   . GLN A 1 28  ? 2.399   5.600   -8.730  1.00 0.00 ? 31  GLN A CA   1 
ATOM 441  C C    . GLN A 1 28  ? 2.807   4.229   -8.188  1.00 0.00 ? 31  GLN A C    1 
ATOM 442  O O    . GLN A 1 28  ? 3.881   3.723   -8.512  1.00 0.00 ? 31  GLN A O    1 
ATOM 443  C CB   . GLN A 1 28  ? 2.525   6.676   -7.650  1.00 0.00 ? 31  GLN A CB   1 
ATOM 444  C CG   . GLN A 1 28  ? 2.702   8.062   -8.275  1.00 0.00 ? 31  GLN A CG   1 
ATOM 445  C CD   . GLN A 1 28  ? 3.212   9.068   -7.241  1.00 0.00 ? 31  GLN A CD   1 
ATOM 446  O OE1  . GLN A 1 28  ? 4.349   9.023   -6.801  1.00 0.00 ? 31  GLN A OE1  1 
ATOM 447  N NE2  . GLN A 1 28  ? 2.311   9.976   -6.878  1.00 0.00 ? 31  GLN A NE2  1 
ATOM 448  H H    . GLN A 1 28  ? 0.375   6.094   -8.758  1.00 0.00 ? 31  GLN A H    1 
ATOM 449  H HA   . GLN A 1 28  ? 3.033   5.868   -9.576  1.00 0.00 ? 31  GLN A HA   1 
ATOM 450  H HB2  . GLN A 1 28  ? 1.636   6.669   -7.019  1.00 0.00 ? 31  GLN A HB2  1 
ATOM 451  H HB3  . GLN A 1 28  ? 3.375   6.453   -7.005  1.00 0.00 ? 31  GLN A HB3  1 
ATOM 452  H HG2  . GLN A 1 28  ? 3.403   8.003   -9.107  1.00 0.00 ? 31  GLN A HG2  1 
ATOM 453  H HG3  . GLN A 1 28  ? 1.751   8.406   -8.683  1.00 0.00 ? 31  GLN A HG3  1 
ATOM 454  H HE21 . GLN A 1 28  ? 1.394   9.958   -7.278  1.00 0.00 ? 31  GLN A HE21 1 
ATOM 455  H HE22 . GLN A 1 28  ? 2.549   10.678  -6.207  1.00 0.00 ? 31  GLN A HE22 1 
ATOM 456  N N    . ILE A 1 29  ? 1.928   3.666   -7.371  1.00 0.00 ? 32  ILE A N    1 
ATOM 457  C CA   . ILE A 1 29  ? 2.184   2.364   -6.781  1.00 0.00 ? 32  ILE A CA   1 
ATOM 458  C C    . ILE A 1 29  ? 2.283   1.316   -7.891  1.00 0.00 ? 32  ILE A C    1 
ATOM 459  O O    . ILE A 1 29  ? 3.196   0.492   -7.893  1.00 0.00 ? 32  ILE A O    1 
ATOM 460  C CB   . ILE A 1 29  ? 1.129   2.039   -5.722  1.00 0.00 ? 32  ILE A CB   1 
ATOM 461  C CG1  . ILE A 1 29  ? 1.193   3.034   -4.561  1.00 0.00 ? 32  ILE A CG1  1 
ATOM 462  C CG2  . ILE A 1 29  ? 1.258   0.591   -5.245  1.00 0.00 ? 32  ILE A CG2  1 
ATOM 463  C CD1  . ILE A 1 29  ? 2.286   2.643   -3.565  1.00 0.00 ? 32  ILE A CD1  1 
ATOM 464  H H    . ILE A 1 29  ? 1.058   4.085   -7.113  1.00 0.00 ? 32  ILE A H    1 
ATOM 465  H HA   . ILE A 1 29  ? 3.146   2.419   -6.272  1.00 0.00 ? 32  ILE A HA   1 
ATOM 466  H HB   . ILE A 1 29  ? 0.143   2.141   -6.178  1.00 0.00 ? 32  ILE A HB   1 
ATOM 467  H HG12 . ILE A 1 29  ? 1.387   4.035   -4.945  1.00 0.00 ? 32  ILE A HG12 1 
ATOM 468  H HG13 . ILE A 1 29  ? 0.229   3.068   -4.053  1.00 0.00 ? 32  ILE A HG13 1 
ATOM 469  H HG21 . ILE A 1 29  ? 0.406   0.013   -5.603  1.00 0.00 ? 32  ILE A HG21 1 
ATOM 470  H HG22 . ILE A 1 29  ? 2.179   0.160   -5.636  1.00 0.00 ? 32  ILE A HG22 1 
ATOM 471  H HG23 . ILE A 1 29  ? 1.279   0.569   -4.155  1.00 0.00 ? 32  ILE A HG23 1 
ATOM 472  H HD11 . ILE A 1 29  ? 1.877   1.947   -2.832  1.00 0.00 ? 32  ILE A HD11 1 
ATOM 473  H HD12 . ILE A 1 29  ? 3.110   2.168   -4.096  1.00 0.00 ? 32  ILE A HD12 1 
ATOM 474  H HD13 . ILE A 1 29  ? 2.650   3.535   -3.055  1.00 0.00 ? 32  ILE A HD13 1 
ATOM 475  N N    . THR A 1 30  ? 1.331   1.382   -8.810  1.00 0.00 ? 33  THR A N    1 
ATOM 476  C CA   . THR A 1 30  ? 1.299   0.449   -9.924  1.00 0.00 ? 33  THR A CA   1 
ATOM 477  C C    . THR A 1 30  ? 2.533   0.634   -10.811 1.00 0.00 ? 33  THR A C    1 
ATOM 478  O O    . THR A 1 30  ? 3.024   -0.323  -11.406 1.00 0.00 ? 33  THR A O    1 
ATOM 479  C CB   . THR A 1 30  ? -0.021  0.649   -10.671 1.00 0.00 ? 33  THR A CB   1 
ATOM 480  O OG1  . THR A 1 30  ? -1.017  0.298   -9.714  1.00 0.00 ? 33  THR A OG1  1 
ATOM 481  C CG2  . THR A 1 30  ? -0.215  -0.366  -11.799 1.00 0.00 ? 33  THR A CG2  1 
ATOM 482  H H    . THR A 1 30  ? 0.592   2.056   -8.802  1.00 0.00 ? 33  THR A H    1 
ATOM 483  H HA   . THR A 1 30  ? 1.343   -0.564  -9.525  1.00 0.00 ? 33  THR A HA   1 
ATOM 484  H HB   . THR A 1 30  ? -0.106  1.668   -11.046 1.00 0.00 ? 33  THR A HB   1 
ATOM 485  H HG1  . THR A 1 30  ? -0.768  -0.557  -9.258  1.00 0.00 ? 33  THR A HG1  1 
ATOM 486  H HG21 . THR A 1 30  ? 0.307   -1.291  -11.550 1.00 0.00 ? 33  THR A HG21 1 
ATOM 487  H HG22 . THR A 1 30  ? -1.278  -0.573  -11.924 1.00 0.00 ? 33  THR A HG22 1 
ATOM 488  H HG23 . THR A 1 30  ? 0.188   0.040   -12.727 1.00 0.00 ? 33  THR A HG23 1 
ATOM 489  N N    . ASN A 1 31  ? 2.998   1.874   -10.870 1.00 0.00 ? 34  ASN A N    1 
ATOM 490  C CA   . ASN A 1 31  ? 4.164   2.198   -11.673 1.00 0.00 ? 34  ASN A CA   1 
ATOM 491  C C    . ASN A 1 31  ? 5.430   1.942   -10.854 1.00 0.00 ? 34  ASN A C    1 
ATOM 492  O O    . ASN A 1 31  ? 6.533   1.917   -11.398 1.00 0.00 ? 34  ASN A O    1 
ATOM 493  C CB   . ASN A 1 31  ? 4.158   3.671   -12.085 1.00 0.00 ? 34  ASN A CB   1 
ATOM 494  C CG   . ASN A 1 31  ? 3.091   3.938   -13.149 1.00 0.00 ? 34  ASN A CG   1 
ATOM 495  O OD1  . ASN A 1 31  ? 3.179   4.869   -13.934 1.00 0.00 ? 34  ASN A OD1  1 
ATOM 496  N ND2  . ASN A 1 31  ? 2.081   3.073   -13.132 1.00 0.00 ? 34  ASN A ND2  1 
ATOM 497  H H    . ASN A 1 31  ? 2.592   2.648   -10.382 1.00 0.00 ? 34  ASN A H    1 
ATOM 498  H HA   . ASN A 1 31  ? 4.097   1.552   -12.549 1.00 0.00 ? 34  ASN A HA   1 
ATOM 499  H HB2  . ASN A 1 31  ? 3.969   4.296   -11.212 1.00 0.00 ? 34  ASN A HB2  1 
ATOM 500  H HB3  . ASN A 1 31  ? 5.138   3.950   -12.471 1.00 0.00 ? 34  ASN A HB3  1 
ATOM 501  H HD21 . ASN A 1 31  ? 2.069   2.332   -12.461 1.00 0.00 ? 34  ASN A HD21 1 
ATOM 502  H HD22 . ASN A 1 31  ? 1.333   3.165   -13.790 1.00 0.00 ? 34  ASN A HD22 1 
ATOM 503  N N    . LEU A 1 32  ? 5.230   1.758   -9.557  1.00 0.00 ? 35  LEU A N    1 
ATOM 504  C CA   . LEU A 1 32  ? 6.342   1.505   -8.657  1.00 0.00 ? 35  LEU A CA   1 
ATOM 505  C C    . LEU A 1 32  ? 6.884   0.096   -8.906  1.00 0.00 ? 35  LEU A C    1 
ATOM 506  O O    . LEU A 1 32  ? 6.167   -0.889  -8.733  1.00 0.00 ? 35  LEU A O    1 
ATOM 507  C CB   . LEU A 1 32  ? 5.924   1.755   -7.206  1.00 0.00 ? 35  LEU A CB   1 
ATOM 508  C CG   . LEU A 1 32  ? 6.527   2.992   -6.538  1.00 0.00 ? 35  LEU A CG   1 
ATOM 509  C CD1  . LEU A 1 32  ? 6.789   4.097   -7.564  1.00 0.00 ? 35  LEU A CD1  1 
ATOM 510  C CD2  . LEU A 1 32  ? 5.645   3.479   -5.386  1.00 0.00 ? 35  LEU A CD2  1 
ATOM 511  H H    . LEU A 1 32  ? 4.330   1.780   -9.121  1.00 0.00 ? 35  LEU A H    1 
ATOM 512  H HA   . LEU A 1 32  ? 7.126   2.224   -8.895  1.00 0.00 ? 35  LEU A HA   1 
ATOM 513  H HB2  . LEU A 1 32  ? 4.838   1.841   -7.171  1.00 0.00 ? 35  LEU A HB2  1 
ATOM 514  H HB3  . LEU A 1 32  ? 6.193   0.880   -6.614  1.00 0.00 ? 35  LEU A HB3  1 
ATOM 515  H HG   . LEU A 1 32  ? 7.491   2.715   -6.111  1.00 0.00 ? 35  LEU A HG   1 
ATOM 516  H HD11 . LEU A 1 32  ? 6.018   4.068   -8.334  1.00 0.00 ? 35  LEU A HD11 1 
ATOM 517  H HD12 . LEU A 1 32  ? 6.771   5.066   -7.068  1.00 0.00 ? 35  LEU A HD12 1 
ATOM 518  H HD13 . LEU A 1 32  ? 7.766   3.942   -8.023  1.00 0.00 ? 35  LEU A HD13 1 
ATOM 519  H HD21 . LEU A 1 32  ? 5.160   4.412   -5.669  1.00 0.00 ? 35  LEU A HD21 1 
ATOM 520  H HD22 . LEU A 1 32  ? 4.888   2.727   -5.166  1.00 0.00 ? 35  LEU A HD22 1 
ATOM 521  H HD23 . LEU A 1 32  ? 6.261   3.643   -4.502  1.00 0.00 ? 35  LEU A HD23 1 
ATOM 522  N N    . GLN A 1 33  ? 8.145   0.045   -9.308  1.00 0.00 ? 36  GLN A N    1 
ATOM 523  C CA   . GLN A 1 33  ? 8.792   -1.227  -9.583  1.00 0.00 ? 36  GLN A CA   1 
ATOM 524  C C    . GLN A 1 33  ? 9.209   -1.905  -8.276  1.00 0.00 ? 36  GLN A C    1 
ATOM 525  O O    . GLN A 1 33  ? 9.288   -1.255  -7.234  1.00 0.00 ? 36  GLN A O    1 
ATOM 526  C CB   . GLN A 1 33  ? 9.993   -1.042  -10.512 1.00 0.00 ? 36  GLN A CB   1 
ATOM 527  C CG   . GLN A 1 33  ? 9.712   -1.631  -11.896 1.00 0.00 ? 36  GLN A CG   1 
ATOM 528  C CD   . GLN A 1 33  ? 10.933  -1.498  -12.808 1.00 0.00 ? 36  GLN A CD   1 
ATOM 529  O OE1  . GLN A 1 33  ? 12.039  -1.220  -12.371 1.00 0.00 ? 36  GLN A OE1  1 
ATOM 530  N NE2  . GLN A 1 33  ? 10.673  -1.711  -14.095 1.00 0.00 ? 36  GLN A NE2  1 
ATOM 531  H H    . GLN A 1 33  ? 8.722   0.850   -9.446  1.00 0.00 ? 36  GLN A H    1 
ATOM 532  H HA   . GLN A 1 33  ? 8.038   -1.832  -10.089 1.00 0.00 ? 36  GLN A HA   1 
ATOM 533  H HB2  . GLN A 1 33  ? 10.225  0.019   -10.605 1.00 0.00 ? 36  GLN A HB2  1 
ATOM 534  H HB3  . GLN A 1 33  ? 10.869  -1.524  -10.080 1.00 0.00 ? 36  GLN A HB3  1 
ATOM 535  H HG2  . GLN A 1 33  ? 9.438   -2.682  -11.800 1.00 0.00 ? 36  GLN A HG2  1 
ATOM 536  H HG3  . GLN A 1 33  ? 8.860   -1.120  -12.346 1.00 0.00 ? 36  GLN A HG3  1 
ATOM 537  H HE21 . GLN A 1 33  ? 9.744   -1.935  -14.387 1.00 0.00 ? 36  GLN A HE21 1 
ATOM 538  H HE22 . GLN A 1 33  ? 11.408  -1.647  -14.769 1.00 0.00 ? 36  GLN A HE22 1 
ATOM 539  N N    . THR A 1 34  ? 9.463   -3.201  -8.374  1.00 0.00 ? 37  THR A N    1 
ATOM 540  C CA   . THR A 1 34  ? 9.871   -3.973  -7.211  1.00 0.00 ? 37  THR A CA   1 
ATOM 541  C C    . THR A 1 34  ? 10.818  -5.100  -7.626  1.00 0.00 ? 37  THR A C    1 
ATOM 542  O O    . THR A 1 34  ? 10.831  -5.510  -8.785  1.00 0.00 ? 37  THR A O    1 
ATOM 543  C CB   . THR A 1 34  ? 8.607   -4.469  -6.507  1.00 0.00 ? 37  THR A CB   1 
ATOM 544  O OG1  . THR A 1 34  ? 9.009   -5.689  -5.891  1.00 0.00 ? 37  THR A OG1  1 
ATOM 545  C CG2  . THR A 1 34  ? 7.514   -4.890  -7.492  1.00 0.00 ? 37  THR A CG2  1 
ATOM 546  H H    . THR A 1 34  ? 9.396   -3.722  -9.224  1.00 0.00 ? 37  THR A H    1 
ATOM 547  H HA   . THR A 1 34  ? 10.428  -3.318  -6.542  1.00 0.00 ? 37  THR A HA   1 
ATOM 548  H HB   . THR A 1 34  ? 8.233   -3.722  -5.807  1.00 0.00 ? 37  THR A HB   1 
ATOM 549  H HG1  . THR A 1 34  ? 8.613   -5.757  -4.976  1.00 0.00 ? 37  THR A HG1  1 
ATOM 550  H HG21 . THR A 1 34  ? 7.828   -5.792  -8.017  1.00 0.00 ? 37  THR A HG21 1 
ATOM 551  H HG22 . THR A 1 34  ? 6.591   -5.088  -6.947  1.00 0.00 ? 37  THR A HG22 1 
ATOM 552  H HG23 . THR A 1 34  ? 7.346   -4.090  -8.212  1.00 0.00 ? 37  THR A HG23 1 
ATOM 553  N N    . PRO A 1 35  ? 11.607  -5.583  -6.629  1.00 0.00 ? 38  PRO A N    1 
ATOM 554  C CA   . PRO A 1 35  ? 12.555  -6.656  -6.879  1.00 0.00 ? 38  PRO A CA   1 
ATOM 555  C C    . PRO A 1 35  ? 11.839  -8.001  -7.010  1.00 0.00 ? 38  PRO A C    1 
ATOM 556  O O    . PRO A 1 35  ? 12.466  -9.015  -7.313  1.00 0.00 ? 38  PRO A O    1 
ATOM 557  C CB   . PRO A 1 35  ? 13.521  -6.608  -5.706  1.00 0.00 ? 38  PRO A CB   1 
ATOM 558  C CG   . PRO A 1 35  ? 12.813  -5.822  -4.614  1.00 0.00 ? 38  PRO A CG   1 
ATOM 559  C CD   . PRO A 1 35  ? 11.620  -5.122  -5.245  1.00 0.00 ? 38  PRO A CD   1 
ATOM 560  H HA   . PRO A 1 35  ? 13.024  -6.510  -7.750  1.00 0.00 ? 38  PRO A HA   1 
ATOM 561  H HB2  . PRO A 1 35  ? 13.770  -7.613  -5.364  1.00 0.00 ? 38  PRO A HB2  1 
ATOM 562  H HB3  . PRO A 1 35  ? 14.457  -6.127  -5.990  1.00 0.00 ? 38  PRO A HB3  1 
ATOM 563  H HG2  . PRO A 1 35  ? 12.486  -6.488  -3.815  1.00 0.00 ? 38  PRO A HG2  1 
ATOM 564  H HG3  . PRO A 1 35  ? 13.490  -5.095  -4.168  1.00 0.00 ? 38  PRO A HG3  1 
ATOM 565  H HD2  . PRO A 1 35  ? 10.693  -5.382  -4.733  1.00 0.00 ? 38  PRO A HD2  1 
ATOM 566  H HD3  . PRO A 1 35  ? 11.721  -4.038  -5.189  1.00 0.00 ? 38  PRO A HD3  1 
ATOM 567  N N    . THR A 1 36  ? 10.536  -7.967  -6.775  1.00 0.00 ? 39  THR A N    1 
ATOM 568  C CA   . THR A 1 36  ? 9.727   -9.171  -6.862  1.00 0.00 ? 39  THR A CA   1 
ATOM 569  C C    . THR A 1 36  ? 8.704   -9.045  -7.992  1.00 0.00 ? 39  THR A C    1 
ATOM 570  O O    . THR A 1 36  ? 9.064   -9.081  -9.168  1.00 0.00 ? 39  THR A O    1 
ATOM 571  C CB   . THR A 1 36  ? 9.092   -9.414  -5.492  1.00 0.00 ? 39  THR A CB   1 
ATOM 572  O OG1  . THR A 1 36  ? 7.988   -10.272 -5.769  1.00 0.00 ? 39  THR A OG1  1 
ATOM 573  C CG2  . THR A 1 36  ? 8.449   -8.153  -4.912  1.00 0.00 ? 39  THR A CG2  1 
ATOM 574  H H    . THR A 1 36  ? 10.034  -7.138  -6.529  1.00 0.00 ? 39  THR A H    1 
ATOM 575  H HA   . THR A 1 36  ? 10.381  -10.006 -7.115  1.00 0.00 ? 39  THR A HA   1 
ATOM 576  H HB   . THR A 1 36  ? 9.817   -9.837  -4.796  1.00 0.00 ? 39  THR A HB   1 
ATOM 577  H HG1  . THR A 1 36  ? 8.192   -11.202 -5.464  1.00 0.00 ? 39  THR A HG1  1 
ATOM 578  H HG21 . THR A 1 36  ? 9.201   -7.577  -4.374  1.00 0.00 ? 39  THR A HG21 1 
ATOM 579  H HG22 . THR A 1 36  ? 8.038   -7.550  -5.722  1.00 0.00 ? 39  THR A HG22 1 
ATOM 580  H HG23 . THR A 1 36  ? 7.649   -8.435  -4.228  1.00 0.00 ? 39  THR A HG23 1 
ATOM 581  N N    . ASN A 1 37  ? 7.447   -8.900  -7.597  1.00 0.00 ? 40  ASN A N    1 
ATOM 582  C CA   . ASN A 1 37  ? 6.369   -8.768  -8.562  1.00 0.00 ? 40  ASN A CA   1 
ATOM 583  C C    . ASN A 1 37  ? 5.076   -8.407  -7.829  1.00 0.00 ? 40  ASN A C    1 
ATOM 584  O O    . ASN A 1 37  ? 4.781   -8.962  -6.772  1.00 0.00 ? 40  ASN A O    1 
ATOM 585  C CB   . ASN A 1 37  ? 6.137   -10.083 -9.310  1.00 0.00 ? 40  ASN A CB   1 
ATOM 586  C CG   . ASN A 1 37  ? 4.906   -9.989  -10.214 1.00 0.00 ? 40  ASN A CG   1 
ATOM 587  O OD1  . ASN A 1 37  ? 5.000   -9.861  -11.424 1.00 0.00 ? 40  ASN A OD1  1 
ATOM 588  N ND2  . ASN A 1 37  ? 3.749   -10.059 -9.561  1.00 0.00 ? 40  ASN A ND2  1 
ATOM 589  H H    . ASN A 1 37  ? 7.163   -8.871  -6.639  1.00 0.00 ? 40  ASN A H    1 
ATOM 590  H HA   . ASN A 1 37  ? 6.693   -7.986  -9.248  1.00 0.00 ? 40  ASN A HA   1 
ATOM 591  H HB2  . ASN A 1 37  ? 7.015   -10.324 -9.910  1.00 0.00 ? 40  ASN A HB2  1 
ATOM 592  H HB3  . ASN A 1 37  ? 6.006   -10.894 -8.595  1.00 0.00 ? 40  ASN A HB3  1 
ATOM 593  H HD21 . ASN A 1 37  ? 3.741   -10.164 -8.567  1.00 0.00 ? 40  ASN A HD21 1 
ATOM 594  H HD22 . ASN A 1 37  ? 2.887   -10.006 -10.066 1.00 0.00 ? 40  ASN A HD22 1 
ATOM 595  N N    . LYS A 1 38  ? 4.339   -7.477  -8.419  1.00 0.00 ? 41  LYS A N    1 
ATOM 596  C CA   . LYS A 1 38  ? 3.084   -7.035  -7.837  1.00 0.00 ? 41  LYS A CA   1 
ATOM 597  C C    . LYS A 1 38  ? 1.946   -7.918  -8.353  1.00 0.00 ? 41  LYS A C    1 
ATOM 598  O O    . LYS A 1 38  ? 1.808   -8.115  -9.559  1.00 0.00 ? 41  LYS A O    1 
ATOM 599  C CB   . LYS A 1 38  ? 2.870   -5.541  -8.095  1.00 0.00 ? 41  LYS A CB   1 
ATOM 600  C CG   . LYS A 1 38  ? 3.637   -4.693  -7.079  1.00 0.00 ? 41  LYS A CG   1 
ATOM 601  C CD   . LYS A 1 38  ? 3.627   -3.217  -7.480  1.00 0.00 ? 41  LYS A CD   1 
ATOM 602  C CE   . LYS A 1 38  ? 2.998   -2.355  -6.383  1.00 0.00 ? 41  LYS A CE   1 
ATOM 603  N NZ   . LYS A 1 38  ? 3.696   -2.566  -5.094  1.00 0.00 ? 41  LYS A NZ   1 
ATOM 604  H H    . LYS A 1 38  ? 4.586   -7.030  -9.279  1.00 0.00 ? 41  LYS A H    1 
ATOM 605  H HA   . LYS A 1 38  ? 3.161   -7.167  -6.757  1.00 0.00 ? 41  LYS A HA   1 
ATOM 606  H HB2  . LYS A 1 38  ? 3.198   -5.293  -9.104  1.00 0.00 ? 41  LYS A HB2  1 
ATOM 607  H HB3  . LYS A 1 38  ? 1.807   -5.309  -8.041  1.00 0.00 ? 41  LYS A HB3  1 
ATOM 608  H HG2  . LYS A 1 38  ? 3.190   -4.809  -6.092  1.00 0.00 ? 41  LYS A HG2  1 
ATOM 609  H HG3  . LYS A 1 38  ? 4.666   -5.048  -7.007  1.00 0.00 ? 41  LYS A HG3  1 
ATOM 610  H HD2  . LYS A 1 38  ? 4.646   -2.881  -7.671  1.00 0.00 ? 41  LYS A HD2  1 
ATOM 611  H HD3  . LYS A 1 38  ? 3.071   -3.092  -8.408  1.00 0.00 ? 41  LYS A HD3  1 
ATOM 612  H HE2  . LYS A 1 38  ? 3.050   -1.304  -6.662  1.00 0.00 ? 41  LYS A HE2  1 
ATOM 613  H HE3  . LYS A 1 38  ? 1.942   -2.605  -6.276  1.00 0.00 ? 41  LYS A HE3  1 
ATOM 614  H HZ1  . LYS A 1 38  ? 3.028   -2.575  -4.351  1.00 0.00 ? 41  LYS A HZ1  1 
ATOM 615  H HZ2  . LYS A 1 38  ? 4.180   -3.441  -5.117  1.00 0.00 ? 41  LYS A HZ2  1 
ATOM 616  H HZ3  . LYS A 1 38  ? 4.352   -1.826  -4.945  1.00 0.00 ? 41  LYS A HZ3  1 
ATOM 617  N N    . LEU A 1 39  ? 1.162   -8.427  -7.414  1.00 0.00 ? 42  LEU A N    1 
ATOM 618  C CA   . LEU A 1 39  ? 0.042   -9.284  -7.760  1.00 0.00 ? 42  LEU A CA   1 
ATOM 619  C C    . LEU A 1 39  ? -1.260  -8.486  -7.647  1.00 0.00 ? 42  LEU A C    1 
ATOM 620  O O    . LEU A 1 39  ? -1.752  -7.953  -8.639  1.00 0.00 ? 42  LEU A O    1 
ATOM 621  C CB   . LEU A 1 39  ? 0.058   -10.556 -6.910  1.00 0.00 ? 42  LEU A CB   1 
ATOM 622  C CG   . LEU A 1 39  ? 0.193   -11.874 -7.676  1.00 0.00 ? 42  LEU A CG   1 
ATOM 623  C CD1  . LEU A 1 39  ? 1.383   -11.828 -8.638  1.00 0.00 ? 42  LEU A CD1  1 
ATOM 624  C CD2  . LEU A 1 39  ? 0.279   -13.061 -6.714  1.00 0.00 ? 42  LEU A CD2  1 
ATOM 625  H H    . LEU A 1 39  ? 1.282   -8.262  -6.435  1.00 0.00 ? 42  LEU A H    1 
ATOM 626  H HA   . LEU A 1 39  ? 0.171   -9.589  -8.798  1.00 0.00 ? 42  LEU A HA   1 
ATOM 627  H HB2  . LEU A 1 39  ? 0.882   -10.484 -6.200  1.00 0.00 ? 42  LEU A HB2  1 
ATOM 628  H HB3  . LEU A 1 39  ? -0.862  -10.591 -6.326  1.00 0.00 ? 42  LEU A HB3  1 
ATOM 629  H HG   . LEU A 1 39  ? -0.704  -12.012 -8.279  1.00 0.00 ? 42  LEU A HG   1 
ATOM 630  H HD11 . LEU A 1 39  ? 2.167   -12.494 -8.277  1.00 0.00 ? 42  LEU A HD11 1 
ATOM 631  H HD12 . LEU A 1 39  ? 1.061   -12.148 -9.628  1.00 0.00 ? 42  LEU A HD12 1 
ATOM 632  H HD13 . LEU A 1 39  ? 1.767   -10.810 -8.692  1.00 0.00 ? 42  LEU A HD13 1 
ATOM 633  H HD21 . LEU A 1 39  ? 0.750   -12.742 -5.784  1.00 0.00 ? 42  LEU A HD21 1 
ATOM 634  H HD22 . LEU A 1 39  ? -0.724  -13.432 -6.505  1.00 0.00 ? 42  LEU A HD22 1 
ATOM 635  H HD23 . LEU A 1 39  ? 0.872   -13.854 -7.169  1.00 0.00 ? 42  LEU A HD23 1 
ATOM 636  N N    . PHE A 1 40  ? -1.779  -8.430  -6.430  1.00 0.00 ? 43  PHE A N    1 
ATOM 637  C CA   . PHE A 1 40  ? -3.012  -7.707  -6.175  1.00 0.00 ? 43  PHE A CA   1 
ATOM 638  C C    . PHE A 1 40  ? -2.730  -6.358  -5.510  1.00 0.00 ? 43  PHE A C    1 
ATOM 639  O O    . PHE A 1 40  ? -1.711  -6.193  -4.839  1.00 0.00 ? 43  PHE A O    1 
ATOM 640  C CB   . PHE A 1 40  ? -3.846  -8.565  -5.221  1.00 0.00 ? 43  PHE A CB   1 
ATOM 641  C CG   . PHE A 1 40  ? -5.301  -8.111  -5.085  1.00 0.00 ? 43  PHE A CG   1 
ATOM 642  C CD1  . PHE A 1 40  ? -6.166  -8.282  -6.120  1.00 0.00 ? 43  PHE A CD1  1 
ATOM 643  C CD2  . PHE A 1 40  ? -5.729  -7.536  -3.930  1.00 0.00 ? 43  PHE A CD2  1 
ATOM 644  C CE1  . PHE A 1 40  ? -7.516  -7.861  -5.994  1.00 0.00 ? 43  PHE A CE1  1 
ATOM 645  C CE2  . PHE A 1 40  ? -7.078  -7.114  -3.804  1.00 0.00 ? 43  PHE A CE2  1 
ATOM 646  C CZ   . PHE A 1 40  ? -7.944  -7.286  -4.838  1.00 0.00 ? 43  PHE A CZ   1 
ATOM 647  H H    . PHE A 1 40  ? -1.372  -8.867  -5.627  1.00 0.00 ? 43  PHE A H    1 
ATOM 648  H HA   . PHE A 1 40  ? -3.495  -7.542  -7.137  1.00 0.00 ? 43  PHE A HA   1 
ATOM 649  H HB2  . PHE A 1 40  ? -3.830  -9.597  -5.571  1.00 0.00 ? 43  PHE A HB2  1 
ATOM 650  H HB3  . PHE A 1 40  ? -3.379  -8.555  -4.236  1.00 0.00 ? 43  PHE A HB3  1 
ATOM 651  H HD1  . PHE A 1 40  ? -5.823  -8.744  -7.046  1.00 0.00 ? 43  PHE A HD1  1 
ATOM 652  H HD2  . PHE A 1 40  ? -5.035  -7.398  -3.100  1.00 0.00 ? 43  PHE A HD2  1 
ATOM 653  H HE1  . PHE A 1 40  ? -8.211  -7.998  -6.824  1.00 0.00 ? 43  PHE A HE1  1 
ATOM 654  H HE2  . PHE A 1 40  ? -7.421  -6.653  -2.877  1.00 0.00 ? 43  PHE A HE2  1 
ATOM 655  H HZ   . PHE A 1 40  ? -8.980  -6.962  -4.741  1.00 0.00 ? 43  PHE A HZ   1 
ATOM 656  N N    . ILE A 1 41  ? -3.649  -5.426  -5.721  1.00 0.00 ? 44  ILE A N    1 
ATOM 657  C CA   . ILE A 1 41  ? -3.511  -4.097  -5.151  1.00 0.00 ? 44  ILE A CA   1 
ATOM 658  C C    . ILE A 1 41  ? -4.886  -3.588  -4.715  1.00 0.00 ? 44  ILE A C    1 
ATOM 659  O O    . ILE A 1 41  ? -5.775  -3.400  -5.544  1.00 0.00 ? 44  ILE A O    1 
ATOM 660  C CB   . ILE A 1 41  ? -2.793  -3.166  -6.131  1.00 0.00 ? 44  ILE A CB   1 
ATOM 661  C CG1  . ILE A 1 41  ? -1.369  -3.653  -6.406  1.00 0.00 ? 44  ILE A CG1  1 
ATOM 662  C CG2  . ILE A 1 41  ? -2.818  -1.720  -5.632  1.00 0.00 ? 44  ILE A CG2  1 
ATOM 663  C CD1  . ILE A 1 41  ? -0.717  -2.835  -7.524  1.00 0.00 ? 44  ILE A CD1  1 
ATOM 664  H H    . ILE A 1 41  ? -4.474  -5.568  -6.268  1.00 0.00 ? 44  ILE A H    1 
ATOM 665  H HA   . ILE A 1 41  ? -2.878  -4.184  -4.267  1.00 0.00 ? 44  ILE A HA   1 
ATOM 666  H HB   . ILE A 1 41  ? -3.331  -3.189  -7.079  1.00 0.00 ? 44  ILE A HB   1 
ATOM 667  H HG12 . ILE A 1 41  ? -0.773  -3.575  -5.498  1.00 0.00 ? 44  ILE A HG12 1 
ATOM 668  H HG13 . ILE A 1 41  ? -1.389  -4.706  -6.686  1.00 0.00 ? 44  ILE A HG13 1 
ATOM 669  H HG21 . ILE A 1 41  ? -3.136  -1.062  -6.441  1.00 0.00 ? 44  ILE A HG21 1 
ATOM 670  H HG22 . ILE A 1 41  ? -3.517  -1.635  -4.799  1.00 0.00 ? 44  ILE A HG22 1 
ATOM 671  H HG23 . ILE A 1 41  ? -1.820  -1.433  -5.300  1.00 0.00 ? 44  ILE A HG23 1 
ATOM 672  H HD11 . ILE A 1 41  ? -0.427  -1.858  -7.137  1.00 0.00 ? 44  ILE A HD11 1 
ATOM 673  H HD12 . ILE A 1 41  ? 0.166   -3.359  -7.889  1.00 0.00 ? 44  ILE A HD12 1 
ATOM 674  H HD13 . ILE A 1 41  ? -1.427  -2.705  -8.341  1.00 0.00 ? 44  ILE A HD13 1 
ATOM 675  N N    . LYS A 1 42  ? -5.020  -3.380  -3.413  1.00 0.00 ? 45  LYS A N    1 
ATOM 676  C CA   . LYS A 1 42  ? -6.272  -2.897  -2.856  1.00 0.00 ? 45  LYS A CA   1 
ATOM 677  C C    . LYS A 1 42  ? -6.058  -1.501  -2.269  1.00 0.00 ? 45  LYS A C    1 
ATOM 678  O O    . LYS A 1 42  ? -5.179  -1.303  -1.432  1.00 0.00 ? 45  LYS A O    1 
ATOM 679  C CB   . LYS A 1 42  ? -6.837  -3.905  -1.855  1.00 0.00 ? 45  LYS A CB   1 
ATOM 680  C CG   . LYS A 1 42  ? -8.308  -3.611  -1.552  1.00 0.00 ? 45  LYS A CG   1 
ATOM 681  C CD   . LYS A 1 42  ? -9.226  -4.301  -2.564  1.00 0.00 ? 45  LYS A CD   1 
ATOM 682  C CE   . LYS A 1 42  ? -10.618 -3.667  -2.560  1.00 0.00 ? 45  LYS A CE   1 
ATOM 683  N NZ   . LYS A 1 42  ? -11.653 -4.691  -2.832  1.00 0.00 ? 45  LYS A NZ   1 
ATOM 684  H H    . LYS A 1 42  ? -4.292  -3.536  -2.744  1.00 0.00 ? 45  LYS A H    1 
ATOM 685  H HA   . LYS A 1 42  ? -6.986  -2.822  -3.676  1.00 0.00 ? 45  LYS A HA   1 
ATOM 686  H HB2  . LYS A 1 42  ? -6.740  -4.915  -2.254  1.00 0.00 ? 45  LYS A HB2  1 
ATOM 687  H HB3  . LYS A 1 42  ? -6.258  -3.871  -0.932  1.00 0.00 ? 45  LYS A HB3  1 
ATOM 688  H HG2  . LYS A 1 42  ? -8.551  -3.952  -0.545  1.00 0.00 ? 45  LYS A HG2  1 
ATOM 689  H HG3  . LYS A 1 42  ? -8.479  -2.535  -1.574  1.00 0.00 ? 45  LYS A HG3  1 
ATOM 690  H HD2  . LYS A 1 42  ? -8.791  -4.228  -3.561  1.00 0.00 ? 45  LYS A HD2  1 
ATOM 691  H HD3  . LYS A 1 42  ? -9.303  -5.361  -2.326  1.00 0.00 ? 45  LYS A HD3  1 
ATOM 692  H HE2  . LYS A 1 42  ? -10.808 -3.196  -1.596  1.00 0.00 ? 45  LYS A HE2  1 
ATOM 693  H HE3  . LYS A 1 42  ? -10.669 -2.882  -3.315  1.00 0.00 ? 45  LYS A HE3  1 
ATOM 694  H HZ1  . LYS A 1 42  ? -12.285 -4.349  -3.527  1.00 0.00 ? 45  LYS A HZ1  1 
ATOM 695  H HZ2  . LYS A 1 42  ? -11.215 -5.527  -3.162  1.00 0.00 ? 45  LYS A HZ2  1 
ATOM 696  H HZ3  . LYS A 1 42  ? -12.156 -4.886  -1.991  1.00 0.00 ? 45  LYS A HZ3  1 
ATOM 697  N N    . ILE A 1 43  ? -6.877  -0.567  -2.732  1.00 0.00 ? 46  ILE A N    1 
ATOM 698  C CA   . ILE A 1 43  ? -6.790  0.806   -2.262  1.00 0.00 ? 46  ILE A CA   1 
ATOM 699  C C    . ILE A 1 43  ? -8.147  1.236   -1.703  1.00 0.00 ? 46  ILE A C    1 
ATOM 700  O O    . ILE A 1 43  ? -9.132  1.304   -2.437  1.00 0.00 ? 46  ILE A O    1 
ATOM 701  C CB   . ILE A 1 43  ? -6.264  1.718   -3.372  1.00 0.00 ? 46  ILE A CB   1 
ATOM 702  C CG1  . ILE A 1 43  ? -4.904  1.236   -3.881  1.00 0.00 ? 46  ILE A CG1  1 
ATOM 703  C CG2  . ILE A 1 43  ? -6.218  3.175   -2.908  1.00 0.00 ? 46  ILE A CG2  1 
ATOM 704  C CD1  . ILE A 1 43  ? -4.485  2.002   -5.137  1.00 0.00 ? 46  ILE A CD1  1 
ATOM 705  H H    . ILE A 1 43  ? -7.590  -0.736  -3.413  1.00 0.00 ? 46  ILE A H    1 
ATOM 706  H HA   . ILE A 1 43  ? -6.059  0.828   -1.454  1.00 0.00 ? 46  ILE A HA   1 
ATOM 707  H HB   . ILE A 1 43  ? -6.957  1.670   -4.212  1.00 0.00 ? 46  ILE A HB   1 
ATOM 708  H HG12 . ILE A 1 43  ? -4.152  1.368   -3.102  1.00 0.00 ? 46  ILE A HG12 1 
ATOM 709  H HG13 . ILE A 1 43  ? -4.951  0.169   -4.100  1.00 0.00 ? 46  ILE A HG13 1 
ATOM 710  H HG21 . ILE A 1 43  ? -5.914  3.812   -3.738  1.00 0.00 ? 46  ILE A HG21 1 
ATOM 711  H HG22 . ILE A 1 43  ? -7.206  3.477   -2.560  1.00 0.00 ? 46  ILE A HG22 1 
ATOM 712  H HG23 . ILE A 1 43  ? -5.500  3.274   -2.093  1.00 0.00 ? 46  ILE A HG23 1 
ATOM 713  H HD11 . ILE A 1 43  ? -5.372  2.275   -5.709  1.00 0.00 ? 46  ILE A HD11 1 
ATOM 714  H HD12 . ILE A 1 43  ? -3.948  2.906   -4.848  1.00 0.00 ? 46  ILE A HD12 1 
ATOM 715  H HD13 . ILE A 1 43  ? -3.837  1.373   -5.747  1.00 0.00 ? 46  ILE A HD13 1 
ATOM 716  N N    . CYS A 1 44  ? -8.156  1.515   -0.408  1.00 0.00 ? 47  CYS A N    1 
ATOM 717  C CA   . CYS A 1 44  ? -9.377  1.938   0.258   1.00 0.00 ? 47  CYS A CA   1 
ATOM 718  C C    . CYS A 1 44  ? -9.097  3.257   0.981   1.00 0.00 ? 47  CYS A C    1 
ATOM 719  O O    . CYS A 1 44  ? -8.044  3.422   1.594   1.00 0.00 ? 47  CYS A O    1 
ATOM 720  C CB   . CYS A 1 44  ? -9.900  0.864   1.213   1.00 0.00 ? 47  CYS A CB   1 
ATOM 721  S SG   . CYS A 1 44  ? -11.621 1.246   1.702   1.00 0.00 ? 47  CYS A SG   1 
ATOM 722  H H    . CYS A 1 44  ? -7.350  1.457   0.182   1.00 0.00 ? 47  CYS A H    1 
ATOM 723  H HA   . CYS A 1 44  ? -10.127 2.074   -0.521  1.00 0.00 ? 47  CYS A HA   1 
ATOM 724  H HB2  . CYS A 1 44  ? -9.859  -0.114  0.733   1.00 0.00 ? 47  CYS A HB2  1 
ATOM 725  H HB3  . CYS A 1 44  ? -9.265  0.811   2.098   1.00 0.00 ? 47  CYS A HB3  1 
ATOM 726  H HG   . CYS A 1 44  ? -11.309 1.864   2.838   1.00 0.00 ? 47  CYS A HG   1 
ATOM 727  N N    . ARG A 1 45  ? -10.059 4.163   0.884   1.00 0.00 ? 48  ARG A N    1 
ATOM 728  C CA   . ARG A 1 45  ? -9.930  5.462   1.521   1.00 0.00 ? 48  ARG A CA   1 
ATOM 729  C C    . ARG A 1 45  ? -10.646 5.465   2.873   1.00 0.00 ? 48  ARG A C    1 
ATOM 730  O O    . ARG A 1 45  ? -11.695 4.841   3.025   1.00 0.00 ? 48  ARG A O    1 
ATOM 731  C CB   . ARG A 1 45  ? -10.515 6.568   0.640   1.00 0.00 ? 48  ARG A CB   1 
ATOM 732  C CG   . ARG A 1 45  ? -9.964  7.938   1.041   1.00 0.00 ? 48  ARG A CG   1 
ATOM 733  C CD   . ARG A 1 45  ? -10.583 9.048   0.188   1.00 0.00 ? 48  ARG A CD   1 
ATOM 734  N NE   . ARG A 1 45  ? -10.215 10.372  0.738   1.00 0.00 ? 48  ARG A NE   1 
ATOM 735  C CZ   . ARG A 1 45  ? -10.888 11.503  0.486   1.00 0.00 ? 48  ARG A CZ   1 
ATOM 736  N NH1  . ARG A 1 45  ? -11.968 11.478  -0.308  1.00 0.00 ? 48  ARG A NH1  1 
ATOM 737  N NH2  . ARG A 1 45  ? -10.482 12.659  1.029   1.00 0.00 ? 48  ARG A NH2  1 
ATOM 738  H H    . ARG A 1 45  ? -10.913 4.021   0.383   1.00 0.00 ? 48  ARG A H    1 
ATOM 739  H HA   . ARG A 1 45  ? -8.857  5.606   1.645   1.00 0.00 ? 48  ARG A HA   1 
ATOM 740  H HB2  . ARG A 1 45  ? -10.279 6.369   -0.406  1.00 0.00 ? 48  ARG A HB2  1 
ATOM 741  H HB3  . ARG A 1 45  ? -11.602 6.570   0.726   1.00 0.00 ? 48  ARG A HB3  1 
ATOM 742  H HG2  . ARG A 1 45  ? -10.173 8.124   2.094   1.00 0.00 ? 48  ARG A HG2  1 
ATOM 743  H HG3  . ARG A 1 45  ? -8.881  7.947   0.924   1.00 0.00 ? 48  ARG A HG3  1 
ATOM 744  H HD2  . ARG A 1 45  ? -10.236 8.964   -0.842  1.00 0.00 ? 48  ARG A HD2  1 
ATOM 745  H HD3  . ARG A 1 45  ? -11.668 8.942   0.170   1.00 0.00 ? 48  ARG A HD3  1 
ATOM 746  H HE   . ARG A 1 45  ? -9.415  10.427  1.335   1.00 0.00 ? 48  ARG A HE   1 
ATOM 747  H HH11 . ARG A 1 45  ? -12.270 10.615  -0.712  1.00 0.00 ? 48  ARG A HH11 1 
ATOM 748  H HH12 . ARG A 1 45  ? -12.470 12.322  -0.496  1.00 0.00 ? 48  ARG A HH12 1 
ATOM 749  H HH21 . ARG A 1 45  ? -9.677  12.678  1.621   1.00 0.00 ? 48  ARG A HH21 1 
ATOM 750  H HH22 . ARG A 1 45  ? -10.985 13.503  0.841   1.00 0.00 ? 48  ARG A HH22 1 
ATOM 751  N N    . GLU A 1 46  ? -10.050 6.173   3.821   1.00 0.00 ? 49  GLU A N    1 
ATOM 752  C CA   . GLU A 1 46  ? -10.618 6.264   5.156   1.00 0.00 ? 49  GLU A CA   1 
ATOM 753  C C    . GLU A 1 46  ? -10.372 7.656   5.743   1.00 0.00 ? 49  GLU A C    1 
ATOM 754  O O    . GLU A 1 46  ? -9.268  8.188   5.647   1.00 0.00 ? 49  GLU A O    1 
ATOM 755  C CB   . GLU A 1 46  ? -10.049 5.176   6.069   1.00 0.00 ? 49  GLU A CB   1 
ATOM 756  C CG   . GLU A 1 46  ? -10.529 5.365   7.509   1.00 0.00 ? 49  GLU A CG   1 
ATOM 757  C CD   . GLU A 1 46  ? -12.042 5.578   7.560   1.00 0.00 ? 49  GLU A CD   1 
ATOM 758  O OE1  . GLU A 1 46  ? -12.738 4.904   6.772   1.00 0.00 ? 49  GLU A OE1  1 
ATOM 759  O OE2  . GLU A 1 46  ? -12.470 6.413   8.387   1.00 0.00 ? 49  GLU A OE2  1 
ATOM 760  H H    . GLU A 1 46  ? -9.197  6.677   3.689   1.00 0.00 ? 49  GLU A H    1 
ATOM 761  H HA   . GLU A 1 46  ? -11.688 6.100   5.027   1.00 0.00 ? 49  GLU A HA   1 
ATOM 762  H HB2  . GLU A 1 46  ? -10.356 4.196   5.705   1.00 0.00 ? 49  GLU A HB2  1 
ATOM 763  H HB3  . GLU A 1 46  ? -8.961  5.202   6.037   1.00 0.00 ? 49  GLU A HB3  1 
ATOM 764  H HG2  . GLU A 1 46  ? -10.261 4.490   8.102   1.00 0.00 ? 49  GLU A HG2  1 
ATOM 765  H HG3  . GLU A 1 46  ? -10.021 6.220   7.956   1.00 0.00 ? 49  GLU A HG3  1 
ATOM 766  N N    . LEU A 1 47  ? -11.421 8.206   6.336   1.00 0.00 ? 50  LEU A N    1 
ATOM 767  C CA   . LEU A 1 47  ? -11.334 9.525   6.939   1.00 0.00 ? 50  LEU A CA   1 
ATOM 768  C C    . LEU A 1 47  ? -11.109 9.379   8.445   1.00 0.00 ? 50  LEU A C    1 
ATOM 769  O O    . LEU A 1 47  ? -11.767 8.572   9.099   1.00 0.00 ? 50  LEU A O    1 
ATOM 770  C CB   . LEU A 1 47  ? -12.564 10.361  6.578   1.00 0.00 ? 50  LEU A CB   1 
ATOM 771  C CG   . LEU A 1 47  ? -12.530 11.052  5.214   1.00 0.00 ? 50  LEU A CG   1 
ATOM 772  C CD1  . LEU A 1 47  ? -11.497 12.180  5.196   1.00 0.00 ? 50  LEU A CD1  1 
ATOM 773  C CD2  . LEU A 1 47  ? -12.290 10.038  4.092   1.00 0.00 ? 50  LEU A CD2  1 
ATOM 774  H H    . LEU A 1 47  ? -12.317 7.766   6.409   1.00 0.00 ? 50  LEU A H    1 
ATOM 775  H HA   . LEU A 1 47  ? -10.467 10.025  6.507   1.00 0.00 ? 50  LEU A HA   1 
ATOM 776  H HB2  . LEU A 1 47  ? -13.441 9.715   6.615   1.00 0.00 ? 50  LEU A HB2  1 
ATOM 777  H HB3  . LEU A 1 47  ? -12.697 11.124  7.346   1.00 0.00 ? 50  LEU A HB3  1 
ATOM 778  H HG   . LEU A 1 47  ? -13.504 11.505  5.035   1.00 0.00 ? 50  LEU A HG   1 
ATOM 779  H HD11 . LEU A 1 47  ? -12.010 13.142  5.195   1.00 0.00 ? 50  LEU A HD11 1 
ATOM 780  H HD12 . LEU A 1 47  ? -10.863 12.107  6.080   1.00 0.00 ? 50  LEU A HD12 1 
ATOM 781  H HD13 . LEU A 1 47  ? -10.881 12.096  4.301   1.00 0.00 ? 50  LEU A HD13 1 
ATOM 782  H HD21 . LEU A 1 47  ? -11.546 9.309   4.415   1.00 0.00 ? 50  LEU A HD21 1 
ATOM 783  H HD22 . LEU A 1 47  ? -13.223 9.527   3.860   1.00 0.00 ? 50  LEU A HD22 1 
ATOM 784  H HD23 . LEU A 1 47  ? -11.929 10.558  3.205   1.00 0.00 ? 50  LEU A HD23 1 
ATOM 785  N N    . HIS A 1 48  ? -10.177 10.173  8.951   1.00 0.00 ? 51  HIS A N    1 
ATOM 786  C CA   . HIS A 1 48  ? -9.857  10.143  10.368  1.00 0.00 ? 51  HIS A CA   1 
ATOM 787  C C    . HIS A 1 48  ? -10.856 11.009  11.139  1.00 0.00 ? 51  HIS A C    1 
ATOM 788  O O    . HIS A 1 48  ? -11.440 11.935  10.580  1.00 0.00 ? 51  HIS A O    1 
ATOM 789  C CB   . HIS A 1 48  ? -8.404  10.560  10.606  1.00 0.00 ? 51  HIS A CB   1 
ATOM 790  C CG   . HIS A 1 48  ? -7.394  9.494   10.257  1.00 0.00 ? 51  HIS A CG   1 
ATOM 791  N ND1  . HIS A 1 48  ? -6.034  9.655   10.456  1.00 0.00 ? 51  HIS A ND1  1 
ATOM 792  C CD2  . HIS A 1 48  ? -7.560  8.251   9.719   1.00 0.00 ? 51  HIS A CD2  1 
ATOM 793  C CE1  . HIS A 1 48  ? -5.418  8.552   10.053  1.00 0.00 ? 51  HIS A CE1  1 
ATOM 794  N NE2  . HIS A 1 48  ? -6.366  7.683   9.597   1.00 0.00 ? 51  HIS A NE2  1 
ATOM 795  H H    . HIS A 1 48  ? -9.646  10.828  8.412   1.00 0.00 ? 51  HIS A H    1 
ATOM 796  H HA   . HIS A 1 48  ? -9.963  9.107   10.690  1.00 0.00 ? 51  HIS A HA   1 
ATOM 797  H HB2  . HIS A 1 48  ? -8.192  11.453  10.018  1.00 0.00 ? 51  HIS A HB2  1 
ATOM 798  H HB3  . HIS A 1 48  ? -8.282  10.831  11.654  1.00 0.00 ? 51  HIS A HB3  1 
ATOM 799  H HD2  . HIS A 1 48  ? -8.512  7.800   9.438   1.00 0.00 ? 51  HIS A HD2  1 
ATOM 800  H HE1  . HIS A 1 48  ? -4.344  8.372   10.082  1.00 0.00 ? 51  HIS A HE1  1 
ATOM 801  H HE2  . HIS A 1 48  ? -6.195  6.749   9.283   1.00 0.00 ? 51  HIS A HE2  1 
ATOM 802  N N    . GLU A 1 49  ? -11.021 10.675  12.411  1.00 0.00 ? 52  GLU A N    1 
ATOM 803  C CA   . GLU A 1 49  ? -11.938 11.411  13.264  1.00 0.00 ? 52  GLU A CA   1 
ATOM 804  C C    . GLU A 1 49  ? -11.345 12.772  13.633  1.00 0.00 ? 52  GLU A C    1 
ATOM 805  O O    . GLU A 1 49  ? -12.017 13.600  14.246  1.00 0.00 ? 52  GLU A O    1 
ATOM 806  C CB   . GLU A 1 49  ? -12.285 10.606  14.519  1.00 0.00 ? 52  GLU A CB   1 
ATOM 807  C CG   . GLU A 1 49  ? -13.794 10.372  14.620  1.00 0.00 ? 52  GLU A CG   1 
ATOM 808  C CD   . GLU A 1 49  ? -14.107 9.204   15.555  1.00 0.00 ? 52  GLU A CD   1 
ATOM 809  O OE1  . GLU A 1 49  ? -13.769 9.329   16.752  1.00 0.00 ? 52  GLU A OE1  1 
ATOM 810  O OE2  . GLU A 1 49  ? -14.676 8.210   15.053  1.00 0.00 ? 52  GLU A OE2  1 
ATOM 811  H H    . GLU A 1 49  ? -10.541 9.921   12.857  1.00 0.00 ? 52  GLU A H    1 
ATOM 812  H HA   . GLU A 1 49  ? -12.841 11.550  12.667  1.00 0.00 ? 52  GLU A HA   1 
ATOM 813  H HB2  . GLU A 1 49  ? -11.767 9.648   14.494  1.00 0.00 ? 52  GLU A HB2  1 
ATOM 814  H HB3  . GLU A 1 49  ? -11.936 11.137  15.403  1.00 0.00 ? 52  GLU A HB3  1 
ATOM 815  H HG2  . GLU A 1 49  ? -14.282 11.276  14.985  1.00 0.00 ? 52  GLU A HG2  1 
ATOM 816  H HG3  . GLU A 1 49  ? -14.202 10.169  13.629  1.00 0.00 ? 52  GLU A HG3  1 
ATOM 817  N N    . ASN A 1 50  ? -10.093 12.962  13.245  1.00 0.00 ? 53  ASN A N    1 
ATOM 818  C CA   . ASN A 1 50  ? -9.402  14.208  13.526  1.00 0.00 ? 53  ASN A CA   1 
ATOM 819  C C    . ASN A 1 50  ? -9.711  15.219  12.421  1.00 0.00 ? 53  ASN A C    1 
ATOM 820  O O    . ASN A 1 50  ? -9.227  16.349  12.456  1.00 0.00 ? 53  ASN A O    1 
ATOM 821  C CB   . ASN A 1 50  ? -7.886  14.000  13.567  1.00 0.00 ? 53  ASN A CB   1 
ATOM 822  C CG   . ASN A 1 50  ? -7.396  13.820  15.004  1.00 0.00 ? 53  ASN A CG   1 
ATOM 823  O OD1  . ASN A 1 50  ? -8.167  13.648  15.934  1.00 0.00 ? 53  ASN A OD1  1 
ATOM 824  N ND2  . ASN A 1 50  ? -6.073  13.869  15.135  1.00 0.00 ? 53  ASN A ND2  1 
ATOM 825  H H    . ASN A 1 50  ? -9.553  12.282  12.746  1.00 0.00 ? 53  ASN A H    1 
ATOM 826  H HA   . ASN A 1 50  ? -9.773  14.527  14.500  1.00 0.00 ? 53  ASN A HA   1 
ATOM 827  H HB2  . ASN A 1 50  ? -7.619  13.125  12.976  1.00 0.00 ? 53  ASN A HB2  1 
ATOM 828  H HB3  . ASN A 1 50  ? -7.387  14.857  13.112  1.00 0.00 ? 53  ASN A HB3  1 
ATOM 829  H HD21 . ASN A 1 50  ? -5.496  14.014  14.330  1.00 0.00 ? 53  ASN A HD21 1 
ATOM 830  H HD22 . ASN A 1 50  ? -5.655  13.762  16.037  1.00 0.00 ? 53  ASN A HD22 1 
ATOM 831  N N    . GLY A 1 51  ? -10.516 14.777  11.466  1.00 0.00 ? 54  GLY A N    1 
ATOM 832  C CA   . GLY A 1 51  ? -10.896 15.629  10.353  1.00 0.00 ? 54  GLY A CA   1 
ATOM 833  C C    . GLY A 1 51  ? -9.853  15.569  9.235   1.00 0.00 ? 54  GLY A C    1 
ATOM 834  O O    . GLY A 1 51  ? -9.962  16.283  8.240   1.00 0.00 ? 54  GLY A O    1 
ATOM 835  H H    . GLY A 1 51  ? -10.906 13.856  11.445  1.00 0.00 ? 54  GLY A H    1 
ATOM 836  H HA2  . GLY A 1 51  ? -11.867 15.318  9.966   1.00 0.00 ? 54  GLY A HA2  1 
ATOM 837  H HA3  . GLY A 1 51  ? -11.006 16.657  10.698  1.00 0.00 ? 54  GLY A HA3  1 
ATOM 838  N N    . GLU A 1 52  ? -8.865  14.709  9.438   1.00 0.00 ? 55  GLU A N    1 
ATOM 839  C CA   . GLU A 1 52  ? -7.803  14.547  8.460   1.00 0.00 ? 55  GLU A CA   1 
ATOM 840  C C    . GLU A 1 52  ? -8.097  13.354  7.549   1.00 0.00 ? 55  GLU A C    1 
ATOM 841  O O    . GLU A 1 52  ? -8.504  12.293  8.020   1.00 0.00 ? 55  GLU A O    1 
ATOM 842  C CB   . GLU A 1 52  ? -6.444  14.390  9.146   1.00 0.00 ? 55  GLU A CB   1 
ATOM 843  C CG   . GLU A 1 52  ? -6.386  13.092  9.955   1.00 0.00 ? 55  GLU A CG   1 
ATOM 844  C CD   . GLU A 1 52  ? -5.055  12.969  10.700  1.00 0.00 ? 55  GLU A CD   1 
ATOM 845  O OE1  . GLU A 1 52  ? -4.067  12.591  10.034  1.00 0.00 ? 55  GLU A OE1  1 
ATOM 846  O OE2  . GLU A 1 52  ? -5.056  13.255  11.916  1.00 0.00 ? 55  GLU A OE2  1 
ATOM 847  H H    . GLU A 1 52  ? -8.783  14.132  10.250  1.00 0.00 ? 55  GLU A H    1 
ATOM 848  H HA   . GLU A 1 52  ? -7.803  15.468  7.876   1.00 0.00 ? 55  GLU A HA   1 
ATOM 849  H HB2  . GLU A 1 52  ? -5.652  14.392  8.399   1.00 0.00 ? 55  GLU A HB2  1 
ATOM 850  H HB3  . GLU A 1 52  ? -6.264  15.240  9.804   1.00 0.00 ? 55  GLU A HB3  1 
ATOM 851  H HG2  . GLU A 1 52  ? -7.210  13.067  10.669  1.00 0.00 ? 55  GLU A HG2  1 
ATOM 852  H HG3  . GLU A 1 52  ? -6.516  12.239  9.290   1.00 0.00 ? 55  GLU A HG3  1 
ATOM 853  N N    . PRO A 1 53  ? -7.876  13.573  6.224   1.00 0.00 ? 56  PRO A N    1 
ATOM 854  C CA   . PRO A 1 53  ? -8.114  12.529  5.243   1.00 0.00 ? 56  PRO A CA   1 
ATOM 855  C C    . PRO A 1 53  ? -7.009  11.472  5.288   1.00 0.00 ? 56  PRO A C    1 
ATOM 856  O O    . PRO A 1 53  ? -5.831  11.794  5.140   1.00 0.00 ? 56  PRO A O    1 
ATOM 857  C CB   . PRO A 1 53  ? -8.190  13.252  3.909   1.00 0.00 ? 56  PRO A CB   1 
ATOM 858  C CG   . PRO A 1 53  ? -7.533  14.605  4.130   1.00 0.00 ? 56  PRO A CG   1 
ATOM 859  C CD   . PRO A 1 53  ? -7.396  14.816  5.630   1.00 0.00 ? 56  PRO A CD   1 
ATOM 860  H HA   . PRO A 1 53  ? -8.964  12.045  5.451   1.00 0.00 ? 56  PRO A HA   1 
ATOM 861  H HB2  . PRO A 1 53  ? -7.674  12.691  3.130   1.00 0.00 ? 56  PRO A HB2  1 
ATOM 862  H HB3  . PRO A 1 53  ? -9.225  13.370  3.586   1.00 0.00 ? 56  PRO A HB3  1 
ATOM 863  H HG2  . PRO A 1 53  ? -6.555  14.638  3.649   1.00 0.00 ? 56  PRO A HG2  1 
ATOM 864  H HG3  . PRO A 1 53  ? -8.133  15.399  3.686   1.00 0.00 ? 56  PRO A HG3  1 
ATOM 865  H HD2  . PRO A 1 53  ? -6.361  15.015  5.909   1.00 0.00 ? 56  PRO A HD2  1 
ATOM 866  H HD3  . PRO A 1 53  ? -7.986  15.670  5.964   1.00 0.00 ? 56  PRO A HD3  1 
ATOM 867  N N    . HIS A 1 54  ? -7.428  10.232  5.493   1.00 0.00 ? 57  HIS A N    1 
ATOM 868  C CA   . HIS A 1 54  ? -6.488  9.126   5.560   1.00 0.00 ? 57  HIS A CA   1 
ATOM 869  C C    . HIS A 1 54  ? -6.660  8.232   4.330   1.00 0.00 ? 57  HIS A C    1 
ATOM 870  O O    . HIS A 1 54  ? -7.731  8.199   3.726   1.00 0.00 ? 57  HIS A O    1 
ATOM 871  C CB   . HIS A 1 54  ? -6.643  8.360   6.875   1.00 0.00 ? 57  HIS A CB   1 
ATOM 872  C CG   . HIS A 1 54  ? -6.143  6.936   6.820   1.00 0.00 ? 57  HIS A CG   1 
ATOM 873  N ND1  . HIS A 1 54  ? -6.968  5.843   7.017   1.00 0.00 ? 57  HIS A ND1  1 
ATOM 874  C CD2  . HIS A 1 54  ? -4.894  6.438   6.586   1.00 0.00 ? 57  HIS A CD2  1 
ATOM 875  C CE1  . HIS A 1 54  ? -6.238  4.743   6.906   1.00 0.00 ? 57  HIS A CE1  1 
ATOM 876  N NE2  . HIS A 1 54  ? -4.953  5.114   6.640   1.00 0.00 ? 57  HIS A NE2  1 
ATOM 877  H H    . HIS A 1 54  ? -8.388  9.978   5.613   1.00 0.00 ? 57  HIS A H    1 
ATOM 878  H HA   . HIS A 1 54  ? -5.489  9.563   5.545   1.00 0.00 ? 57  HIS A HA   1 
ATOM 879  H HB2  . HIS A 1 54  ? -6.105  8.892   7.660   1.00 0.00 ? 57  HIS A HB2  1 
ATOM 880  H HB3  . HIS A 1 54  ? -7.695  8.354   7.159   1.00 0.00 ? 57  HIS A HB3  1 
ATOM 881  H HD2  . HIS A 1 54  ? -3.999  7.029   6.390   1.00 0.00 ? 57  HIS A HD2  1 
ATOM 882  H HE1  . HIS A 1 54  ? -6.601  3.720   7.009   1.00 0.00 ? 57  HIS A HE1  1 
ATOM 883  H HE2  . HIS A 1 54  ? -4.196  4.490   6.450   1.00 0.00 ? 57  HIS A HE2  1 
ATOM 884  N N    . LEU A 1 55  ? -5.588  7.528   3.996   1.00 0.00 ? 58  LEU A N    1 
ATOM 885  C CA   . LEU A 1 55  ? -5.606  6.636   2.849   1.00 0.00 ? 58  LEU A CA   1 
ATOM 886  C C    . LEU A 1 55  ? -4.979  5.297   3.240   1.00 0.00 ? 58  LEU A C    1 
ATOM 887  O O    . LEU A 1 55  ? -3.921  5.262   3.867   1.00 0.00 ? 58  LEU A O    1 
ATOM 888  C CB   . LEU A 1 55  ? -4.938  7.300   1.643   1.00 0.00 ? 58  LEU A CB   1 
ATOM 889  C CG   . LEU A 1 55  ? -5.295  6.719   0.274   1.00 0.00 ? 58  LEU A CG   1 
ATOM 890  C CD1  . LEU A 1 55  ? -4.956  5.229   0.205   1.00 0.00 ? 58  LEU A CD1  1 
ATOM 891  C CD2  . LEU A 1 55  ? -6.761  6.990   -0.071  1.00 0.00 ? 58  LEU A CD2  1 
ATOM 892  H H    . LEU A 1 55  ? -4.720  7.560   4.493   1.00 0.00 ? 58  LEU A H    1 
ATOM 893  H HA   . LEU A 1 55  ? -6.649  6.464   2.585   1.00 0.00 ? 58  LEU A HA   1 
ATOM 894  H HB2  . LEU A 1 55  ? -5.197  8.359   1.646   1.00 0.00 ? 58  LEU A HB2  1 
ATOM 895  H HB3  . LEU A 1 55  ? -3.857  7.237   1.772   1.00 0.00 ? 58  LEU A HB3  1 
ATOM 896  H HG   . LEU A 1 55  ? -4.689  7.222   -0.479  1.00 0.00 ? 58  LEU A HG   1 
ATOM 897  H HD11 . LEU A 1 55  ? -4.065  5.030   0.801   1.00 0.00 ? 58  LEU A HD11 1 
ATOM 898  H HD12 . LEU A 1 55  ? -5.792  4.648   0.596   1.00 0.00 ? 58  LEU A HD12 1 
ATOM 899  H HD13 . LEU A 1 55  ? -4.770  4.945   -0.831  1.00 0.00 ? 58  LEU A HD13 1 
ATOM 900  H HD21 . LEU A 1 55  ? -7.017  6.475   -0.997  1.00 0.00 ? 58  LEU A HD21 1 
ATOM 901  H HD22 . LEU A 1 55  ? -7.397  6.625   0.735   1.00 0.00 ? 58  LEU A HD22 1 
ATOM 902  H HD23 . LEU A 1 55  ? -6.912  8.062   -0.198  1.00 0.00 ? 58  LEU A HD23 1 
ATOM 903  N N    . HIS A 1 56  ? -5.657  4.226   2.852   1.00 0.00 ? 59  HIS A N    1 
ATOM 904  C CA   . HIS A 1 56  ? -5.180  2.888   3.154   1.00 0.00 ? 59  HIS A CA   1 
ATOM 905  C C    . HIS A 1 56  ? -4.879  2.144   1.852   1.00 0.00 ? 59  HIS A C    1 
ATOM 906  O O    . HIS A 1 56  ? -5.596  2.300   0.864   1.00 0.00 ? 59  HIS A O    1 
ATOM 907  C CB   . HIS A 1 56  ? -6.175  2.144   4.046   1.00 0.00 ? 59  HIS A CB   1 
ATOM 908  C CG   . HIS A 1 56  ? -5.613  1.736   5.387   1.00 0.00 ? 59  HIS A CG   1 
ATOM 909  N ND1  . HIS A 1 56  ? -4.259  1.556   5.609   1.00 0.00 ? 59  HIS A ND1  1 
ATOM 910  C CD2  . HIS A 1 56  ? -6.236  1.478   6.573   1.00 0.00 ? 59  HIS A CD2  1 
ATOM 911  C CE1  . HIS A 1 56  ? -4.086  1.203   6.875   1.00 0.00 ? 59  HIS A CE1  1 
ATOM 912  N NE2  . HIS A 1 56  ? -5.312  1.156   7.470   1.00 0.00 ? 59  HIS A NE2  1 
ATOM 913  H H    . HIS A 1 56  ? -6.516  4.263   2.342   1.00 0.00 ? 59  HIS A H    1 
ATOM 914  H HA   . HIS A 1 56  ? -4.253  3.006   3.717   1.00 0.00 ? 59  HIS A HA   1 
ATOM 915  H HB2  . HIS A 1 56  ? -7.047  2.778   4.207   1.00 0.00 ? 59  HIS A HB2  1 
ATOM 916  H HB3  . HIS A 1 56  ? -6.521  1.252   3.523   1.00 0.00 ? 59  HIS A HB3  1 
ATOM 917  H HD2  . HIS A 1 56  ? -7.310  1.528   6.753   1.00 0.00 ? 59  HIS A HD2  1 
ATOM 918  H HE1  . HIS A 1 56  ? -3.131  0.990   7.356   1.00 0.00 ? 59  HIS A HE1  1 
ATOM 919  H HE2  . HIS A 1 56  ? -5.482  0.972   8.439   1.00 0.00 ? 59  HIS A HE2  1 
ATOM 920  N N    . ILE A 1 57  ? -3.819  1.350   1.891   1.00 0.00 ? 60  ILE A N    1 
ATOM 921  C CA   . ILE A 1 57  ? -3.415  0.582   0.726   1.00 0.00 ? 60  ILE A CA   1 
ATOM 922  C C    . ILE A 1 57  ? -2.906  -0.789  1.177   1.00 0.00 ? 60  ILE A C    1 
ATOM 923  O O    . ILE A 1 57  ? -2.254  -0.904  2.213   1.00 0.00 ? 60  ILE A O    1 
ATOM 924  C CB   . ILE A 1 57  ? -2.404  1.368   -0.110  1.00 0.00 ? 60  ILE A CB   1 
ATOM 925  C CG1  . ILE A 1 57  ? -3.067  2.573   -0.780  1.00 0.00 ? 60  ILE A CG1  1 
ATOM 926  C CG2  . ILE A 1 57  ? -1.707  0.460   -1.125  1.00 0.00 ? 60  ILE A CG2  1 
ATOM 927  C CD1  . ILE A 1 57  ? -2.093  3.280   -1.726  1.00 0.00 ? 60  ILE A CD1  1 
ATOM 928  H H    . ILE A 1 57  ? -3.241  1.229   2.699   1.00 0.00 ? 60  ILE A H    1 
ATOM 929  H HA   . ILE A 1 57  ? -4.301  0.436   0.108   1.00 0.00 ? 60  ILE A HA   1 
ATOM 930  H HB   . ILE A 1 57  ? -1.634  1.755   0.558   1.00 0.00 ? 60  ILE A HB   1 
ATOM 931  H HG12 . ILE A 1 57  ? -3.946  2.247   -1.337  1.00 0.00 ? 60  ILE A HG12 1 
ATOM 932  H HG13 . ILE A 1 57  ? -3.413  3.272   -0.020  1.00 0.00 ? 60  ILE A HG13 1 
ATOM 933  H HG21 . ILE A 1 57  ? -0.987  1.043   -1.699  1.00 0.00 ? 60  ILE A HG21 1 
ATOM 934  H HG22 . ILE A 1 57  ? -1.188  -0.341  -0.598  1.00 0.00 ? 60  ILE A HG22 1 
ATOM 935  H HG23 . ILE A 1 57  ? -2.448  0.031   -1.799  1.00 0.00 ? 60  ILE A HG23 1 
ATOM 936  H HD11 . ILE A 1 57  ? -2.215  4.359   -1.633  1.00 0.00 ? 60  ILE A HD11 1 
ATOM 937  H HD12 . ILE A 1 57  ? -1.072  3.005   -1.466  1.00 0.00 ? 60  ILE A HD12 1 
ATOM 938  H HD13 . ILE A 1 57  ? -2.301  2.978   -2.753  1.00 0.00 ? 60  ILE A HD13 1 
ATOM 939  N N    . LEU A 1 58  ? -3.223  -1.795  0.375   1.00 0.00 ? 61  LEU A N    1 
ATOM 940  C CA   . LEU A 1 58  ? -2.806  -3.153  0.677   1.00 0.00 ? 61  LEU A CA   1 
ATOM 941  C C    . LEU A 1 58  ? -2.346  -3.840  -0.610  1.00 0.00 ? 61  LEU A C    1 
ATOM 942  O O    . LEU A 1 58  ? -3.158  -4.119  -1.492  1.00 0.00 ? 61  LEU A O    1 
ATOM 943  C CB   . LEU A 1 58  ? -3.918  -3.904  1.412   1.00 0.00 ? 61  LEU A CB   1 
ATOM 944  C CG   . LEU A 1 58  ? -3.595  -5.341  1.830   1.00 0.00 ? 61  LEU A CG   1 
ATOM 945  C CD1  . LEU A 1 58  ? -4.066  -6.339  0.771   1.00 0.00 ? 61  LEU A CD1  1 
ATOM 946  C CD2  . LEU A 1 58  ? -2.106  -5.498  2.145   1.00 0.00 ? 61  LEU A CD2  1 
ATOM 947  H H    . LEU A 1 58  ? -3.753  -1.693  -0.467  1.00 0.00 ? 61  LEU A H    1 
ATOM 948  H HA   . LEU A 1 58  ? -1.955  -3.090  1.357   1.00 0.00 ? 61  LEU A HA   1 
ATOM 949  H HB2  . LEU A 1 58  ? -4.182  -3.338  2.306   1.00 0.00 ? 61  LEU A HB2  1 
ATOM 950  H HB3  . LEU A 1 58  ? -4.801  -3.923  0.773   1.00 0.00 ? 61  LEU A HB3  1 
ATOM 951  H HG   . LEU A 1 58  ? -4.144  -5.561  2.746   1.00 0.00 ? 61  LEU A HG   1 
ATOM 952  H HD11 . LEU A 1 58  ? -5.079  -6.086  0.457   1.00 0.00 ? 61  LEU A HD11 1 
ATOM 953  H HD12 . LEU A 1 58  ? -3.398  -6.296  -0.090  1.00 0.00 ? 61  LEU A HD12 1 
ATOM 954  H HD13 . LEU A 1 58  ? -4.055  -7.345  1.189   1.00 0.00 ? 61  LEU A HD13 1 
ATOM 955  H HD21 . LEU A 1 58  ? -1.876  -4.985  3.079   1.00 0.00 ? 61  LEU A HD21 1 
ATOM 956  H HD22 . LEU A 1 58  ? -1.866  -6.557  2.244   1.00 0.00 ? 61  LEU A HD22 1 
ATOM 957  H HD23 . LEU A 1 58  ? -1.516  -5.065  1.338   1.00 0.00 ? 61  LEU A HD23 1 
ATOM 958  N N    . ILE A 1 59  ? -1.048  -4.093  -0.678  1.00 0.00 ? 62  ILE A N    1 
ATOM 959  C CA   . ILE A 1 59  ? -0.471  -4.742  -1.844  1.00 0.00 ? 62  ILE A CA   1 
ATOM 960  C C    . ILE A 1 59  ? 0.164   -6.069  -1.421  1.00 0.00 ? 62  ILE A C    1 
ATOM 961  O O    . ILE A 1 59  ? 0.645   -6.200  -0.297  1.00 0.00 ? 62  ILE A O    1 
ATOM 962  C CB   . ILE A 1 59  ? 0.497   -3.798  -2.559  1.00 0.00 ? 62  ILE A CB   1 
ATOM 963  C CG1  . ILE A 1 59  ? -0.143  -2.425  -2.784  1.00 0.00 ? 62  ILE A CG1  1 
ATOM 964  C CG2  . ILE A 1 59  ? 1.002   -4.416  -3.864  1.00 0.00 ? 62  ILE A CG2  1 
ATOM 965  C CD1  . ILE A 1 59  ? 0.864   -1.303  -2.526  1.00 0.00 ? 62  ILE A CD1  1 
ATOM 966  H H    . ILE A 1 59  ? -0.395  -3.863  0.044   1.00 0.00 ? 62  ILE A H    1 
ATOM 967  H HA   . ILE A 1 59  ? -1.286  -4.954  -2.536  1.00 0.00 ? 62  ILE A HA   1 
ATOM 968  H HB   . ILE A 1 59  ? 1.365   -3.647  -1.917  1.00 0.00 ? 62  ILE A HB   1 
ATOM 969  H HG12 . ILE A 1 59  ? -0.515  -2.358  -3.807  1.00 0.00 ? 62  ILE A HG12 1 
ATOM 970  H HG13 . ILE A 1 59  ? -1.002  -2.308  -2.125  1.00 0.00 ? 62  ILE A HG13 1 
ATOM 971  H HG21 . ILE A 1 59  ? 1.402   -3.632  -4.507  1.00 0.00 ? 62  ILE A HG21 1 
ATOM 972  H HG22 . ILE A 1 59  ? 1.786   -5.140  -3.643  1.00 0.00 ? 62  ILE A HG22 1 
ATOM 973  H HG23 . ILE A 1 59  ? 0.177   -4.917  -4.373  1.00 0.00 ? 62  ILE A HG23 1 
ATOM 974  H HD11 . ILE A 1 59  ? 1.267   -1.402  -1.519  1.00 0.00 ? 62  ILE A HD11 1 
ATOM 975  H HD12 . ILE A 1 59  ? 1.676   -1.368  -3.250  1.00 0.00 ? 62  ILE A HD12 1 
ATOM 976  H HD13 . ILE A 1 59  ? 0.366   -0.339  -2.626  1.00 0.00 ? 62  ILE A HD13 1 
ATOM 977  N N    . GLN A 1 60  ? 0.144   -7.019  -2.344  1.00 0.00 ? 63  GLN A N    1 
ATOM 978  C CA   . GLN A 1 60  ? 0.711   -8.329  -2.082  1.00 0.00 ? 63  GLN A CA   1 
ATOM 979  C C    . GLN A 1 60  ? 1.541   -8.798  -3.279  1.00 0.00 ? 63  GLN A C    1 
ATOM 980  O O    . GLN A 1 60  ? 1.013   -8.965  -4.377  1.00 0.00 ? 63  GLN A O    1 
ATOM 981  C CB   . GLN A 1 60  ? -0.383  -9.343  -1.744  1.00 0.00 ? 63  GLN A CB   1 
ATOM 982  C CG   . GLN A 1 60  ? -1.350  -9.518  -2.916  1.00 0.00 ? 63  GLN A CG   1 
ATOM 983  C CD   . GLN A 1 60  ? -1.363  -10.967 -3.405  1.00 0.00 ? 63  GLN A CD   1 
ATOM 984  O OE1  . GLN A 1 60  ? -2.397  -11.536 -3.716  1.00 0.00 ? 63  GLN A OE1  1 
ATOM 985  N NE2  . GLN A 1 60  ? -0.160  -11.531 -3.457  1.00 0.00 ? 63  GLN A NE2  1 
ATOM 986  H H    . GLN A 1 60  ? -0.250  -6.903  -3.257  1.00 0.00 ? 63  GLN A H    1 
ATOM 987  H HA   . GLN A 1 60  ? 1.356   -8.198  -1.214  1.00 0.00 ? 63  GLN A HA   1 
ATOM 988  H HB2  . GLN A 1 60  ? 0.069   -10.303 -1.495  1.00 0.00 ? 63  GLN A HB2  1 
ATOM 989  H HB3  . GLN A 1 60  ? -0.932  -9.011  -0.861  1.00 0.00 ? 63  GLN A HB3  1 
ATOM 990  H HG2  . GLN A 1 60  ? -2.355  -9.225  -2.610  1.00 0.00 ? 63  GLN A HG2  1 
ATOM 991  H HG3  . GLN A 1 60  ? -1.061  -8.857  -3.733  1.00 0.00 ? 63  GLN A HG3  1 
ATOM 992  H HE21 . GLN A 1 60  ? 0.649   -11.009 -3.188  1.00 0.00 ? 63  GLN A HE21 1 
ATOM 993  H HE22 . GLN A 1 60  ? -0.063  -12.478 -3.764  1.00 0.00 ? 63  GLN A HE22 1 
ATOM 994  N N    . PHE A 1 61  ? 2.826   -8.998  -3.026  1.00 0.00 ? 64  PHE A N    1 
ATOM 995  C CA   . PHE A 1 61  ? 3.734   -9.444  -4.069  1.00 0.00 ? 64  PHE A CA   1 
ATOM 996  C C    . PHE A 1 61  ? 3.819   -10.970 -4.107  1.00 0.00 ? 64  PHE A C    1 
ATOM 997  O O    . PHE A 1 61  ? 3.542   -11.636 -3.110  1.00 0.00 ? 64  PHE A O    1 
ATOM 998  C CB   . PHE A 1 61  ? 5.115   -8.876  -3.732  1.00 0.00 ? 64  PHE A CB   1 
ATOM 999  C CG   . PHE A 1 61  ? 5.134   -7.360  -3.539  1.00 0.00 ? 64  PHE A CG   1 
ATOM 1000 C CD1  . PHE A 1 61  ? 4.771   -6.822  -2.343  1.00 0.00 ? 64  PHE A CD1  1 
ATOM 1001 C CD2  . PHE A 1 61  ? 5.514   -6.547  -4.562  1.00 0.00 ? 64  PHE A CD2  1 
ATOM 1002 C CE1  . PHE A 1 61  ? 4.789   -5.413  -2.163  1.00 0.00 ? 64  PHE A CE1  1 
ATOM 1003 C CE2  . PHE A 1 61  ? 5.532   -5.139  -4.382  1.00 0.00 ? 64  PHE A CE2  1 
ATOM 1004 C CZ   . PHE A 1 61  ? 5.169   -4.602  -3.186  1.00 0.00 ? 64  PHE A CZ   1 
ATOM 1005 H H    . PHE A 1 61  ? 3.248   -8.860  -2.130  1.00 0.00 ? 64  PHE A H    1 
ATOM 1006 H HA   . PHE A 1 61  ? 3.340   -9.080  -5.018  1.00 0.00 ? 64  PHE A HA   1 
ATOM 1007 H HB2  . PHE A 1 61  ? 5.480   -9.354  -2.823  1.00 0.00 ? 64  PHE A HB2  1 
ATOM 1008 H HB3  . PHE A 1 61  ? 5.809   -9.139  -4.531  1.00 0.00 ? 64  PHE A HB3  1 
ATOM 1009 H HD1  . PHE A 1 61  ? 4.467   -7.472  -1.524  1.00 0.00 ? 64  PHE A HD1  1 
ATOM 1010 H HD2  . PHE A 1 61  ? 5.806   -6.979  -5.520  1.00 0.00 ? 64  PHE A HD2  1 
ATOM 1011 H HE1  . PHE A 1 61  ? 4.498   -4.983  -1.205  1.00 0.00 ? 64  PHE A HE1  1 
ATOM 1012 H HE2  . PHE A 1 61  ? 5.837   -4.489  -5.201  1.00 0.00 ? 64  PHE A HE2  1 
ATOM 1013 H HZ   . PHE A 1 61  ? 5.183   -3.521  -3.048  1.00 0.00 ? 64  PHE A HZ   1 
ATOM 1014 N N    . GLU A 1 62  ? 4.200   -11.482 -5.268  1.00 0.00 ? 65  GLU A N    1 
ATOM 1015 C CA   . GLU A 1 62  ? 4.324   -12.918 -5.449  1.00 0.00 ? 65  GLU A CA   1 
ATOM 1016 C C    . GLU A 1 62  ? 5.380   -13.484 -4.497  1.00 0.00 ? 65  GLU A C    1 
ATOM 1017 O O    . GLU A 1 62  ? 5.249   -14.609 -4.016  1.00 0.00 ? 65  GLU A O    1 
ATOM 1018 C CB   . GLU A 1 62  ? 4.656   -13.262 -6.902  1.00 0.00 ? 65  GLU A CB   1 
ATOM 1019 C CG   . GLU A 1 62  ? 4.287   -14.712 -7.221  1.00 0.00 ? 65  GLU A CG   1 
ATOM 1020 C CD   . GLU A 1 62  ? 5.528   -15.522 -7.605  1.00 0.00 ? 65  GLU A CD   1 
ATOM 1021 O OE1  . GLU A 1 62  ? 6.146   -16.085 -6.677  1.00 0.00 ? 65  GLU A OE1  1 
ATOM 1022 O OE2  . GLU A 1 62  ? 5.827   -15.559 -8.817  1.00 0.00 ? 65  GLU A OE2  1 
ATOM 1023 H H    . GLU A 1 62  ? 4.423   -10.934 -6.074  1.00 0.00 ? 65  GLU A H    1 
ATOM 1024 H HA   . GLU A 1 62  ? 3.345   -13.328 -5.200  1.00 0.00 ? 65  GLU A HA   1 
ATOM 1025 H HB2  . GLU A 1 62  ? 4.117   -12.590 -7.570  1.00 0.00 ? 65  GLU A HB2  1 
ATOM 1026 H HB3  . GLU A 1 62  ? 5.719   -13.105 -7.083  1.00 0.00 ? 65  GLU A HB3  1 
ATOM 1027 H HG2  . GLU A 1 62  ? 3.804   -15.167 -6.356  1.00 0.00 ? 65  GLU A HG2  1 
ATOM 1028 H HG3  . GLU A 1 62  ? 3.565   -14.736 -8.038  1.00 0.00 ? 65  GLU A HG3  1 
ATOM 1029 N N    . GLY A 1 63  ? 6.404   -12.679 -4.254  1.00 0.00 ? 66  GLY A N    1 
ATOM 1030 C CA   . GLY A 1 63  ? 7.481   -13.084 -3.367  1.00 0.00 ? 66  GLY A CA   1 
ATOM 1031 C C    . GLY A 1 63  ? 7.689   -12.059 -2.251  1.00 0.00 ? 66  GLY A C    1 
ATOM 1032 O O    . GLY A 1 63  ? 7.263   -10.911 -2.371  1.00 0.00 ? 66  GLY A O    1 
ATOM 1033 H H    . GLY A 1 63  ? 6.503   -11.766 -4.649  1.00 0.00 ? 66  GLY A H    1 
ATOM 1034 H HA2  . GLY A 1 63  ? 7.253   -14.058 -2.934  1.00 0.00 ? 66  GLY A HA2  1 
ATOM 1035 H HA3  . GLY A 1 63  ? 8.403   -13.199 -3.938  1.00 0.00 ? 66  GLY A HA3  1 
ATOM 1036 N N    . LYS A 1 64  ? 8.344   -12.510 -1.191  1.00 0.00 ? 67  LYS A N    1 
ATOM 1037 C CA   . LYS A 1 64  ? 8.614   -11.646 -0.055  1.00 0.00 ? 67  LYS A CA   1 
ATOM 1038 C C    . LYS A 1 64  ? 9.425   -10.435 -0.521  1.00 0.00 ? 67  LYS A C    1 
ATOM 1039 O O    . LYS A 1 64  ? 10.585  -10.571 -0.907  1.00 0.00 ? 67  LYS A O    1 
ATOM 1040 C CB   . LYS A 1 64  ? 9.282   -12.436 1.073   1.00 0.00 ? 67  LYS A CB   1 
ATOM 1041 C CG   . LYS A 1 64  ? 8.251   -13.247 1.860   1.00 0.00 ? 67  LYS A CG   1 
ATOM 1042 C CD   . LYS A 1 64  ? 8.722   -13.488 3.295   1.00 0.00 ? 67  LYS A CD   1 
ATOM 1043 C CE   . LYS A 1 64  ? 7.574   -13.992 4.172   1.00 0.00 ? 67  LYS A CE   1 
ATOM 1044 N NZ   . LYS A 1 64  ? 8.096   -14.811 5.288   1.00 0.00 ? 67  LYS A NZ   1 
ATOM 1045 H H    . LYS A 1 64  ? 8.688   -13.445 -1.102  1.00 0.00 ? 67  LYS A H    1 
ATOM 1046 H HA   . LYS A 1 64  ? 7.654   -11.294 0.323   1.00 0.00 ? 67  LYS A HA   1 
ATOM 1047 H HB2  . LYS A 1 64  ? 10.035  -13.105 0.656   1.00 0.00 ? 67  LYS A HB2  1 
ATOM 1048 H HB3  . LYS A 1 64  ? 9.801   -11.751 1.743   1.00 0.00 ? 67  LYS A HB3  1 
ATOM 1049 H HG2  . LYS A 1 64  ? 7.298   -12.718 1.870   1.00 0.00 ? 67  LYS A HG2  1 
ATOM 1050 H HG3  . LYS A 1 64  ? 8.079   -14.202 1.363   1.00 0.00 ? 67  LYS A HG3  1 
ATOM 1051 H HD2  . LYS A 1 64  ? 9.534   -14.216 3.297   1.00 0.00 ? 67  LYS A HD2  1 
ATOM 1052 H HD3  . LYS A 1 64  ? 9.123   -12.563 3.710   1.00 0.00 ? 67  LYS A HD3  1 
ATOM 1053 H HE2  . LYS A 1 64  ? 7.011   -13.146 4.565   1.00 0.00 ? 67  LYS A HE2  1 
ATOM 1054 H HE3  . LYS A 1 64  ? 6.884   -14.585 3.571   1.00 0.00 ? 67  LYS A HE3  1 
ATOM 1055 H HZ1  . LYS A 1 64  ? 7.350   -15.339 5.693   1.00 0.00 ? 67  LYS A HZ1  1 
ATOM 1056 H HZ2  . LYS A 1 64  ? 8.798   -15.436 4.945   1.00 0.00 ? 67  LYS A HZ2  1 
ATOM 1057 H HZ3  . LYS A 1 64  ? 8.495   -14.211 5.983   1.00 0.00 ? 67  LYS A HZ3  1 
ATOM 1058 N N    . TYR A 1 65  ? 8.781   -9.278  -0.471  1.00 0.00 ? 68  TYR A N    1 
ATOM 1059 C CA   . TYR A 1 65  ? 9.428   -8.044  -0.883  1.00 0.00 ? 68  TYR A CA   1 
ATOM 1060 C C    . TYR A 1 65  ? 10.155  -7.387  0.291   1.00 0.00 ? 68  TYR A C    1 
ATOM 1061 O O    . TYR A 1 65  ? 9.629   -7.337  1.402   1.00 0.00 ? 68  TYR A O    1 
ATOM 1062 C CB   . TYR A 1 65  ? 8.306   -7.117  -1.356  1.00 0.00 ? 68  TYR A CB   1 
ATOM 1063 C CG   . TYR A 1 65  ? 8.737   -5.660  -1.538  1.00 0.00 ? 68  TYR A CG   1 
ATOM 1064 C CD1  . TYR A 1 65  ? 9.989   -5.369  -2.042  1.00 0.00 ? 68  TYR A CD1  1 
ATOM 1065 C CD2  . TYR A 1 65  ? 7.875   -4.637  -1.199  1.00 0.00 ? 68  TYR A CD2  1 
ATOM 1066 C CE1  . TYR A 1 65  ? 10.395  -3.998  -2.213  1.00 0.00 ? 68  TYR A CE1  1 
ATOM 1067 C CE2  . TYR A 1 65  ? 8.281   -3.267  -1.370  1.00 0.00 ? 68  TYR A CE2  1 
ATOM 1068 C CZ   . TYR A 1 65  ? 9.521   -3.014  -1.870  1.00 0.00 ? 68  TYR A CZ   1 
ATOM 1069 O OH   . TYR A 1 65  ? 9.904   -1.720  -2.030  1.00 0.00 ? 68  TYR A OH   1 
ATOM 1070 H H    . TYR A 1 65  ? 7.837   -9.175  -0.157  1.00 0.00 ? 68  TYR A H    1 
ATOM 1071 H HA   . TYR A 1 65  ? 10.154  -8.287  -1.660  1.00 0.00 ? 68  TYR A HA   1 
ATOM 1072 H HB2  . TYR A 1 65  ? 7.915   -7.490  -2.302  1.00 0.00 ? 68  TYR A HB2  1 
ATOM 1073 H HB3  . TYR A 1 65  ? 7.489   -7.156  -0.636  1.00 0.00 ? 68  TYR A HB3  1 
ATOM 1074 H HD1  . TYR A 1 65  ? 10.671  -6.177  -2.310  1.00 0.00 ? 68  TYR A HD1  1 
ATOM 1075 H HD2  . TYR A 1 65  ? 6.887   -4.868  -0.801  1.00 0.00 ? 68  TYR A HD2  1 
ATOM 1076 H HE1  . TYR A 1 65  ? 11.381  -3.753  -2.610  1.00 0.00 ? 68  TYR A HE1  1 
ATOM 1077 H HE2  . TYR A 1 65  ? 7.609   -2.450  -1.106  1.00 0.00 ? 68  TYR A HE2  1 
ATOM 1078 H HH   . TYR A 1 65  ? 10.214  -1.343  -1.158  1.00 0.00 ? 68  TYR A HH   1 
ATOM 1079 N N    . ASN A 1 66  ? 11.354  -6.898  0.006   1.00 0.00 ? 69  ASN A N    1 
ATOM 1080 C CA   . ASN A 1 66  ? 12.158  -6.246  1.025   1.00 0.00 ? 69  ASN A CA   1 
ATOM 1081 C C    . ASN A 1 66  ? 12.013  -4.729  0.889   1.00 0.00 ? 69  ASN A C    1 
ATOM 1082 O O    . ASN A 1 66  ? 12.520  -4.136  -0.061  1.00 0.00 ? 69  ASN A O    1 
ATOM 1083 C CB   . ASN A 1 66  ? 13.639  -6.596  0.864   1.00 0.00 ? 69  ASN A CB   1 
ATOM 1084 C CG   . ASN A 1 66  ? 14.357  -6.576  2.216   1.00 0.00 ? 69  ASN A CG   1 
ATOM 1085 O OD1  . ASN A 1 66  ? 15.126  -7.462  2.551   1.00 0.00 ? 69  ASN A OD1  1 
ATOM 1086 N ND2  . ASN A 1 66  ? 14.063  -5.521  2.969   1.00 0.00 ? 69  ASN A ND2  1 
ATOM 1087 H H    . ASN A 1 66  ? 11.774  -6.943  -0.900  1.00 0.00 ? 69  ASN A H    1 
ATOM 1088 H HA   . ASN A 1 66  ? 11.775  -6.619  1.975   1.00 0.00 ? 69  ASN A HA   1 
ATOM 1089 H HB2  . ASN A 1 66  ? 13.737  -7.582  0.410   1.00 0.00 ? 69  ASN A HB2  1 
ATOM 1090 H HB3  . ASN A 1 66  ? 14.113  -5.885  0.187   1.00 0.00 ? 69  ASN A HB3  1 
ATOM 1091 H HD21 . ASN A 1 66  ? 13.422  -4.830  2.634   1.00 0.00 ? 69  ASN A HD21 1 
ATOM 1092 H HD22 . ASN A 1 66  ? 14.482  -5.418  3.871   1.00 0.00 ? 69  ASN A HD22 1 
ATOM 1093 N N    . CYS A 1 67  ? 11.318  -4.145  1.855   1.00 0.00 ? 70  CYS A N    1 
ATOM 1094 C CA   . CYS A 1 67  ? 11.100  -2.708  1.856   1.00 0.00 ? 70  CYS A CA   1 
ATOM 1095 C C    . CYS A 1 67  ? 11.946  -2.095  2.974   1.00 0.00 ? 70  CYS A C    1 
ATOM 1096 O O    . CYS A 1 67  ? 11.408  -1.622  3.975   1.00 0.00 ? 70  CYS A O    1 
ATOM 1097 C CB   . CYS A 1 67  ? 9.618   -2.362  2.004   1.00 0.00 ? 70  CYS A CB   1 
ATOM 1098 S SG   . CYS A 1 67  ? 9.321   -0.638  1.465   1.00 0.00 ? 70  CYS A SG   1 
ATOM 1099 H H    . CYS A 1 67  ? 10.909  -4.635  2.625   1.00 0.00 ? 70  CYS A H    1 
ATOM 1100 H HA   . CYS A 1 67  ? 11.424  -2.342  0.882   1.00 0.00 ? 70  CYS A HA   1 
ATOM 1101 H HB2  . CYS A 1 67  ? 9.014   -3.047  1.409   1.00 0.00 ? 70  CYS A HB2  1 
ATOM 1102 H HB3  . CYS A 1 67  ? 9.310   -2.484  3.042   1.00 0.00 ? 70  CYS A HB3  1 
ATOM 1103 H HG   . CYS A 1 67  ? 10.415  -0.537  0.715   1.00 0.00 ? 70  CYS A HG   1 
ATOM 1104 N N    . THR A 1 68  ? 13.254  -2.122  2.768   1.00 0.00 ? 71  THR A N    1 
ATOM 1105 C CA   . THR A 1 68  ? 14.178  -1.574  3.746   1.00 0.00 ? 71  THR A CA   1 
ATOM 1106 C C    . THR A 1 68  ? 14.558  -0.140  3.376   1.00 0.00 ? 71  THR A C    1 
ATOM 1107 O O    . THR A 1 68  ? 15.674  0.301   3.650   1.00 0.00 ? 71  THR A O    1 
ATOM 1108 C CB   . THR A 1 68  ? 15.379  -2.517  3.840   1.00 0.00 ? 71  THR A CB   1 
ATOM 1109 O OG1  . THR A 1 68  ? 16.242  -1.886  4.784   1.00 0.00 ? 71  THR A OG1  1 
ATOM 1110 C CG2  . THR A 1 68  ? 16.200  -2.551  2.550   1.00 0.00 ? 71  THR A CG2  1 
ATOM 1111 H H    . THR A 1 68  ? 13.683  -2.508  1.951   1.00 0.00 ? 71  THR A H    1 
ATOM 1112 H HA   . THR A 1 68  ? 13.671  -1.532  4.710   1.00 0.00 ? 71  THR A HA   1 
ATOM 1113 H HB   . THR A 1 68  ? 15.065  -3.520  4.129   1.00 0.00 ? 71  THR A HB   1 
ATOM 1114 H HG1  . THR A 1 68  ? 16.824  -2.569  5.224   1.00 0.00 ? 71  THR A HG1  1 
ATOM 1115 H HG21 . THR A 1 68  ? 16.701  -3.514  2.462   1.00 0.00 ? 71  THR A HG21 1 
ATOM 1116 H HG22 . THR A 1 68  ? 15.539  -2.406  1.695   1.00 0.00 ? 71  THR A HG22 1 
ATOM 1117 H HG23 . THR A 1 68  ? 16.944  -1.754  2.571   1.00 0.00 ? 71  THR A HG23 1 
ATOM 1118 N N    . ASN A 1 69  ? 13.610  0.550   2.758   1.00 0.00 ? 72  ASN A N    1 
ATOM 1119 C CA   . ASN A 1 69  ? 13.831  1.925   2.347   1.00 0.00 ? 72  ASN A CA   1 
ATOM 1120 C C    . ASN A 1 69  ? 12.482  2.621   2.160   1.00 0.00 ? 72  ASN A C    1 
ATOM 1121 O O    . ASN A 1 69  ? 11.671  2.198   1.338   1.00 0.00 ? 72  ASN A O    1 
ATOM 1122 C CB   . ASN A 1 69  ? 14.584  1.989   1.016   1.00 0.00 ? 72  ASN A CB   1 
ATOM 1123 C CG   . ASN A 1 69  ? 15.226  3.363   0.814   1.00 0.00 ? 72  ASN A CG   1 
ATOM 1124 O OD1  . ASN A 1 69  ? 15.291  4.185   1.713   1.00 0.00 ? 72  ASN A OD1  1 
ATOM 1125 N ND2  . ASN A 1 69  ? 15.697  3.564   -0.414  1.00 0.00 ? 72  ASN A ND2  1 
ATOM 1126 H H    . ASN A 1 69  ? 12.706  0.183   2.538   1.00 0.00 ? 72  ASN A H    1 
ATOM 1127 H HA   . ASN A 1 69  ? 14.424  2.371   3.146   1.00 0.00 ? 72  ASN A HA   1 
ATOM 1128 H HB2  . ASN A 1 69  ? 15.353  1.217   0.992   1.00 0.00 ? 72  ASN A HB2  1 
ATOM 1129 H HB3  . ASN A 1 69  ? 13.898  1.779   0.196   1.00 0.00 ? 72  ASN A HB3  1 
ATOM 1130 H HD21 . ASN A 1 69  ? 15.612  2.847   -1.106  1.00 0.00 ? 72  ASN A HD21 1 
ATOM 1131 H HD22 . ASN A 1 69  ? 16.136  4.433   -0.645  1.00 0.00 ? 72  ASN A HD22 1 
ATOM 1132 N N    . GLN A 1 70  ? 12.283  3.676   2.937   1.00 0.00 ? 73  GLN A N    1 
ATOM 1133 C CA   . GLN A 1 70  ? 11.046  4.434   2.867   1.00 0.00 ? 73  GLN A CA   1 
ATOM 1134 C C    . GLN A 1 70  ? 11.152  5.526   1.800   1.00 0.00 ? 73  GLN A C    1 
ATOM 1135 O O    . GLN A 1 70  ? 10.655  6.635   1.989   1.00 0.00 ? 73  GLN A O    1 
ATOM 1136 C CB   . GLN A 1 70  ? 10.693  5.033   4.230   1.00 0.00 ? 73  GLN A CB   1 
ATOM 1137 C CG   . GLN A 1 70  ? 11.210  4.150   5.367   1.00 0.00 ? 73  GLN A CG   1 
ATOM 1138 C CD   . GLN A 1 70  ? 10.536  4.512   6.692   1.00 0.00 ? 73  GLN A CD   1 
ATOM 1139 O OE1  . GLN A 1 70  ? 9.733   5.426   6.780   1.00 0.00 ? 73  GLN A OE1  1 
ATOM 1140 N NE2  . GLN A 1 70  ? 10.906  3.745   7.714   1.00 0.00 ? 73  GLN A NE2  1 
ATOM 1141 H H    . GLN A 1 70  ? 12.949  4.013   3.603   1.00 0.00 ? 73  GLN A H    1 
ATOM 1142 H HA   . GLN A 1 70  ? 10.279  3.713   2.584   1.00 0.00 ? 73  GLN A HA   1 
ATOM 1143 H HB2  . GLN A 1 70  ? 11.122  6.031   4.315   1.00 0.00 ? 73  GLN A HB2  1 
ATOM 1144 H HB3  . GLN A 1 70  ? 9.611   5.143   4.313   1.00 0.00 ? 73  GLN A HB3  1 
ATOM 1145 H HG2  . GLN A 1 70  ? 11.022  3.102   5.133   1.00 0.00 ? 73  GLN A HG2  1 
ATOM 1146 H HG3  . GLN A 1 70  ? 12.289  4.267   5.461   1.00 0.00 ? 73  GLN A HG3  1 
ATOM 1147 H HE21 . GLN A 1 70  ? 11.570  3.011   7.574   1.00 0.00 ? 73  GLN A HE21 1 
ATOM 1148 H HE22 . GLN A 1 70  ? 10.519  3.904   8.623   1.00 0.00 ? 73  GLN A HE22 1 
ATOM 1149 N N    . ARG A 1 71  ? 11.802  5.173   0.701   1.00 0.00 ? 74  ARG A N    1 
ATOM 1150 C CA   . ARG A 1 71  ? 11.980  6.109   -0.396  1.00 0.00 ? 74  ARG A CA   1 
ATOM 1151 C C    . ARG A 1 71  ? 11.296  5.582   -1.660  1.00 0.00 ? 74  ARG A C    1 
ATOM 1152 O O    . ARG A 1 71  ? 11.068  6.333   -2.607  1.00 0.00 ? 74  ARG A O    1 
ATOM 1153 C CB   . ARG A 1 71  ? 13.464  6.342   -0.688  1.00 0.00 ? 74  ARG A CB   1 
ATOM 1154 C CG   . ARG A 1 71  ? 14.152  7.031   0.491   1.00 0.00 ? 74  ARG A CG   1 
ATOM 1155 C CD   . ARG A 1 71  ? 14.817  8.337   0.051   1.00 0.00 ? 74  ARG A CD   1 
ATOM 1156 N NE   . ARG A 1 71  ? 15.759  8.802   1.093   1.00 0.00 ? 74  ARG A NE   1 
ATOM 1157 C CZ   . ARG A 1 71  ? 16.754  9.672   0.873   1.00 0.00 ? 74  ARG A CZ   1 
ATOM 1158 N NH1  . ARG A 1 71  ? 16.943  10.177  -0.354  1.00 0.00 ? 74  ARG A NH1  1 
ATOM 1159 N NH2  . ARG A 1 71  ? 17.561  10.037  1.879   1.00 0.00 ? 74  ARG A NH2  1 
ATOM 1160 H H    . ARG A 1 71  ? 12.203  4.269   0.554   1.00 0.00 ? 74  ARG A H    1 
ATOM 1161 H HA   . ARG A 1 71  ? 11.513  7.032   -0.054  1.00 0.00 ? 74  ARG A HA   1 
ATOM 1162 H HB2  . ARG A 1 71  ? 13.952  5.389   -0.892  1.00 0.00 ? 74  ARG A HB2  1 
ATOM 1163 H HB3  . ARG A 1 71  ? 13.571  6.953   -1.584  1.00 0.00 ? 74  ARG A HB3  1 
ATOM 1164 H HG2  . ARG A 1 71  ? 13.421  7.236   1.274   1.00 0.00 ? 74  ARG A HG2  1 
ATOM 1165 H HG3  . ARG A 1 71  ? 14.901  6.365   0.921   1.00 0.00 ? 74  ARG A HG3  1 
ATOM 1166 H HD2  . ARG A 1 71  ? 15.348  8.185   -0.889  1.00 0.00 ? 74  ARG A HD2  1 
ATOM 1167 H HD3  . ARG A 1 71  ? 14.058  9.098   -0.130  1.00 0.00 ? 74  ARG A HD3  1 
ATOM 1168 H HE   . ARG A 1 71  ? 15.647  8.444   2.021   1.00 0.00 ? 74  ARG A HE   1 
ATOM 1169 H HH11 . ARG A 1 71  ? 16.340  9.905   -1.105  1.00 0.00 ? 74  ARG A HH11 1 
ATOM 1170 H HH12 . ARG A 1 71  ? 17.684  10.827  -0.519  1.00 0.00 ? 74  ARG A HH12 1 
ATOM 1171 H HH21 . ARG A 1 71  ? 17.420  9.660   2.794   1.00 0.00 ? 74  ARG A HH21 1 
ATOM 1172 H HH22 . ARG A 1 71  ? 18.303  10.687  1.714   1.00 0.00 ? 74  ARG A HH22 1 
ATOM 1173 N N    . PHE A 1 72  ? 10.987  4.292   -1.633  1.00 0.00 ? 75  PHE A N    1 
ATOM 1174 C CA   . PHE A 1 72  ? 10.335  3.655   -2.764  1.00 0.00 ? 75  PHE A CA   1 
ATOM 1175 C C    . PHE A 1 72  ? 8.847   4.009   -2.808  1.00 0.00 ? 75  PHE A C    1 
ATOM 1176 O O    . PHE A 1 72  ? 8.289   4.229   -3.882  1.00 0.00 ? 75  PHE A O    1 
ATOM 1177 C CB   . PHE A 1 72  ? 10.482  2.145   -2.573  1.00 0.00 ? 75  PHE A CB   1 
ATOM 1178 C CG   . PHE A 1 72  ? 9.626   1.311   -3.528  1.00 0.00 ? 75  PHE A CG   1 
ATOM 1179 C CD1  . PHE A 1 72  ? 9.687   1.535   -4.868  1.00 0.00 ? 75  PHE A CD1  1 
ATOM 1180 C CD2  . PHE A 1 72  ? 8.805   0.344   -3.036  1.00 0.00 ? 75  PHE A CD2  1 
ATOM 1181 C CE1  . PHE A 1 72  ? 8.891   0.761   -5.754  1.00 0.00 ? 75  PHE A CE1  1 
ATOM 1182 C CE2  . PHE A 1 72  ? 8.010   -0.431  -3.922  1.00 0.00 ? 75  PHE A CE2  1 
ATOM 1183 C CZ   . PHE A 1 72  ? 8.070   -0.206  -5.262  1.00 0.00 ? 75  PHE A CZ   1 
ATOM 1184 H H    . PHE A 1 72  ? 11.176  3.689   -0.859  1.00 0.00 ? 75  PHE A H    1 
ATOM 1185 H HA   . PHE A 1 72  ? 10.821  4.024   -3.668  1.00 0.00 ? 75  PHE A HA   1 
ATOM 1186 H HB2  . PHE A 1 72  ? 11.529  1.872   -2.708  1.00 0.00 ? 75  PHE A HB2  1 
ATOM 1187 H HB3  . PHE A 1 72  ? 10.217  1.891   -1.547  1.00 0.00 ? 75  PHE A HB3  1 
ATOM 1188 H HD1  . PHE A 1 72  ? 10.344  2.310   -5.262  1.00 0.00 ? 75  PHE A HD1  1 
ATOM 1189 H HD2  . PHE A 1 72  ? 8.757   0.164   -1.963  1.00 0.00 ? 75  PHE A HD2  1 
ATOM 1190 H HE1  . PHE A 1 72  ? 8.940   0.940   -6.827  1.00 0.00 ? 75  PHE A HE1  1 
ATOM 1191 H HE2  . PHE A 1 72  ? 7.352   -1.205  -3.528  1.00 0.00 ? 75  PHE A HE2  1 
ATOM 1192 H HZ   . PHE A 1 72  ? 7.461   -0.800  -5.942  1.00 0.00 ? 75  PHE A HZ   1 
ATOM 1193 N N    . PHE A 1 73  ? 8.246   4.052   -1.627  1.00 0.00 ? 76  PHE A N    1 
ATOM 1194 C CA   . PHE A 1 73  ? 6.834   4.375   -1.518  1.00 0.00 ? 76  PHE A CA   1 
ATOM 1195 C C    . PHE A 1 73  ? 6.623   5.887   -1.414  1.00 0.00 ? 76  PHE A C    1 
ATOM 1196 O O    . PHE A 1 73  ? 5.534   6.344   -1.072  1.00 0.00 ? 76  PHE A O    1 
ATOM 1197 C CB   . PHE A 1 73  ? 6.322   3.712   -0.238  1.00 0.00 ? 76  PHE A CB   1 
ATOM 1198 C CG   . PHE A 1 73  ? 5.970   2.232   -0.402  1.00 0.00 ? 76  PHE A CG   1 
ATOM 1199 C CD1  . PHE A 1 73  ? 4.994   1.857   -1.271  1.00 0.00 ? 76  PHE A CD1  1 
ATOM 1200 C CD2  . PHE A 1 73  ? 6.635   1.292   0.322   1.00 0.00 ? 76  PHE A CD2  1 
ATOM 1201 C CE1  . PHE A 1 73  ? 4.669   0.482   -1.423  1.00 0.00 ? 76  PHE A CE1  1 
ATOM 1202 C CE2  . PHE A 1 73  ? 6.309   -0.082  0.170   1.00 0.00 ? 76  PHE A CE2  1 
ATOM 1203 C CZ   . PHE A 1 73  ? 5.333   -0.457  -0.698  1.00 0.00 ? 76  PHE A CZ   1 
ATOM 1204 H H    . PHE A 1 73  ? 8.707   3.873   -0.759  1.00 0.00 ? 76  PHE A H    1 
ATOM 1205 H HA   . PHE A 1 73  ? 6.346   4.003   -2.419  1.00 0.00 ? 76  PHE A HA   1 
ATOM 1206 H HB2  . PHE A 1 73  ? 7.079   3.811   0.539   1.00 0.00 ? 76  PHE A HB2  1 
ATOM 1207 H HB3  . PHE A 1 73  ? 5.437   4.248   0.107   1.00 0.00 ? 76  PHE A HB3  1 
ATOM 1208 H HD1  . PHE A 1 73  ? 4.462   2.610   -1.851  1.00 0.00 ? 76  PHE A HD1  1 
ATOM 1209 H HD2  . PHE A 1 73  ? 7.417   1.593   1.019   1.00 0.00 ? 76  PHE A HD2  1 
ATOM 1210 H HE1  . PHE A 1 73  ? 3.886   0.182   -2.120  1.00 0.00 ? 76  PHE A HE1  1 
ATOM 1211 H HE2  . PHE A 1 73  ? 6.842   -0.836  0.751   1.00 0.00 ? 76  PHE A HE2  1 
ATOM 1212 H HZ   . PHE A 1 73  ? 5.083   -1.512  -0.816  1.00 0.00 ? 76  PHE A HZ   1 
ATOM 1213 N N    . ASP A 1 74  ? 7.683   6.622   -1.718  1.00 0.00 ? 77  ASP A N    1 
ATOM 1214 C CA   . ASP A 1 74  ? 7.628   8.073   -1.663  1.00 0.00 ? 77  ASP A CA   1 
ATOM 1215 C C    . ASP A 1 74  ? 6.664   8.584   -2.735  1.00 0.00 ? 77  ASP A C    1 
ATOM 1216 O O    . ASP A 1 74  ? 6.998   8.598   -3.919  1.00 0.00 ? 77  ASP A O    1 
ATOM 1217 C CB   . ASP A 1 74  ? 9.004   8.687   -1.932  1.00 0.00 ? 77  ASP A CB   1 
ATOM 1218 C CG   . ASP A 1 74  ? 9.954   8.698   -0.733  1.00 0.00 ? 77  ASP A CG   1 
ATOM 1219 O OD1  . ASP A 1 74  ? 9.500   8.280   0.353   1.00 0.00 ? 77  ASP A OD1  1 
ATOM 1220 O OD2  . ASP A 1 74  ? 11.112  9.124   -0.931  1.00 0.00 ? 77  ASP A OD2  1 
ATOM 1221 H H    . ASP A 1 74  ? 8.566   6.243   -1.995  1.00 0.00 ? 77  ASP A H    1 
ATOM 1222 H HA   . ASP A 1 74  ? 7.293   8.309   -0.653  1.00 0.00 ? 77  ASP A HA   1 
ATOM 1223 H HB2  . ASP A 1 74  ? 9.476   8.138   -2.747  1.00 0.00 ? 77  ASP A HB2  1 
ATOM 1224 H HB3  . ASP A 1 74  ? 8.866   9.712   -2.278  1.00 0.00 ? 77  ASP A HB3  1 
ATOM 1225 N N    . LEU A 1 75  ? 5.487   8.990   -2.283  1.00 0.00 ? 78  LEU A N    1 
ATOM 1226 C CA   . LEU A 1 75  ? 4.472   9.499   -3.188  1.00 0.00 ? 78  LEU A CA   1 
ATOM 1227 C C    . LEU A 1 75  ? 4.394   11.021  -3.055  1.00 0.00 ? 78  LEU A C    1 
ATOM 1228 O O    . LEU A 1 75  ? 4.444   11.554  -1.949  1.00 0.00 ? 78  LEU A O    1 
ATOM 1229 C CB   . LEU A 1 75  ? 3.136   8.791   -2.950  1.00 0.00 ? 78  LEU A CB   1 
ATOM 1230 C CG   . LEU A 1 75  ? 3.000   7.393   -3.556  1.00 0.00 ? 78  LEU A CG   1 
ATOM 1231 C CD1  . LEU A 1 75  ? 2.777   6.342   -2.468  1.00 0.00 ? 78  LEU A CD1  1 
ATOM 1232 C CD2  . LEU A 1 75  ? 1.899   7.360   -4.618  1.00 0.00 ? 78  LEU A CD2  1 
ATOM 1233 H H    . LEU A 1 75  ? 5.223   8.974   -1.318  1.00 0.00 ? 78  LEU A H    1 
ATOM 1234 H HA   . LEU A 1 75  ? 4.788   9.257   -4.204  1.00 0.00 ? 78  LEU A HA   1 
ATOM 1235 H HB2  . LEU A 1 75  ? 2.974   8.716   -1.875  1.00 0.00 ? 78  LEU A HB2  1 
ATOM 1236 H HB3  . LEU A 1 75  ? 2.339   9.418   -3.349  1.00 0.00 ? 78  LEU A HB3  1 
ATOM 1237 H HG   . LEU A 1 75  ? 3.937   7.145   -4.056  1.00 0.00 ? 78  LEU A HG   1 
ATOM 1238 H HD11 . LEU A 1 75  ? 3.190   6.703   -1.525  1.00 0.00 ? 78  LEU A HD11 1 
ATOM 1239 H HD12 . LEU A 1 75  ? 1.709   6.161   -2.351  1.00 0.00 ? 78  LEU A HD12 1 
ATOM 1240 H HD13 . LEU A 1 75  ? 3.275   5.414   -2.750  1.00 0.00 ? 78  LEU A HD13 1 
ATOM 1241 H HD21 . LEU A 1 75  ? 0.934   7.550   -4.147  1.00 0.00 ? 78  LEU A HD21 1 
ATOM 1242 H HD22 . LEU A 1 75  ? 2.094   8.127   -5.367  1.00 0.00 ? 78  LEU A HD22 1 
ATOM 1243 H HD23 . LEU A 1 75  ? 1.884   6.381   -5.096  1.00 0.00 ? 78  LEU A HD23 1 
ATOM 1244 N N    . VAL A 1 76  ? 4.271   11.677  -4.201  1.00 0.00 ? 79  VAL A N    1 
ATOM 1245 C CA   . VAL A 1 76  ? 4.186   13.128  -4.226  1.00 0.00 ? 79  VAL A CA   1 
ATOM 1246 C C    . VAL A 1 76  ? 2.904   13.546  -4.950  1.00 0.00 ? 79  VAL A C    1 
ATOM 1247 O O    . VAL A 1 76  ? 2.291   12.740  -5.649  1.00 0.00 ? 79  VAL A O    1 
ATOM 1248 C CB   . VAL A 1 76  ? 5.449   13.716  -4.858  1.00 0.00 ? 79  VAL A CB   1 
ATOM 1249 C CG1  . VAL A 1 76  ? 6.705   13.044  -4.299  1.00 0.00 ? 79  VAL A CG1  1 
ATOM 1250 C CG2  . VAL A 1 76  ? 5.401   13.607  -6.383  1.00 0.00 ? 79  VAL A CG2  1 
ATOM 1251 H H    . VAL A 1 76  ? 4.231   11.236  -5.097  1.00 0.00 ? 79  VAL A H    1 
ATOM 1252 H HA   . VAL A 1 76  ? 4.133   13.472  -3.193  1.00 0.00 ? 79  VAL A HA   1 
ATOM 1253 H HB   . VAL A 1 76  ? 5.491   14.773  -4.598  1.00 0.00 ? 79  VAL A HB   1 
ATOM 1254 H HG11 . VAL A 1 76  ? 6.556   12.817  -3.244  1.00 0.00 ? 79  VAL A HG11 1 
ATOM 1255 H HG12 . VAL A 1 76  ? 6.896   12.120  -4.846  1.00 0.00 ? 79  VAL A HG12 1 
ATOM 1256 H HG13 . VAL A 1 76  ? 7.556   13.715  -4.411  1.00 0.00 ? 79  VAL A HG13 1 
ATOM 1257 H HG21 . VAL A 1 76  ? 6.166   14.250  -6.817  1.00 0.00 ? 79  VAL A HG21 1 
ATOM 1258 H HG22 . VAL A 1 76  ? 5.583   12.574  -6.680  1.00 0.00 ? 79  VAL A HG22 1 
ATOM 1259 H HG23 . VAL A 1 76  ? 4.419   13.920  -6.738  1.00 0.00 ? 79  VAL A HG23 1 
ATOM 1260 N N    . SER A 1 77  ? 2.539   14.805  -4.759  1.00 0.00 ? 80  SER A N    1 
ATOM 1261 C CA   . SER A 1 77  ? 1.342   15.340  -5.387  1.00 0.00 ? 80  SER A CA   1 
ATOM 1262 C C    . SER A 1 77  ? 1.667   15.835  -6.797  1.00 0.00 ? 80  SER A C    1 
ATOM 1263 O O    . SER A 1 77  ? 2.490   16.732  -6.971  1.00 0.00 ? 80  SER A O    1 
ATOM 1264 C CB   . SER A 1 77  ? 0.743   16.473  -4.552  1.00 0.00 ? 80  SER A CB   1 
ATOM 1265 O OG   . SER A 1 77  ? -0.575  16.809  -4.976  1.00 0.00 ? 80  SER A OG   1 
ATOM 1266 H H    . SER A 1 77  ? 3.043   15.453  -4.190  1.00 0.00 ? 80  SER A H    1 
ATOM 1267 H HA   . SER A 1 77  ? 0.640   14.507  -5.425  1.00 0.00 ? 80  SER A HA   1 
ATOM 1268 H HB2  . SER A 1 77  ? 0.722   16.178  -3.502  1.00 0.00 ? 80  SER A HB2  1 
ATOM 1269 H HB3  . SER A 1 77  ? 1.381   17.353  -4.623  1.00 0.00 ? 80  SER A HB3  1 
ATOM 1270 H HG   . SER A 1 77  ? -1.161  15.999  -4.948  1.00 0.00 ? 80  SER A HG   1 
ATOM 1271 N N    . PRO A 1 78  ? 0.986   15.211  -7.796  1.00 0.00 ? 81  PRO A N    1 
ATOM 1272 C CA   . PRO A 1 78  ? 1.194   15.578  -9.186  1.00 0.00 ? 81  PRO A CA   1 
ATOM 1273 C C    . PRO A 1 78  ? 0.515   16.911  -9.509  1.00 0.00 ? 81  PRO A C    1 
ATOM 1274 O O    . PRO A 1 78  ? 0.652   17.430  -10.616 1.00 0.00 ? 81  PRO A O    1 
ATOM 1275 C CB   . PRO A 1 78  ? 0.631   14.416  -9.989  1.00 0.00 ? 81  PRO A CB   1 
ATOM 1276 C CG   . PRO A 1 78  ? -0.285  13.659  -9.040  1.00 0.00 ? 81  PRO A CG   1 
ATOM 1277 C CD   . PRO A 1 78  ? 0.003   14.144  -7.629  1.00 0.00 ? 81  PRO A CD   1 
ATOM 1278 H HA   . PRO A 1 78  ? 2.167   15.716  -9.367  1.00 0.00 ? 81  PRO A HA   1 
ATOM 1279 H HB2  . PRO A 1 78  ? 0.082   14.773  -10.860 1.00 0.00 ? 81  PRO A HB2  1 
ATOM 1280 H HB3  . PRO A 1 78  ? 1.430   13.773  -10.357 1.00 0.00 ? 81  PRO A HB3  1 
ATOM 1281 H HG2  . PRO A 1 78  ? -1.329  13.834  -9.298  1.00 0.00 ? 81  PRO A HG2  1 
ATOM 1282 H HG3  . PRO A 1 78  ? -0.112  12.586  -9.119  1.00 0.00 ? 81  PRO A HG3  1 
ATOM 1283 H HD2  . PRO A 1 78  ? -0.901  14.511  -7.144  1.00 0.00 ? 81  PRO A HD2  1 
ATOM 1284 H HD3  . PRO A 1 78  ? 0.394   13.340  -7.006  1.00 0.00 ? 81  PRO A HD3  1 
ATOM 1285 N N    . THR A 1 79  ? -0.202  17.428  -8.521  1.00 0.00 ? 82  THR A N    1 
ATOM 1286 C CA   . THR A 1 79  ? -0.901  18.691  -8.686  1.00 0.00 ? 82  THR A CA   1 
ATOM 1287 C C    . THR A 1 79  ? -0.257  19.774  -7.818  1.00 0.00 ? 82  THR A C    1 
ATOM 1288 O O    . THR A 1 79  ? -0.431  20.965  -8.075  1.00 0.00 ? 82  THR A O    1 
ATOM 1289 C CB   . THR A 1 79  ? -2.379  18.457  -8.368  1.00 0.00 ? 82  THR A CB   1 
ATOM 1290 O OG1  . THR A 1 79  ? -2.417  18.352  -6.947  1.00 0.00 ? 82  THR A OG1  1 
ATOM 1291 C CG2  . THR A 1 79  ? -2.874  17.094  -8.856  1.00 0.00 ? 82  THR A CG2  1 
ATOM 1292 H H    . THR A 1 79  ? -0.307  17.000  -7.624  1.00 0.00 ? 82  THR A H    1 
ATOM 1293 H HA   . THR A 1 79  ? -0.798  19.009  -9.723  1.00 0.00 ? 82  THR A HA   1 
ATOM 1294 H HB   . THR A 1 79  ? -2.995  19.262  -8.769  1.00 0.00 ? 82  THR A HB   1 
ATOM 1295 H HG1  . THR A 1 79  ? -2.314  19.257  -6.535  1.00 0.00 ? 82  THR A HG1  1 
ATOM 1296 H HG21 . THR A 1 79  ? -2.229  16.739  -9.658  1.00 0.00 ? 82  THR A HG21 1 
ATOM 1297 H HG22 . THR A 1 79  ? -2.852  16.383  -8.030  1.00 0.00 ? 82  THR A HG22 1 
ATOM 1298 H HG23 . THR A 1 79  ? -3.895  17.189  -9.226  1.00 0.00 ? 82  THR A HG23 1 
ATOM 1299 N N    . ARG A 1 80  ? 0.474   19.322  -6.809  1.00 0.00 ? 83  ARG A N    1 
ATOM 1300 C CA   . ARG A 1 80  ? 1.144   20.239  -5.903  1.00 0.00 ? 83  ARG A CA   1 
ATOM 1301 C C    . ARG A 1 80  ? 2.592   19.797  -5.677  1.00 0.00 ? 83  ARG A C    1 
ATOM 1302 O O    . ARG A 1 80  ? 2.878   18.602  -5.616  1.00 0.00 ? 83  ARG A O    1 
ATOM 1303 C CB   . ARG A 1 80  ? 0.423   20.307  -4.556  1.00 0.00 ? 83  ARG A CB   1 
ATOM 1304 C CG   . ARG A 1 80  ? 0.907   21.504  -3.734  1.00 0.00 ? 83  ARG A CG   1 
ATOM 1305 C CD   . ARG A 1 80  ? 0.181   21.576  -2.389  1.00 0.00 ? 83  ARG A CD   1 
ATOM 1306 N NE   . ARG A 1 80  ? -0.546  22.860  -2.275  1.00 0.00 ? 83  ARG A NE   1 
ATOM 1307 C CZ   . ARG A 1 80  ? -1.446  23.131  -1.321  1.00 0.00 ? 83  ARG A CZ   1 
ATOM 1308 N NH1  . ARG A 1 80  ? -1.736  22.210  -0.392  1.00 0.00 ? 83  ARG A NH1  1 
ATOM 1309 N NH2  . ARG A 1 80  ? -2.058  24.323  -1.296  1.00 0.00 ? 83  ARG A NH2  1 
ATOM 1310 H H    . ARG A 1 80  ? 0.610   18.353  -6.609  1.00 0.00 ? 83  ARG A H    1 
ATOM 1311 H HA   . ARG A 1 80  ? 1.104   21.206  -6.403  1.00 0.00 ? 83  ARG A HA   1 
ATOM 1312 H HB2  . ARG A 1 80  ? -0.652  20.385  -4.718  1.00 0.00 ? 83  ARG A HB2  1 
ATOM 1313 H HB3  . ARG A 1 80  ? 0.595   19.386  -4.000  1.00 0.00 ? 83  ARG A HB3  1 
ATOM 1314 H HG2  . ARG A 1 80  ? 1.982   21.423  -3.567  1.00 0.00 ? 83  ARG A HG2  1 
ATOM 1315 H HG3  . ARG A 1 80  ? 0.740   22.425  -4.292  1.00 0.00 ? 83  ARG A HG3  1 
ATOM 1316 H HD2  . ARG A 1 80  ? -0.516  20.744  -2.298  1.00 0.00 ? 83  ARG A HD2  1 
ATOM 1317 H HD3  . ARG A 1 80  ? 0.898   21.481  -1.573  1.00 0.00 ? 83  ARG A HD3  1 
ATOM 1318 H HE   . ARG A 1 80  ? -0.354  23.569  -2.953  1.00 0.00 ? 83  ARG A HE   1 
ATOM 1319 H HH11 . ARG A 1 80  ? -1.280  21.320  -0.410  1.00 0.00 ? 83  ARG A HH11 1 
ATOM 1320 H HH12 . ARG A 1 80  ? -2.408  22.412  0.320   1.00 0.00 ? 83  ARG A HH12 1 
ATOM 1321 H HH21 . ARG A 1 80  ? -1.842  25.011  -1.989  1.00 0.00 ? 83  ARG A HH21 1 
ATOM 1322 H HH22 . ARG A 1 80  ? -2.729  24.526  -0.584  1.00 0.00 ? 83  ARG A HH22 1 
ATOM 1323 N N    . SER A 1 81  ? 3.467   20.785  -5.557  1.00 0.00 ? 84  SER A N    1 
ATOM 1324 C CA   . SER A 1 81  ? 4.877   20.512  -5.339  1.00 0.00 ? 84  SER A CA   1 
ATOM 1325 C C    . SER A 1 81  ? 5.112   20.105  -3.883  1.00 0.00 ? 84  SER A C    1 
ATOM 1326 O O    . SER A 1 81  ? 5.915   20.722  -3.184  1.00 0.00 ? 84  SER A O    1 
ATOM 1327 C CB   . SER A 1 81  ? 5.734   21.730  -5.694  1.00 0.00 ? 84  SER A CB   1 
ATOM 1328 O OG   . SER A 1 81  ? 6.893   21.366  -6.440  1.00 0.00 ? 84  SER A OG   1 
ATOM 1329 H H    . SER A 1 81  ? 3.226   21.754  -5.607  1.00 0.00 ? 84  SER A H    1 
ATOM 1330 H HA   . SER A 1 81  ? 5.120   19.690  -6.011  1.00 0.00 ? 84  SER A HA   1 
ATOM 1331 H HB2  . SER A 1 81  ? 5.138   22.437  -6.271  1.00 0.00 ? 84  SER A HB2  1 
ATOM 1332 H HB3  . SER A 1 81  ? 6.037   22.239  -4.779  1.00 0.00 ? 84  SER A HB3  1 
ATOM 1333 H HG   . SER A 1 81  ? 7.492   22.160  -6.550  1.00 0.00 ? 84  SER A HG   1 
ATOM 1334 N N    . ALA A 1 82  ? 4.398   19.069  -3.469  1.00 0.00 ? 85  ALA A N    1 
ATOM 1335 C CA   . ALA A 1 82  ? 4.518   18.571  -2.110  1.00 0.00 ? 85  ALA A CA   1 
ATOM 1336 C C    . ALA A 1 82  ? 4.752   17.060  -2.143  1.00 0.00 ? 85  ALA A C    1 
ATOM 1337 O O    . ALA A 1 82  ? 4.143   16.351  -2.943  1.00 0.00 ? 85  ALA A O    1 
ATOM 1338 C CB   . ALA A 1 82  ? 3.268   18.951  -1.314  1.00 0.00 ? 85  ALA A CB   1 
ATOM 1339 H H    . ALA A 1 82  ? 3.748   18.573  -4.045  1.00 0.00 ? 85  ALA A H    1 
ATOM 1340 H HA   . ALA A 1 82  ? 5.383   19.054  -1.655  1.00 0.00 ? 85  ALA A HA   1 
ATOM 1341 H HB1  . ALA A 1 82  ? 3.392   18.645  -0.275  1.00 0.00 ? 85  ALA A HB1  1 
ATOM 1342 H HB2  . ALA A 1 82  ? 3.122   20.030  -1.360  1.00 0.00 ? 85  ALA A HB2  1 
ATOM 1343 H HB3  . ALA A 1 82  ? 2.400   18.448  -1.741  1.00 0.00 ? 85  ALA A HB3  1 
ATOM 1344 N N    . HIS A 1 83  ? 5.635   16.610  -1.264  1.00 0.00 ? 86  HIS A N    1 
ATOM 1345 C CA   . HIS A 1 83  ? 5.956   15.195  -1.182  1.00 0.00 ? 86  HIS A CA   1 
ATOM 1346 C C    . HIS A 1 83  ? 5.339   14.600  0.085   1.00 0.00 ? 86  HIS A C    1 
ATOM 1347 O O    . HIS A 1 83  ? 5.232   15.279  1.106   1.00 0.00 ? 86  HIS A O    1 
ATOM 1348 C CB   . HIS A 1 83  ? 7.468   14.975  -1.265  1.00 0.00 ? 86  HIS A CB   1 
ATOM 1349 C CG   . HIS A 1 83  ? 8.059   15.272  -2.621  1.00 0.00 ? 86  HIS A CG   1 
ATOM 1350 N ND1  . HIS A 1 83  ? 9.323   14.853  -2.997  1.00 0.00 ? 86  HIS A ND1  1 
ATOM 1351 C CD2  . HIS A 1 83  ? 7.546   15.950  -3.688  1.00 0.00 ? 86  HIS A CD2  1 
ATOM 1352 C CE1  . HIS A 1 83  ? 9.551   15.265  -4.235  1.00 0.00 ? 86  HIS A CE1  1 
ATOM 1353 N NE2  . HIS A 1 83  ? 8.448   15.946  -4.662  1.00 0.00 ? 86  HIS A NE2  1 
ATOM 1354 H H    . HIS A 1 83  ? 6.126   17.193  -0.616  1.00 0.00 ? 86  HIS A H    1 
ATOM 1355 H HA   . HIS A 1 83  ? 5.503   14.721  -2.053  1.00 0.00 ? 86  HIS A HA   1 
ATOM 1356 H HB2  . HIS A 1 83  ? 7.957   15.605  -0.521  1.00 0.00 ? 86  HIS A HB2  1 
ATOM 1357 H HB3  . HIS A 1 83  ? 7.689   13.941  -1.001  1.00 0.00 ? 86  HIS A HB3  1 
ATOM 1358 H HD2  . HIS A 1 83  ? 6.562   16.416  -3.733  1.00 0.00 ? 86  HIS A HD2  1 
ATOM 1359 H HE1  . HIS A 1 83  ? 10.459  15.093  -4.812  1.00 0.00 ? 86  HIS A HE1  1 
ATOM 1360 H HE2  . HIS A 1 83  ? 8.316   16.323  -5.579  1.00 0.00 ? 86  HIS A HE2  1 
ATOM 1361 N N    . PHE A 1 84  ? 4.948   13.339  -0.021  1.00 0.00 ? 87  PHE A N    1 
ATOM 1362 C CA   . PHE A 1 84  ? 4.344   12.645  1.104   1.00 0.00 ? 87  PHE A CA   1 
ATOM 1363 C C    . PHE A 1 84  ? 5.074   11.331  1.394   1.00 0.00 ? 87  PHE A C    1 
ATOM 1364 O O    . PHE A 1 84  ? 5.372   10.567  0.477   1.00 0.00 ? 87  PHE A O    1 
ATOM 1365 C CB   . PHE A 1 84  ? 2.897   12.336  0.714   1.00 0.00 ? 87  PHE A CB   1 
ATOM 1366 C CG   . PHE A 1 84  ? 2.164   13.510  0.061   1.00 0.00 ? 87  PHE A CG   1 
ATOM 1367 C CD1  . PHE A 1 84  ? 2.076   14.702  0.709   1.00 0.00 ? 87  PHE A CD1  1 
ATOM 1368 C CD2  . PHE A 1 84  ? 1.600   13.361  -1.168  1.00 0.00 ? 87  PHE A CD2  1 
ATOM 1369 C CE1  . PHE A 1 84  ? 1.396   15.791  0.104   1.00 0.00 ? 87  PHE A CE1  1 
ATOM 1370 C CE2  . PHE A 1 84  ? 0.921   14.450  -1.774  1.00 0.00 ? 87  PHE A CE2  1 
ATOM 1371 C CZ   . PHE A 1 84  ? 0.832   15.643  -1.125  1.00 0.00 ? 87  PHE A CZ   1 
ATOM 1372 H H    . PHE A 1 84  ? 5.038   12.794  -0.855  1.00 0.00 ? 87  PHE A H    1 
ATOM 1373 H HA   . PHE A 1 84  ? 4.424   13.302  1.970   1.00 0.00 ? 87  PHE A HA   1 
ATOM 1374 H HB2  . PHE A 1 84  ? 2.890   11.490  0.028   1.00 0.00 ? 87  PHE A HB2  1 
ATOM 1375 H HB3  . PHE A 1 84  ? 2.349   12.029  1.605   1.00 0.00 ? 87  PHE A HB3  1 
ATOM 1376 H HD1  . PHE A 1 84  ? 2.527   14.821  1.695   1.00 0.00 ? 87  PHE A HD1  1 
ATOM 1377 H HD2  . PHE A 1 84  ? 1.671   12.405  -1.688  1.00 0.00 ? 87  PHE A HD2  1 
ATOM 1378 H HE1  . PHE A 1 84  ? 1.325   16.747  0.624   1.00 0.00 ? 87  PHE A HE1  1 
ATOM 1379 H HE2  . PHE A 1 84  ? 0.469   14.330  -2.759  1.00 0.00 ? 87  PHE A HE2  1 
ATOM 1380 H HZ   . PHE A 1 84  ? 0.310   16.478  -1.590  1.00 0.00 ? 87  PHE A HZ   1 
ATOM 1381 N N    . HIS A 1 85  ? 5.339   11.110  2.673   1.00 0.00 ? 88  HIS A N    1 
ATOM 1382 C CA   . HIS A 1 85  ? 6.029   9.902   3.094   1.00 0.00 ? 88  HIS A CA   1 
ATOM 1383 C C    . HIS A 1 85  ? 5.058   8.999   3.859   1.00 0.00 ? 88  HIS A C    1 
ATOM 1384 O O    . HIS A 1 85  ? 4.791   9.226   5.038   1.00 0.00 ? 88  HIS A O    1 
ATOM 1385 C CB   . HIS A 1 85  ? 7.281   10.246  3.903   1.00 0.00 ? 88  HIS A CB   1 
ATOM 1386 C CG   . HIS A 1 85  ? 7.792   9.109   4.757   1.00 0.00 ? 88  HIS A CG   1 
ATOM 1387 N ND1  . HIS A 1 85  ? 7.488   7.783   4.500   1.00 0.00 ? 88  HIS A ND1  1 
ATOM 1388 C CD2  . HIS A 1 85  ? 8.589   9.114   5.864   1.00 0.00 ? 88  HIS A CD2  1 
ATOM 1389 C CE1  . HIS A 1 85  ? 8.080   7.033   5.418   1.00 0.00 ? 88  HIS A CE1  1 
ATOM 1390 N NE2  . HIS A 1 85  ? 8.760   7.860   6.263   1.00 0.00 ? 88  HIS A NE2  1 
ATOM 1391 H H    . HIS A 1 85  ? 5.094   11.736  3.412   1.00 0.00 ? 88  HIS A H    1 
ATOM 1392 H HA   . HIS A 1 85  ? 6.349   9.391   2.187   1.00 0.00 ? 88  HIS A HA   1 
ATOM 1393 H HB2  . HIS A 1 85  ? 8.070   10.555  3.218   1.00 0.00 ? 88  HIS A HB2  1 
ATOM 1394 H HB3  . HIS A 1 85  ? 7.064   11.099  4.545   1.00 0.00 ? 88  HIS A HB3  1 
ATOM 1395 H HD1  . HIS A 1 85  ? 6.918   7.449   3.749   1.00 0.00 ? 88  HIS A HD1  1 
ATOM 1396 H HD2  . HIS A 1 85  ? 9.012   9.998   6.341   1.00 0.00 ? 88  HIS A HD2  1 
ATOM 1397 H HE1  . HIS A 1 85  ? 8.031   5.946   5.485   1.00 0.00 ? 88  HIS A HE1  1 
ATOM 1398 H HE2  . HIS A 1 85  ? 9.347   7.565   7.018   1.00 0.00 ? 88  HIS A HE2  1 
ATOM 1399 N N    . PRO A 1 86  ? 4.544   7.967   3.138   1.00 0.00 ? 89  PRO A N    1 
ATOM 1400 C CA   . PRO A 1 86  ? 3.610   7.028   3.735   1.00 0.00 ? 89  PRO A CA   1 
ATOM 1401 C C    . PRO A 1 86  ? 4.331   6.059   4.674   1.00 0.00 ? 89  PRO A C    1 
ATOM 1402 O O    . PRO A 1 86  ? 5.545   5.886   4.580   1.00 0.00 ? 89  PRO A O    1 
ATOM 1403 C CB   . PRO A 1 86  ? 2.945   6.332   2.559   1.00 0.00 ? 89  PRO A CB   1 
ATOM 1404 C CG   . PRO A 1 86  ? 3.856   6.569   1.365   1.00 0.00 ? 89  PRO A CG   1 
ATOM 1405 C CD   . PRO A 1 86  ? 4.839   7.667   1.739   1.00 0.00 ? 89  PRO A CD   1 
ATOM 1406 H HA   . PRO A 1 86  ? 2.945   7.514   4.303   1.00 0.00 ? 89  PRO A HA   1 
ATOM 1407 H HB2  . PRO A 1 86  ? 2.825   5.267   2.753   1.00 0.00 ? 89  PRO A HB2  1 
ATOM 1408 H HB3  . PRO A 1 86  ? 1.949   6.737   2.377   1.00 0.00 ? 89  PRO A HB3  1 
ATOM 1409 H HG2  . PRO A 1 86  ? 4.388   5.654   1.104   1.00 0.00 ? 89  PRO A HG2  1 
ATOM 1410 H HG3  . PRO A 1 86  ? 3.273   6.860   0.492   1.00 0.00 ? 89  PRO A HG3  1 
ATOM 1411 H HD2  . PRO A 1 86  ? 5.870   7.335   1.614   1.00 0.00 ? 89  PRO A HD2  1 
ATOM 1412 H HD3  . PRO A 1 86  ? 4.708   8.546   1.110   1.00 0.00 ? 89  PRO A HD3  1 
ATOM 1413 N N    . ASN A 1 87  ? 3.552   5.450   5.557   1.00 0.00 ? 90  ASN A N    1 
ATOM 1414 C CA   . ASN A 1 87  ? 4.101   4.504   6.512   1.00 0.00 ? 90  ASN A CA   1 
ATOM 1415 C C    . ASN A 1 87  ? 4.068   3.098   5.906   1.00 0.00 ? 90  ASN A C    1 
ATOM 1416 O O    . ASN A 1 87  ? 2.999   2.582   5.585   1.00 0.00 ? 90  ASN A O    1 
ATOM 1417 C CB   . ASN A 1 87  ? 3.279   4.482   7.801   1.00 0.00 ? 90  ASN A CB   1 
ATOM 1418 C CG   . ASN A 1 87  ? 4.139   4.868   9.007   1.00 0.00 ? 90  ASN A CG   1 
ATOM 1419 O OD1  . ASN A 1 87  ? 5.334   4.631   9.051   1.00 0.00 ? 90  ASN A OD1  1 
ATOM 1420 N ND2  . ASN A 1 87  ? 3.465   5.475   9.980   1.00 0.00 ? 90  ASN A ND2  1 
ATOM 1421 H H    . ASN A 1 87  ? 2.565   5.596   5.626   1.00 0.00 ? 90  ASN A H    1 
ATOM 1422 H HA   . ASN A 1 87  ? 5.116   4.850   6.707   1.00 0.00 ? 90  ASN A HA   1 
ATOM 1423 H HB2  . ASN A 1 87  ? 2.439   5.171   7.713   1.00 0.00 ? 90  ASN A HB2  1 
ATOM 1424 H HB3  . ASN A 1 87  ? 2.860   3.487   7.954   1.00 0.00 ? 90  ASN A HB3  1 
ATOM 1425 H HD21 . ASN A 1 87  ? 2.484   5.640   9.880   1.00 0.00 ? 90  ASN A HD21 1 
ATOM 1426 H HD22 . ASN A 1 87  ? 3.940   5.767   10.810  1.00 0.00 ? 90  ASN A HD22 1 
ATOM 1427 N N    . ILE A 1 88  ? 5.253   2.520   5.769   1.00 0.00 ? 91  ILE A N    1 
ATOM 1428 C CA   . ILE A 1 88  ? 5.372   1.185   5.207   1.00 0.00 ? 91  ILE A CA   1 
ATOM 1429 C C    . ILE A 1 88  ? 5.239   0.151   6.328   1.00 0.00 ? 91  ILE A C    1 
ATOM 1430 O O    . ILE A 1 88  ? 5.904   0.258   7.358   1.00 0.00 ? 91  ILE A O    1 
ATOM 1431 C CB   . ILE A 1 88  ? 6.668   1.056   4.403   1.00 0.00 ? 91  ILE A CB   1 
ATOM 1432 C CG1  . ILE A 1 88  ? 6.856   2.255   3.472   1.00 0.00 ? 91  ILE A CG1  1 
ATOM 1433 C CG2  . ILE A 1 88  ? 6.713   -0.272  3.646   1.00 0.00 ? 91  ILE A CG2  1 
ATOM 1434 C CD1  . ILE A 1 88  ? 8.330   2.440   3.108   1.00 0.00 ? 91  ILE A CD1  1 
ATOM 1435 H H    . ILE A 1 88  ? 6.118   2.947   6.033   1.00 0.00 ? 91  ILE A H    1 
ATOM 1436 H HA   . ILE A 1 88  ? 4.546   1.048   4.511   1.00 0.00 ? 91  ILE A HA   1 
ATOM 1437 H HB   . ILE A 1 88  ? 7.505   1.057   5.102   1.00 0.00 ? 91  ILE A HB   1 
ATOM 1438 H HG12 . ILE A 1 88  ? 6.269   2.110   2.564   1.00 0.00 ? 91  ILE A HG12 1 
ATOM 1439 H HG13 . ILE A 1 88  ? 6.480   3.158   3.954   1.00 0.00 ? 91  ILE A HG13 1 
ATOM 1440 H HG21 . ILE A 1 88  ? 5.715   -0.708  3.617   1.00 0.00 ? 91  ILE A HG21 1 
ATOM 1441 H HG22 . ILE A 1 88  ? 7.063   -0.098  2.629   1.00 0.00 ? 91  ILE A HG22 1 
ATOM 1442 H HG23 . ILE A 1 88  ? 7.393   -0.956  4.152   1.00 0.00 ? 91  ILE A HG23 1 
ATOM 1443 H HD11 . ILE A 1 88  ? 8.862   2.875   3.954   1.00 0.00 ? 91  ILE A HD11 1 
ATOM 1444 H HD12 . ILE A 1 88  ? 8.769   1.473   2.862   1.00 0.00 ? 91  ILE A HD12 1 
ATOM 1445 H HD13 . ILE A 1 88  ? 8.412   3.105   2.247   1.00 0.00 ? 91  ILE A HD13 1 
ATOM 1446 N N    . GLN A 1 89  ? 4.376   -0.825  6.089   1.00 0.00 ? 92  GLN A N    1 
ATOM 1447 C CA   . GLN A 1 89  ? 4.147   -1.876  7.065   1.00 0.00 ? 92  GLN A CA   1 
ATOM 1448 C C    . GLN A 1 89  ? 4.120   -3.243  6.377   1.00 0.00 ? 92  GLN A C    1 
ATOM 1449 O O    . GLN A 1 89  ? 3.469   -3.410  5.346   1.00 0.00 ? 92  GLN A O    1 
ATOM 1450 C CB   . GLN A 1 89  ? 2.854   -1.629  7.844   1.00 0.00 ? 92  GLN A CB   1 
ATOM 1451 C CG   . GLN A 1 89  ? 3.148   -1.005  9.210   1.00 0.00 ? 92  GLN A CG   1 
ATOM 1452 C CD   . GLN A 1 89  ? 2.325   -1.680  10.310  1.00 0.00 ? 92  GLN A CD   1 
ATOM 1453 O OE1  . GLN A 1 89  ? 2.030   -2.863  10.262  1.00 0.00 ? 92  GLN A OE1  1 
ATOM 1454 N NE2  . GLN A 1 89  ? 1.973   -0.865  11.300  1.00 0.00 ? 92  GLN A NE2  1 
ATOM 1455 H H    . GLN A 1 89  ? 3.839   -0.904  5.249   1.00 0.00 ? 92  GLN A H    1 
ATOM 1456 H HA   . GLN A 1 89  ? 4.993   -1.825  7.751   1.00 0.00 ? 92  GLN A HA   1 
ATOM 1457 H HB2  . GLN A 1 89  ? 2.200   -0.971  7.272   1.00 0.00 ? 92  GLN A HB2  1 
ATOM 1458 H HB3  . GLN A 1 89  ? 2.319   -2.571  7.978   1.00 0.00 ? 92  GLN A HB3  1 
ATOM 1459 H HG2  . GLN A 1 89  ? 4.210   -1.099  9.436   1.00 0.00 ? 92  GLN A HG2  1 
ATOM 1460 H HG3  . GLN A 1 89  ? 2.919   0.061   9.183   1.00 0.00 ? 92  GLN A HG3  1 
ATOM 1461 H HE21 . GLN A 1 89  ? 2.248   0.097   11.277  1.00 0.00 ? 92  GLN A HE21 1 
ATOM 1462 H HE22 . GLN A 1 89  ? 1.434   -1.213  12.067  1.00 0.00 ? 92  GLN A HE22 1 
ATOM 1463 N N    . GLY A 1 90  ? 4.834   -4.185  6.974   1.00 0.00 ? 93  GLY A N    1 
ATOM 1464 C CA   . GLY A 1 90  ? 4.900   -5.532  6.431   1.00 0.00 ? 93  GLY A CA   1 
ATOM 1465 C C    . GLY A 1 90  ? 3.818   -6.422  7.042   1.00 0.00 ? 93  GLY A C    1 
ATOM 1466 O O    . GLY A 1 90  ? 3.830   -6.686  8.244   1.00 0.00 ? 93  GLY A O    1 
ATOM 1467 H H    . GLY A 1 90  ? 5.361   -4.041  7.812   1.00 0.00 ? 93  GLY A H    1 
ATOM 1468 H HA2  . GLY A 1 90  ? 4.780   -5.497  5.348   1.00 0.00 ? 93  GLY A HA2  1 
ATOM 1469 H HA3  . GLY A 1 90  ? 5.883   -5.960  6.629   1.00 0.00 ? 93  GLY A HA3  1 
ATOM 1470 N N    . ALA A 1 91  ? 2.905   -6.863  6.187   1.00 0.00 ? 94  ALA A N    1 
ATOM 1471 C CA   . ALA A 1 91  ? 1.818   -7.719  6.628   1.00 0.00 ? 94  ALA A CA   1 
ATOM 1472 C C    . ALA A 1 91  ? 2.282   -9.177  6.610   1.00 0.00 ? 94  ALA A C    1 
ATOM 1473 O O    . ALA A 1 91  ? 2.547   -9.734  5.546   1.00 0.00 ? 94  ALA A O    1 
ATOM 1474 C CB   . ALA A 1 91  ? 0.594   -7.486  5.741   1.00 0.00 ? 94  ALA A CB   1 
ATOM 1475 H H    . ALA A 1 91  ? 2.904   -6.644  5.211   1.00 0.00 ? 94  ALA A H    1 
ATOM 1476 H HA   . ALA A 1 91  ? 1.569   -7.438  7.652   1.00 0.00 ? 94  ALA A HA   1 
ATOM 1477 H HB1  . ALA A 1 91  ? -0.139  -6.887  6.282   1.00 0.00 ? 94  ALA A HB1  1 
ATOM 1478 H HB2  . ALA A 1 91  ? 0.896   -6.960  4.835   1.00 0.00 ? 94  ALA A HB2  1 
ATOM 1479 H HB3  . ALA A 1 91  ? 0.151   -8.446  5.473   1.00 0.00 ? 94  ALA A HB3  1 
ATOM 1480 N N    . LYS A 1 92  ? 2.367   -9.753  7.800   1.00 0.00 ? 95  LYS A N    1 
ATOM 1481 C CA   . LYS A 1 92  ? 2.794   -11.135 7.934   1.00 0.00 ? 95  LYS A CA   1 
ATOM 1482 C C    . LYS A 1 92  ? 1.803   -12.044 7.206   1.00 0.00 ? 95  LYS A C    1 
ATOM 1483 O O    . LYS A 1 92  ? 1.271   -11.676 6.159   1.00 0.00 ? 95  LYS A O    1 
ATOM 1484 C CB   . LYS A 1 92  ? 2.991   -11.494 9.408   1.00 0.00 ? 95  LYS A CB   1 
ATOM 1485 C CG   . LYS A 1 92  ? 4.159   -12.468 9.584   1.00 0.00 ? 95  LYS A CG   1 
ATOM 1486 C CD   . LYS A 1 92  ? 4.488   -12.664 11.066  1.00 0.00 ? 95  LYS A CD   1 
ATOM 1487 C CE   . LYS A 1 92  ? 5.274   -13.960 11.284  1.00 0.00 ? 95  LYS A CE   1 
ATOM 1488 N NZ   . LYS A 1 92  ? 5.476   -14.205 12.729  1.00 0.00 ? 95  LYS A NZ   1 
ATOM 1489 H H    . LYS A 1 92  ? 2.149   -9.292  8.660   1.00 0.00 ? 95  LYS A H    1 
ATOM 1490 H HA   . LYS A 1 92  ? 3.766   -11.224 7.448   1.00 0.00 ? 95  LYS A HA   1 
ATOM 1491 H HB2  . LYS A 1 92  ? 3.178   -10.589 9.986   1.00 0.00 ? 95  LYS A HB2  1 
ATOM 1492 H HB3  . LYS A 1 92  ? 2.078   -11.939 9.803   1.00 0.00 ? 95  LYS A HB3  1 
ATOM 1493 H HG2  . LYS A 1 92  ? 3.907   -13.427 9.133   1.00 0.00 ? 95  LYS A HG2  1 
ATOM 1494 H HG3  . LYS A 1 92  ? 5.035   -12.088 9.060   1.00 0.00 ? 95  LYS A HG3  1 
ATOM 1495 H HD2  . LYS A 1 92  ? 5.070   -11.817 11.429  1.00 0.00 ? 95  LYS A HD2  1 
ATOM 1496 H HD3  . LYS A 1 92  ? 3.567   -12.691 11.646  1.00 0.00 ? 95  LYS A HD3  1 
ATOM 1497 H HE2  . LYS A 1 92  ? 4.738   -14.797 10.838  1.00 0.00 ? 95  LYS A HE2  1 
ATOM 1498 H HE3  . LYS A 1 92  ? 6.239   -13.895 10.782  1.00 0.00 ? 95  LYS A HE3  1 
ATOM 1499 H HZ1  . LYS A 1 92  ? 6.444   -14.377 12.906  1.00 0.00 ? 95  LYS A HZ1  1 
ATOM 1500 H HZ2  . LYS A 1 92  ? 5.178   -13.405 13.249  1.00 0.00 ? 95  LYS A HZ2  1 
ATOM 1501 H HZ3  . LYS A 1 92  ? 4.939   -15.002 13.010  1.00 0.00 ? 95  LYS A HZ3  1 
ATOM 1502 N N    . SER A 1 93  ? 1.582   -13.213 7.790   1.00 0.00 ? 96  SER A N    1 
ATOM 1503 C CA   . SER A 1 93  ? 0.664   -14.177 7.210   1.00 0.00 ? 96  SER A CA   1 
ATOM 1504 C C    . SER A 1 93  ? -0.715  -14.045 7.862   1.00 0.00 ? 96  SER A C    1 
ATOM 1505 O O    . SER A 1 93  ? -0.816  -13.790 9.061   1.00 0.00 ? 96  SER A O    1 
ATOM 1506 C CB   . SER A 1 93  ? 1.191   -15.605 7.370   1.00 0.00 ? 96  SER A CB   1 
ATOM 1507 O OG   . SER A 1 93  ? 0.474   -16.532 6.559   1.00 0.00 ? 96  SER A OG   1 
ATOM 1508 H H    . SER A 1 93  ? 2.019   -13.504 8.642   1.00 0.00 ? 96  SER A H    1 
ATOM 1509 H HA   . SER A 1 93  ? 0.611   -13.927 6.151   1.00 0.00 ? 96  SER A HA   1 
ATOM 1510 H HB2  . SER A 1 93  ? 2.248   -15.633 7.104   1.00 0.00 ? 96  SER A HB2  1 
ATOM 1511 H HB3  . SER A 1 93  ? 1.116   -15.904 8.415   1.00 0.00 ? 96  SER A HB3  1 
ATOM 1512 H HG   . SER A 1 93  ? 0.065   -17.243 7.131   1.00 0.00 ? 96  SER A HG   1 
ATOM 1513 N N    . SER A 1 94  ? -1.741  -14.225 7.044   1.00 0.00 ? 97  SER A N    1 
ATOM 1514 C CA   . SER A 1 94  ? -3.108  -14.128 7.526   1.00 0.00 ? 97  SER A CA   1 
ATOM 1515 C C    . SER A 1 94  ? -4.050  -13.801 6.366   1.00 0.00 ? 97  SER A C    1 
ATOM 1516 O O    . SER A 1 94  ? -3.698  -13.031 5.473   1.00 0.00 ? 97  SER A O    1 
ATOM 1517 C CB   . SER A 1 94  ? -3.231  -13.071 8.624   1.00 0.00 ? 97  SER A CB   1 
ATOM 1518 O OG   . SER A 1 94  ? -3.062  -13.629 9.924   1.00 0.00 ? 97  SER A OG   1 
ATOM 1519 H H    . SER A 1 94  ? -1.650  -14.432 6.070   1.00 0.00 ? 97  SER A H    1 
ATOM 1520 H HA   . SER A 1 94  ? -3.338  -15.110 7.940   1.00 0.00 ? 97  SER A HA   1 
ATOM 1521 H HB2  . SER A 1 94  ? -2.486  -12.292 8.464   1.00 0.00 ? 97  SER A HB2  1 
ATOM 1522 H HB3  . SER A 1 94  ? -4.209  -12.593 8.560   1.00 0.00 ? 97  SER A HB3  1 
ATOM 1523 H HG   . SER A 1 94  ? -3.930  -13.613 10.420  1.00 0.00 ? 97  SER A HG   1 
ATOM 1524 N N    . SER A 1 95  ? -5.230  -14.402 6.415   1.00 0.00 ? 98  SER A N    1 
ATOM 1525 C CA   . SER A 1 95  ? -6.225  -14.184 5.379   1.00 0.00 ? 98  SER A CA   1 
ATOM 1526 C C    . SER A 1 95  ? -6.954  -12.861 5.624   1.00 0.00 ? 98  SER A C    1 
ATOM 1527 O O    . SER A 1 95  ? -7.723  -12.406 4.779   1.00 0.00 ? 98  SER A O    1 
ATOM 1528 C CB   . SER A 1 95  ? -7.226  -15.340 5.327   1.00 0.00 ? 98  SER A CB   1 
ATOM 1529 O OG   . SER A 1 95  ? -6.649  -16.568 5.762   1.00 0.00 ? 98  SER A OG   1 
ATOM 1530 H H    . SER A 1 95  ? -5.509  -15.027 7.145   1.00 0.00 ? 98  SER A H    1 
ATOM 1531 H HA   . SER A 1 95  ? -5.666  -14.146 4.445   1.00 0.00 ? 98  SER A HA   1 
ATOM 1532 H HB2  . SER A 1 95  ? -8.088  -15.102 5.951   1.00 0.00 ? 98  SER A HB2  1 
ATOM 1533 H HB3  . SER A 1 95  ? -7.594  -15.454 4.307   1.00 0.00 ? 98  SER A HB3  1 
ATOM 1534 H HG   . SER A 1 95  ? -5.780  -16.722 5.293   1.00 0.00 ? 98  SER A HG   1 
ATOM 1535 N N    . ASP A 1 96  ? -6.686  -12.281 6.785   1.00 0.00 ? 99  ASP A N    1 
ATOM 1536 C CA   . ASP A 1 96  ? -7.306  -11.019 7.151   1.00 0.00 ? 99  ASP A CA   1 
ATOM 1537 C C    . ASP A 1 96  ? -7.229  -10.055 5.966   1.00 0.00 ? 99  ASP A C    1 
ATOM 1538 O O    . ASP A 1 96  ? -8.044  -9.140  5.851   1.00 0.00 ? 99  ASP A O    1 
ATOM 1539 C CB   . ASP A 1 96  ? -6.583  -10.373 8.335   1.00 0.00 ? 99  ASP A CB   1 
ATOM 1540 C CG   . ASP A 1 96  ? -6.985  -8.925  8.626   1.00 0.00 ? 99  ASP A CG   1 
ATOM 1541 O OD1  . ASP A 1 96  ? -8.150  -8.731  9.033   1.00 0.00 ? 99  ASP A OD1  1 
ATOM 1542 O OD2  . ASP A 1 96  ? -6.117  -8.046  8.434   1.00 0.00 ? 99  ASP A OD2  1 
ATOM 1543 H H    . ASP A 1 96  ? -6.060  -12.657 7.467   1.00 0.00 ? 99  ASP A H    1 
ATOM 1544 H HA   . ASP A 1 96  ? -8.333  -11.271 7.417   1.00 0.00 ? 99  ASP A HA   1 
ATOM 1545 H HB2  . ASP A 1 96  ? -6.770  -10.972 9.226   1.00 0.00 ? 99  ASP A HB2  1 
ATOM 1546 H HB3  . ASP A 1 96  ? -5.511  -10.406 8.147   1.00 0.00 ? 99  ASP A HB3  1 
ATOM 1547 N N    . VAL A 1 97  ? -6.242  -10.291 5.115   1.00 0.00 ? 100 VAL A N    1 
ATOM 1548 C CA   . VAL A 1 97  ? -6.047  -9.455  3.943   1.00 0.00 ? 100 VAL A CA   1 
ATOM 1549 C C    . VAL A 1 97  ? -7.213  -9.663  2.974   1.00 0.00 ? 100 VAL A C    1 
ATOM 1550 O O    . VAL A 1 97  ? -7.728  -8.703  2.403   1.00 0.00 ? 100 VAL A O    1 
ATOM 1551 C CB   . VAL A 1 97  ? -4.685  -9.748  3.311   1.00 0.00 ? 100 VAL A CB   1 
ATOM 1552 C CG1  . VAL A 1 97  ? -3.557  -9.565  4.329   1.00 0.00 ? 100 VAL A CG1  1 
ATOM 1553 C CG2  . VAL A 1 97  ? -4.654  -11.153 2.704   1.00 0.00 ? 100 VAL A CG2  1 
ATOM 1554 H H    . VAL A 1 97  ? -5.583  -11.037 5.216   1.00 0.00 ? 100 VAL A H    1 
ATOM 1555 H HA   . VAL A 1 97  ? -6.049  -8.417  4.276   1.00 0.00 ? 100 VAL A HA   1 
ATOM 1556 H HB   . VAL A 1 97  ? -4.529  -9.032  2.505   1.00 0.00 ? 100 VAL A HB   1 
ATOM 1557 H HG11 . VAL A 1 97  ? -3.295  -10.532 4.758   1.00 0.00 ? 100 VAL A HG11 1 
ATOM 1558 H HG12 . VAL A 1 97  ? -2.685  -9.139  3.832   1.00 0.00 ? 100 VAL A HG12 1 
ATOM 1559 H HG13 . VAL A 1 97  ? -3.889  -8.894  5.121   1.00 0.00 ? 100 VAL A HG13 1 
ATOM 1560 H HG21 . VAL A 1 97  ? -5.239  -11.830 3.325   1.00 0.00 ? 100 VAL A HG21 1 
ATOM 1561 H HG22 . VAL A 1 97  ? -5.075  -11.123 1.699   1.00 0.00 ? 100 VAL A HG22 1 
ATOM 1562 H HG23 . VAL A 1 97  ? -3.623  -11.505 2.655   1.00 0.00 ? 100 VAL A HG23 1 
ATOM 1563 N N    . LYS A 1 98  ? -7.595  -10.922 2.819   1.00 0.00 ? 101 LYS A N    1 
ATOM 1564 C CA   . LYS A 1 98  ? -8.690  -11.268 1.930   1.00 0.00 ? 101 LYS A CA   1 
ATOM 1565 C C    . LYS A 1 98  ? -9.987  -10.656 2.462   1.00 0.00 ? 101 LYS A C    1 
ATOM 1566 O O    . LYS A 1 98  ? -10.795 -10.138 1.693   1.00 0.00 ? 101 LYS A O    1 
ATOM 1567 C CB   . LYS A 1 98  ? -8.761  -12.784 1.732   1.00 0.00 ? 101 LYS A CB   1 
ATOM 1568 C CG   . LYS A 1 98  ? -9.542  -13.135 0.463   1.00 0.00 ? 101 LYS A CG   1 
ATOM 1569 C CD   . LYS A 1 98  ? -11.002 -12.694 0.579   1.00 0.00 ? 101 LYS A CD   1 
ATOM 1570 C CE   . LYS A 1 98  ? -11.930 -13.683 -0.130  1.00 0.00 ? 101 LYS A CE   1 
ATOM 1571 N NZ   . LYS A 1 98  ? -13.209 -13.811 0.605   1.00 0.00 ? 101 LYS A NZ   1 
ATOM 1572 H H    . LYS A 1 98  ? -7.170  -11.697 3.289   1.00 0.00 ? 101 LYS A H    1 
ATOM 1573 H HA   . LYS A 1 98  ? -8.474  -10.826 0.957   1.00 0.00 ? 101 LYS A HA   1 
ATOM 1574 H HB2  . LYS A 1 98  ? -7.753  -13.194 1.668   1.00 0.00 ? 101 LYS A HB2  1 
ATOM 1575 H HB3  . LYS A 1 98  ? -9.238  -13.245 2.596   1.00 0.00 ? 101 LYS A HB3  1 
ATOM 1576 H HG2  . LYS A 1 98  ? -9.079  -12.653 -0.398  1.00 0.00 ? 101 LYS A HG2  1 
ATOM 1577 H HG3  . LYS A 1 98  ? -9.495  -14.209 0.289   1.00 0.00 ? 101 LYS A HG3  1 
ATOM 1578 H HD2  . LYS A 1 98  ? -11.281 -12.618 1.630   1.00 0.00 ? 101 LYS A HD2  1 
ATOM 1579 H HD3  . LYS A 1 98  ? -11.122 -11.702 0.144   1.00 0.00 ? 101 LYS A HD3  1 
ATOM 1580 H HE2  . LYS A 1 98  ? -12.121 -13.345 -1.149  1.00 0.00 ? 101 LYS A HE2  1 
ATOM 1581 H HE3  . LYS A 1 98  ? -11.447 -14.657 -0.202  1.00 0.00 ? 101 LYS A HE3  1 
ATOM 1582 H HZ1  . LYS A 1 98  ? -13.053 -14.300 1.463   1.00 0.00 ? 101 LYS A HZ1  1 
ATOM 1583 H HZ2  . LYS A 1 98  ? -13.573 -12.900 0.802   1.00 0.00 ? 101 LYS A HZ2  1 
ATOM 1584 H HZ3  . LYS A 1 98  ? -13.864 -14.317 0.045   1.00 0.00 ? 101 LYS A HZ3  1 
ATOM 1585 N N    . SER A 1 99  ? -10.145 -10.736 3.775   1.00 0.00 ? 102 SER A N    1 
ATOM 1586 C CA   . SER A 1 99  ? -11.330 -10.196 4.420   1.00 0.00 ? 102 SER A CA   1 
ATOM 1587 C C    . SER A 1 99  ? -11.465 -8.705  4.104   1.00 0.00 ? 102 SER A C    1 
ATOM 1588 O O    . SER A 1 99  ? -12.540 -8.242  3.725   1.00 0.00 ? 102 SER A O    1 
ATOM 1589 C CB   . SER A 1 99  ? -11.282 -10.414 5.934   1.00 0.00 ? 102 SER A CB   1 
ATOM 1590 O OG   . SER A 1 99  ? -12.351 -11.240 6.388   1.00 0.00 ? 102 SER A OG   1 
ATOM 1591 H H    . SER A 1 99  ? -9.483  -11.158 4.394   1.00 0.00 ? 102 SER A H    1 
ATOM 1592 H HA   . SER A 1 99  ? -12.167 -10.754 4.000   1.00 0.00 ? 102 SER A HA   1 
ATOM 1593 H HB2  . SER A 1 99  ? -10.331 -10.873 6.204   1.00 0.00 ? 102 SER A HB2  1 
ATOM 1594 H HB3  . SER A 1 99  ? -11.327 -9.451  6.441   1.00 0.00 ? 102 SER A HB3  1 
ATOM 1595 H HG   . SER A 1 99  ? -12.446 -12.037 5.791   1.00 0.00 ? 102 SER A HG   1 
ATOM 1596 N N    . TYR A 1 100 ? -10.359 -7.995  4.270   1.00 0.00 ? 103 TYR A N    1 
ATOM 1597 C CA   . TYR A 1 100 ? -10.340 -6.566  4.007   1.00 0.00 ? 103 TYR A CA   1 
ATOM 1598 C C    . TYR A 1 100 ? -10.485 -6.282  2.510   1.00 0.00 ? 103 TYR A C    1 
ATOM 1599 O O    . TYR A 1 100 ? -11.091 -5.285  2.120   1.00 0.00 ? 103 TYR A O    1 
ATOM 1600 C CB   . TYR A 1 100 ? -8.972  -6.068  4.479   1.00 0.00 ? 103 TYR A CB   1 
ATOM 1601 C CG   . TYR A 1 100 ? -8.574  -4.708  3.904   1.00 0.00 ? 103 TYR A CG   1 
ATOM 1602 C CD1  . TYR A 1 100 ? -9.124  -3.552  4.419   1.00 0.00 ? 103 TYR A CD1  1 
ATOM 1603 C CD2  . TYR A 1 100 ? -7.662  -4.637  2.869   1.00 0.00 ? 103 TYR A CD2  1 
ATOM 1604 C CE1  . TYR A 1 100 ? -8.749  -2.272  3.878   1.00 0.00 ? 103 TYR A CE1  1 
ATOM 1605 C CE2  . TYR A 1 100 ? -7.287  -3.356  2.329   1.00 0.00 ? 103 TYR A CE2  1 
ATOM 1606 C CZ   . TYR A 1 100 ? -7.848  -2.236  2.859   1.00 0.00 ? 103 TYR A CZ   1 
ATOM 1607 O OH   . TYR A 1 100 ? -7.493  -1.028  2.348   1.00 0.00 ? 103 TYR A OH   1 
ATOM 1608 H H    . TYR A 1 100 ? -9.489  -8.380  4.578   1.00 0.00 ? 103 TYR A H    1 
ATOM 1609 H HA   . TYR A 1 100 ? -11.179 -6.115  4.538   1.00 0.00 ? 103 TYR A HA   1 
ATOM 1610 H HB2  . TYR A 1 100 ? -8.976  -6.005  5.566   1.00 0.00 ? 103 TYR A HB2  1 
ATOM 1611 H HB3  . TYR A 1 100 ? -8.216  -6.803  4.205   1.00 0.00 ? 103 TYR A HB3  1 
ATOM 1612 H HD1  . TYR A 1 100 ? -9.844  -3.609  5.236   1.00 0.00 ? 103 TYR A HD1  1 
ATOM 1613 H HD2  . TYR A 1 100 ? -7.227  -5.549  2.463   1.00 0.00 ? 103 TYR A HD2  1 
ATOM 1614 H HE1  . TYR A 1 100 ? -9.176  -1.352  4.276   1.00 0.00 ? 103 TYR A HE1  1 
ATOM 1615 H HE2  . TYR A 1 100 ? -6.568  -3.286  1.512   1.00 0.00 ? 103 TYR A HE2  1 
ATOM 1616 H HH   . TYR A 1 100 ? -6.502  -0.987  2.223   1.00 0.00 ? 103 TYR A HH   1 
ATOM 1617 N N    . ILE A 1 101 ? -9.918  -7.176  1.714   1.00 0.00 ? 104 ILE A N    1 
ATOM 1618 C CA   . ILE A 1 101 ? -9.976  -7.035  0.269   1.00 0.00 ? 104 ILE A CA   1 
ATOM 1619 C C    . ILE A 1 101 ? -11.426 -7.191  -0.197  1.00 0.00 ? 104 ILE A C    1 
ATOM 1620 O O    . ILE A 1 101 ? -11.875 -6.472  -1.089  1.00 0.00 ? 104 ILE A O    1 
ATOM 1621 C CB   . ILE A 1 101 ? -9.006  -8.008  -0.404  1.00 0.00 ? 104 ILE A CB   1 
ATOM 1622 C CG1  . ILE A 1 101 ? -7.558  -7.547  -0.230  1.00 0.00 ? 104 ILE A CG1  1 
ATOM 1623 C CG2  . ILE A 1 101 ? -9.370  -8.213  -1.876  1.00 0.00 ? 104 ILE A CG2  1 
ATOM 1624 C CD1  . ILE A 1 101 ? -6.580  -8.680  -0.547  1.00 0.00 ? 104 ILE A CD1  1 
ATOM 1625 H H    . ILE A 1 101 ? -9.427  -7.984  2.040   1.00 0.00 ? 104 ILE A H    1 
ATOM 1626 H HA   . ILE A 1 101 ? -9.641  -6.026  0.026   1.00 0.00 ? 104 ILE A HA   1 
ATOM 1627 H HB   . ILE A 1 101 ? -9.097  -8.976  0.088   1.00 0.00 ? 104 ILE A HB   1 
ATOM 1628 H HG12 . ILE A 1 101 ? -7.361  -6.698  -0.885  1.00 0.00 ? 104 ILE A HG12 1 
ATOM 1629 H HG13 . ILE A 1 101 ? -7.403  -7.203  0.792   1.00 0.00 ? 104 ILE A HG13 1 
ATOM 1630 H HG21 . ILE A 1 101 ? -8.471  -8.468  -2.440  1.00 0.00 ? 104 ILE A HG21 1 
ATOM 1631 H HG22 . ILE A 1 101 ? -10.094 -9.023  -1.963  1.00 0.00 ? 104 ILE A HG22 1 
ATOM 1632 H HG23 . ILE A 1 101 ? -9.801  -7.295  -2.276  1.00 0.00 ? 104 ILE A HG23 1 
ATOM 1633 H HD11 . ILE A 1 101 ? -6.595  -9.410  0.263   1.00 0.00 ? 104 ILE A HD11 1 
ATOM 1634 H HD12 . ILE A 1 101 ? -6.874  -9.164  -1.478  1.00 0.00 ? 104 ILE A HD12 1 
ATOM 1635 H HD13 . ILE A 1 101 ? -5.574  -8.273  -0.651  1.00 0.00 ? 104 ILE A HD13 1 
ATOM 1636 N N    . ASP A 1 102 ? -12.116 -8.133  0.428   1.00 0.00 ? 105 ASP A N    1 
ATOM 1637 C CA   . ASP A 1 102 ? -13.505 -8.391  0.089   1.00 0.00 ? 105 ASP A CA   1 
ATOM 1638 C C    . ASP A 1 102 ? -14.362 -7.201  0.523   1.00 0.00 ? 105 ASP A C    1 
ATOM 1639 O O    . ASP A 1 102 ? -15.430 -6.962  -0.037  1.00 0.00 ? 105 ASP A O    1 
ATOM 1640 C CB   . ASP A 1 102 ? -14.026 -9.636  0.810   1.00 0.00 ? 105 ASP A CB   1 
ATOM 1641 C CG   . ASP A 1 102 ? -15.028 -10.473 0.013   1.00 0.00 ? 105 ASP A CG   1 
ATOM 1642 O OD1  . ASP A 1 102 ? -14.614 -11.003 -1.041  1.00 0.00 ? 105 ASP A OD1  1 
ATOM 1643 O OD2  . ASP A 1 102 ? -16.185 -10.566 0.476   1.00 0.00 ? 105 ASP A OD2  1 
ATOM 1644 H H    . ASP A 1 102 ? -11.742 -8.712  1.153   1.00 0.00 ? 105 ASP A H    1 
ATOM 1645 H HA   . ASP A 1 102 ? -13.514 -8.540  -0.990  1.00 0.00 ? 105 ASP A HA   1 
ATOM 1646 H HB2  . ASP A 1 102 ? -13.176 -10.267 1.074   1.00 0.00 ? 105 ASP A HB2  1 
ATOM 1647 H HB3  . ASP A 1 102 ? -14.494 -9.327  1.745   1.00 0.00 ? 105 ASP A HB3  1 
ATOM 1648 N N    . LYS A 1 103 ? -13.861 -6.484  1.519   1.00 0.00 ? 106 LYS A N    1 
ATOM 1649 C CA   . LYS A 1 103 ? -14.568 -5.323  2.034   1.00 0.00 ? 106 LYS A CA   1 
ATOM 1650 C C    . LYS A 1 103 ? -14.426 -4.164  1.046   1.00 0.00 ? 106 LYS A C    1 
ATOM 1651 O O    . LYS A 1 103 ? -13.774 -3.165  1.345   1.00 0.00 ? 106 LYS A O    1 
ATOM 1652 C CB   . LYS A 1 103 ? -14.087 -4.988  3.448   1.00 0.00 ? 106 LYS A CB   1 
ATOM 1653 C CG   . LYS A 1 103 ? -14.767 -5.883  4.486   1.00 0.00 ? 106 LYS A CG   1 
ATOM 1654 C CD   . LYS A 1 103 ? -14.350 -5.493  5.905   1.00 0.00 ? 106 LYS A CD   1 
ATOM 1655 C CE   . LYS A 1 103 ? -15.560 -5.457  6.842   1.00 0.00 ? 106 LYS A CE   1 
ATOM 1656 N NZ   . LYS A 1 103 ? -15.190 -4.859  8.144   1.00 0.00 ? 106 LYS A NZ   1 
ATOM 1657 H H    . LYS A 1 103 ? -12.992 -6.683  1.970   1.00 0.00 ? 106 LYS A H    1 
ATOM 1658 H HA   . LYS A 1 103 ? -15.622 -5.589  2.108   1.00 0.00 ? 106 LYS A HA   1 
ATOM 1659 H HB2  . LYS A 1 103 ? -13.006 -5.113  3.508   1.00 0.00 ? 106 LYS A HB2  1 
ATOM 1660 H HB3  . LYS A 1 103 ? -14.298 -3.942  3.670   1.00 0.00 ? 106 LYS A HB3  1 
ATOM 1661 H HG2  . LYS A 1 103 ? -15.850 -5.803  4.386   1.00 0.00 ? 106 LYS A HG2  1 
ATOM 1662 H HG3  . LYS A 1 103 ? -14.506 -6.925  4.300   1.00 0.00 ? 106 LYS A HG3  1 
ATOM 1663 H HD2  . LYS A 1 103 ? -13.616 -6.204  6.281   1.00 0.00 ? 106 LYS A HD2  1 
ATOM 1664 H HD3  . LYS A 1 103 ? -13.869 -4.514  5.890   1.00 0.00 ? 106 LYS A HD3  1 
ATOM 1665 H HE2  . LYS A 1 103 ? -16.364 -4.879  6.385   1.00 0.00 ? 106 LYS A HE2  1 
ATOM 1666 H HE3  . LYS A 1 103 ? -15.939 -6.467  6.994   1.00 0.00 ? 106 LYS A HE3  1 
ATOM 1667 H HZ1  . LYS A 1 103 ? -14.200 -4.720  8.178   1.00 0.00 ? 106 LYS A HZ1  1 
ATOM 1668 H HZ2  . LYS A 1 103 ? -15.654 -3.979  8.251   1.00 0.00 ? 106 LYS A HZ2  1 
ATOM 1669 H HZ3  . LYS A 1 103 ? -15.465 -5.474  8.883   1.00 0.00 ? 106 LYS A HZ3  1 
ATOM 1670 N N    . ASP A 1 104 ? -15.048 -4.336  -0.111  1.00 0.00 ? 107 ASP A N    1 
ATOM 1671 C CA   . ASP A 1 104 ? -15.000 -3.317  -1.146  1.00 0.00 ? 107 ASP A CA   1 
ATOM 1672 C C    . ASP A 1 104 ? -16.072 -2.262  -0.866  1.00 0.00 ? 107 ASP A C    1 
ATOM 1673 O O    . ASP A 1 104 ? -16.847 -2.395  0.080   1.00 0.00 ? 107 ASP A O    1 
ATOM 1674 C CB   . ASP A 1 104 ? -15.277 -3.919  -2.525  1.00 0.00 ? 107 ASP A CB   1 
ATOM 1675 C CG   . ASP A 1 104 ? -16.208 -5.132  -2.525  1.00 0.00 ? 107 ASP A CG   1 
ATOM 1676 O OD1  . ASP A 1 104 ? -15.687 -6.247  -2.312  1.00 0.00 ? 107 ASP A OD1  1 
ATOM 1677 O OD2  . ASP A 1 104 ? -17.421 -4.916  -2.740  1.00 0.00 ? 107 ASP A OD2  1 
ATOM 1678 H H    . ASP A 1 104 ? -15.577 -5.152  -0.346  1.00 0.00 ? 107 ASP A H    1 
ATOM 1679 H HA   . ASP A 1 104 ? -13.991 -2.909  -1.098  1.00 0.00 ? 107 ASP A HA   1 
ATOM 1680 H HB2  . ASP A 1 104 ? -15.711 -3.146  -3.161  1.00 0.00 ? 107 ASP A HB2  1 
ATOM 1681 H HB3  . ASP A 1 104 ? -14.328 -4.207  -2.976  1.00 0.00 ? 107 ASP A HB3  1 
ATOM 1682 N N    . GLY A 1 105 ? -16.081 -1.237  -1.704  1.00 0.00 ? 108 GLY A N    1 
ATOM 1683 C CA   . GLY A 1 105 ? -17.044 -0.159  -1.560  1.00 0.00 ? 108 GLY A CA   1 
ATOM 1684 C C    . GLY A 1 105 ? -16.358 1.206   -1.644  1.00 0.00 ? 108 GLY A C    1 
ATOM 1685 O O    . GLY A 1 105 ? -15.709 1.638   -0.692  1.00 0.00 ? 108 GLY A O    1 
ATOM 1686 H H    . GLY A 1 105 ? -15.446 -1.135  -2.471  1.00 0.00 ? 108 GLY A H    1 
ATOM 1687 H HA2  . GLY A 1 105 ? -17.802 -0.237  -2.338  1.00 0.00 ? 108 GLY A HA2  1 
ATOM 1688 H HA3  . GLY A 1 105 ? -17.559 -0.253  -0.603  1.00 0.00 ? 108 GLY A HA3  1 
ATOM 1689 N N    . ASP A 1 106 ? -16.525 1.846   -2.792  1.00 0.00 ? 109 ASP A N    1 
ATOM 1690 C CA   . ASP A 1 106 ? -15.930 3.154   -3.013  1.00 0.00 ? 109 ASP A CA   1 
ATOM 1691 C C    . ASP A 1 106 ? -14.405 3.034   -2.942  1.00 0.00 ? 109 ASP A C    1 
ATOM 1692 O O    . ASP A 1 106 ? -13.730 3.939   -2.456  1.00 0.00 ? 109 ASP A O    1 
ATOM 1693 C CB   . ASP A 1 106 ? -16.375 4.151   -1.941  1.00 0.00 ? 109 ASP A CB   1 
ATOM 1694 C CG   . ASP A 1 106 ? -17.860 4.517   -1.978  1.00 0.00 ? 109 ASP A CG   1 
ATOM 1695 O OD1  . ASP A 1 106 ? -18.325 4.894   -3.075  1.00 0.00 ? 109 ASP A OD1  1 
ATOM 1696 O OD2  . ASP A 1 106 ? -18.497 4.413   -0.907  1.00 0.00 ? 109 ASP A OD2  1 
ATOM 1697 H H    . ASP A 1 106 ? -17.054 1.488   -3.560  1.00 0.00 ? 109 ASP A H    1 
ATOM 1698 H HA   . ASP A 1 106 ? -16.277 3.463   -3.997  1.00 0.00 ? 109 ASP A HA   1 
ATOM 1699 H HB2  . ASP A 1 106 ? -16.143 3.735   -0.960  1.00 0.00 ? 109 ASP A HB2  1 
ATOM 1700 H HB3  . ASP A 1 106 ? -15.788 5.062   -2.048  1.00 0.00 ? 109 ASP A HB3  1 
ATOM 1701 N N    . VAL A 1 107 ? -13.909 1.907   -3.433  1.00 0.00 ? 110 VAL A N    1 
ATOM 1702 C CA   . VAL A 1 107 ? -12.478 1.657   -3.431  1.00 0.00 ? 110 VAL A CA   1 
ATOM 1703 C C    . VAL A 1 107 ? -12.043 1.196   -4.823  1.00 0.00 ? 110 VAL A C    1 
ATOM 1704 O O    . VAL A 1 107 ? -12.880 0.848   -5.655  1.00 0.00 ? 110 VAL A O    1 
ATOM 1705 C CB   . VAL A 1 107 ? -12.123 0.655   -2.331  1.00 0.00 ? 110 VAL A CB   1 
ATOM 1706 C CG1  . VAL A 1 107 ? -13.211 0.612   -1.256  1.00 0.00 ? 110 VAL A CG1  1 
ATOM 1707 C CG2  . VAL A 1 107 ? -11.876 -0.737  -2.916  1.00 0.00 ? 110 VAL A CG2  1 
ATOM 1708 H H    . VAL A 1 107 ? -14.465 1.175   -3.826  1.00 0.00 ? 110 VAL A H    1 
ATOM 1709 H HA   . VAL A 1 107 ? -11.980 2.600   -3.202  1.00 0.00 ? 110 VAL A HA   1 
ATOM 1710 H HB   . VAL A 1 107 ? -11.199 0.989   -1.858  1.00 0.00 ? 110 VAL A HB   1 
ATOM 1711 H HG11 . VAL A 1 107 ? -12.807 0.167   -0.347  1.00 0.00 ? 110 VAL A HG11 1 
ATOM 1712 H HG12 . VAL A 1 107 ? -13.552 1.626   -1.044  1.00 0.00 ? 110 VAL A HG12 1 
ATOM 1713 H HG13 . VAL A 1 107 ? -14.050 0.014   -1.611  1.00 0.00 ? 110 VAL A HG13 1 
ATOM 1714 H HG21 . VAL A 1 107 ? -11.090 -0.680  -3.669  1.00 0.00 ? 110 VAL A HG21 1 
ATOM 1715 H HG22 . VAL A 1 107 ? -11.569 -1.417  -2.121  1.00 0.00 ? 110 VAL A HG22 1 
ATOM 1716 H HG23 . VAL A 1 107 ? -12.793 -1.106  -3.376  1.00 0.00 ? 110 VAL A HG23 1 
ATOM 1717 N N    . LEU A 1 108 ? -10.735 1.208   -5.035  1.00 0.00 ? 111 LEU A N    1 
ATOM 1718 C CA   . LEU A 1 108 ? -10.180 0.795   -6.312  1.00 0.00 ? 111 LEU A CA   1 
ATOM 1719 C C    . LEU A 1 108 ? -9.562  -0.598  -6.168  1.00 0.00 ? 111 LEU A C    1 
ATOM 1720 O O    . LEU A 1 108 ? -8.973  -0.916  -5.136  1.00 0.00 ? 111 LEU A O    1 
ATOM 1721 C CB   . LEU A 1 108 ? -9.203  1.849   -6.838  1.00 0.00 ? 111 LEU A CB   1 
ATOM 1722 C CG   . LEU A 1 108 ? -8.849  1.753   -8.323  1.00 0.00 ? 111 LEU A CG   1 
ATOM 1723 C CD1  . LEU A 1 108 ? -8.294  3.082   -8.841  1.00 0.00 ? 111 LEU A CD1  1 
ATOM 1724 C CD2  . LEU A 1 108 ? -7.891  0.590   -8.585  1.00 0.00 ? 111 LEU A CD2  1 
ATOM 1725 H H    . LEU A 1 108 ? -10.062 1.493   -4.353  1.00 0.00 ? 111 LEU A H    1 
ATOM 1726 H HA   . LEU A 1 108 ? -11.004 0.735   -7.022  1.00 0.00 ? 111 LEU A HA   1 
ATOM 1727 H HB2  . LEU A 1 108 ? -9.628  2.834   -6.649  1.00 0.00 ? 111 LEU A HB2  1 
ATOM 1728 H HB3  . LEU A 1 108 ? -8.282  1.782   -6.260  1.00 0.00 ? 111 LEU A HB3  1 
ATOM 1729 H HG   . LEU A 1 108 ? -9.763  1.548   -8.880  1.00 0.00 ? 111 LEU A HG   1 
ATOM 1730 H HD11 . LEU A 1 108 ? -8.805  3.907   -8.346  1.00 0.00 ? 111 LEU A HD11 1 
ATOM 1731 H HD12 . LEU A 1 108 ? -7.226  3.136   -8.629  1.00 0.00 ? 111 LEU A HD12 1 
ATOM 1732 H HD13 . LEU A 1 108 ? -8.454  3.148   -9.917  1.00 0.00 ? 111 LEU A HD13 1 
ATOM 1733 H HD21 . LEU A 1 108 ? -7.028  0.949   -9.145  1.00 0.00 ? 111 LEU A HD21 1 
ATOM 1734 H HD22 . LEU A 1 108 ? -7.558  0.173   -7.634  1.00 0.00 ? 111 LEU A HD22 1 
ATOM 1735 H HD23 . LEU A 1 108 ? -8.403  -0.180  -9.161  1.00 0.00 ? 111 LEU A HD23 1 
ATOM 1736 N N    . GLU A 1 109 ? -9.718  -1.391  -7.218  1.00 0.00 ? 112 GLU A N    1 
ATOM 1737 C CA   . GLU A 1 109 ? -9.183  -2.742  -7.221  1.00 0.00 ? 112 GLU A CA   1 
ATOM 1738 C C    . GLU A 1 109 ? -8.299  -2.960  -8.451  1.00 0.00 ? 112 GLU A C    1 
ATOM 1739 O O    . GLU A 1 109 ? -8.685  -2.617  -9.567  1.00 0.00 ? 112 GLU A O    1 
ATOM 1740 C CB   . GLU A 1 109 ? -10.309 -3.778  -7.166  1.00 0.00 ? 112 GLU A CB   1 
ATOM 1741 C CG   . GLU A 1 109 ? -10.297 -4.530  -5.834  1.00 0.00 ? 112 GLU A CG   1 
ATOM 1742 C CD   . GLU A 1 109 ? -11.576 -5.350  -5.656  1.00 0.00 ? 112 GLU A CD   1 
ATOM 1743 O OE1  . GLU A 1 109 ? -12.561 -4.763  -5.160  1.00 0.00 ? 112 GLU A OE1  1 
ATOM 1744 O OE2  . GLU A 1 109 ? -11.540 -6.545  -6.020  1.00 0.00 ? 112 GLU A OE2  1 
ATOM 1745 H H    . GLU A 1 109 ? -10.199 -1.124  -8.054  1.00 0.00 ? 112 GLU A H    1 
ATOM 1746 H HA   . GLU A 1 109 ? -8.583  -2.818  -6.315  1.00 0.00 ? 112 GLU A HA   1 
ATOM 1747 H HB2  . GLU A 1 109 ? -11.271 -3.282  -7.299  1.00 0.00 ? 112 GLU A HB2  1 
ATOM 1748 H HB3  . GLU A 1 109 ? -10.198 -4.484  -7.988  1.00 0.00 ? 112 GLU A HB3  1 
ATOM 1749 H HG2  . GLU A 1 109 ? -9.429  -5.189  -5.793  1.00 0.00 ? 112 GLU A HG2  1 
ATOM 1750 H HG3  . GLU A 1 109 ? -10.197 -3.821  -5.013  1.00 0.00 ? 112 GLU A HG3  1 
ATOM 1751 N N    . TRP A 1 110 ? -7.127  -3.527  -8.203  1.00 0.00 ? 113 TRP A N    1 
ATOM 1752 C CA   . TRP A 1 110 ? -6.184  -3.795  -9.275  1.00 0.00 ? 113 TRP A CA   1 
ATOM 1753 C C    . TRP A 1 110 ? -5.526  -5.148  -9.000  1.00 0.00 ? 113 TRP A C    1 
ATOM 1754 O O    . TRP A 1 110 ? -5.302  -5.510  -7.846  1.00 0.00 ? 113 TRP A O    1 
ATOM 1755 C CB   . TRP A 1 110 ? -5.173  -2.654  -9.412  1.00 0.00 ? 113 TRP A CB   1 
ATOM 1756 C CG   . TRP A 1 110 ? -4.324  -2.726  -10.683 1.00 0.00 ? 113 TRP A CG   1 
ATOM 1757 C CD1  . TRP A 1 110 ? -4.380  -1.930  -11.760 1.00 0.00 ? 113 TRP A CD1  1 
ATOM 1758 C CD2  . TRP A 1 110 ? -3.279  -3.681  -10.968 1.00 0.00 ? 113 TRP A CD2  1 
ATOM 1759 N NE1  . TRP A 1 110 ? -3.454  -2.301  -12.713 1.00 0.00 ? 113 TRP A NE1  1 
ATOM 1760 C CE2  . TRP A 1 110 ? -2.764  -3.400  -12.216 1.00 0.00 ? 113 TRP A CE2  1 
ATOM 1761 C CE3  . TRP A 1 110 ? -2.789  -4.748  -10.195 1.00 0.00 ? 113 TRP A CE3  1 
ATOM 1762 C CZ2  . TRP A 1 110 ? -1.730  -4.140  -12.803 1.00 0.00 ? 113 TRP A CZ2  1 
ATOM 1763 C CZ3  . TRP A 1 110 ? -1.755  -5.478  -10.796 1.00 0.00 ? 113 TRP A CZ3  1 
ATOM 1764 C CH2  . TRP A 1 110 ? -1.225  -5.207  -12.052 1.00 0.00 ? 113 TRP A CH2  1 
ATOM 1765 H H    . TRP A 1 110 ? -6.821  -3.803  -7.292  1.00 0.00 ? 113 TRP A H    1 
ATOM 1766 H HA   . TRP A 1 110 ? -6.745  -3.835  -10.209 1.00 0.00 ? 113 TRP A HA   1 
ATOM 1767 H HB2  . TRP A 1 110 ? -5.707  -1.705  -9.397  1.00 0.00 ? 113 TRP A HB2  1 
ATOM 1768 H HB3  . TRP A 1 110 ? -4.512  -2.662  -8.546  1.00 0.00 ? 113 TRP A HB3  1 
ATOM 1769 H HD1  . TRP A 1 110 ? -5.072  -1.094  -11.868 1.00 0.00 ? 113 TRP A HD1  1 
ATOM 1770 H HE1  . TRP A 1 110 ? -3.294  -1.821  -13.678 1.00 0.00 ? 113 TRP A HE1  1 
ATOM 1771 H HE3  . TRP A 1 110 ? -3.178  -4.992  -9.207  1.00 0.00 ? 113 TRP A HE3  1 
ATOM 1772 H HZ2  . TRP A 1 110 ? -1.340  -3.897  -13.792 1.00 0.00 ? 113 TRP A HZ2  1 
ATOM 1773 H HZ3  . TRP A 1 110 ? -1.338  -6.317  -10.239 1.00 0.00 ? 113 TRP A HZ3  1 
ATOM 1774 H HH2  . TRP A 1 110 ? -0.419  -5.824  -12.450 1.00 0.00 ? 113 TRP A HH2  1 
ATOM 1775 N N    . GLY A 1 111 ? -5.234  -5.858  -10.080 1.00 0.00 ? 114 GLY A N    1 
ATOM 1776 C CA   . GLY A 1 111 ? -4.606  -7.164  -9.969  1.00 0.00 ? 114 GLY A CA   1 
ATOM 1777 C C    . GLY A 1 111 ? -5.560  -8.180  -9.338  1.00 0.00 ? 114 GLY A C    1 
ATOM 1778 O O    . GLY A 1 111 ? -6.676  -7.834  -8.955  1.00 0.00 ? 114 GLY A O    1 
ATOM 1779 H H    . GLY A 1 111 ? -5.419  -5.557  -11.015 1.00 0.00 ? 114 GLY A H    1 
ATOM 1780 H HA2  . GLY A 1 111 ? -4.301  -7.510  -10.956 1.00 0.00 ? 114 GLY A HA2  1 
ATOM 1781 H HA3  . GLY A 1 111 ? -3.701  -7.086  -9.365  1.00 0.00 ? 114 GLY A HA3  1 
ATOM 1782 N N    . THR A 1 112 ? -5.087  -9.415  -9.252  1.00 0.00 ? 115 THR A N    1 
ATOM 1783 C CA   . THR A 1 112 ? -5.885  -10.484 -8.676  1.00 0.00 ? 115 THR A CA   1 
ATOM 1784 C C    . THR A 1 112 ? -5.137  -11.140 -7.514  1.00 0.00 ? 115 THR A C    1 
ATOM 1785 O O    . THR A 1 112 ? -4.013  -11.610 -7.682  1.00 0.00 ? 115 THR A O    1 
ATOM 1786 C CB   . THR A 1 112 ? -6.246  -11.462 -9.797  1.00 0.00 ? 115 THR A CB   1 
ATOM 1787 O OG1  . THR A 1 112 ? -7.348  -10.843 -10.455 1.00 0.00 ? 115 THR A OG1  1 
ATOM 1788 C CG2  . THR A 1 112 ? -6.820  -12.777 -9.264  1.00 0.00 ? 115 THR A CG2  1 
ATOM 1789 H H    . THR A 1 112 ? -4.179  -9.688  -9.568  1.00 0.00 ? 115 THR A H    1 
ATOM 1790 H HA   . THR A 1 112 ? -6.796  -10.049 -8.265  1.00 0.00 ? 115 THR A HA   1 
ATOM 1791 H HB   . THR A 1 112 ? -5.388  -11.645 -10.444 1.00 0.00 ? 115 THR A HB   1 
ATOM 1792 H HG1  . THR A 1 112 ? -7.017  -10.220 -11.164 1.00 0.00 ? 115 THR A HG1  1 
ATOM 1793 H HG21 . THR A 1 112 ? -7.628  -12.563 -8.565  1.00 0.00 ? 115 THR A HG21 1 
ATOM 1794 H HG22 . THR A 1 112 ? -7.204  -13.368 -10.095 1.00 0.00 ? 115 THR A HG22 1 
ATOM 1795 H HG23 . THR A 1 112 ? -6.036  -13.334 -8.753  1.00 0.00 ? 115 THR A HG23 1 
ATOM 1796 N N    . PHE A 1 113 ? -5.792  -11.152 -6.362  1.00 0.00 ? 116 PHE A N    1 
ATOM 1797 C CA   . PHE A 1 113 ? -5.203  -11.743 -5.173  1.00 0.00 ? 116 PHE A CA   1 
ATOM 1798 C C    . PHE A 1 113 ? -5.342  -13.267 -5.191  1.00 0.00 ? 116 PHE A C    1 
ATOM 1799 O O    . PHE A 1 113 ? -6.292  -13.800 -5.763  1.00 0.00 ? 116 PHE A O    1 
ATOM 1800 C CB   . PHE A 1 113 ? -5.968  -11.187 -3.971  1.00 0.00 ? 116 PHE A CB   1 
ATOM 1801 C CG   . PHE A 1 113 ? -5.206  -11.284 -2.648  1.00 0.00 ? 116 PHE A CG   1 
ATOM 1802 C CD1  . PHE A 1 113 ? -5.228  -12.440 -1.933  1.00 0.00 ? 116 PHE A CD1  1 
ATOM 1803 C CD2  . PHE A 1 113 ? -4.505  -10.213 -2.188  1.00 0.00 ? 116 PHE A CD2  1 
ATOM 1804 C CE1  . PHE A 1 113 ? -4.520  -12.529 -0.706  1.00 0.00 ? 116 PHE A CE1  1 
ATOM 1805 C CE2  . PHE A 1 113 ? -3.797  -10.302 -0.960  1.00 0.00 ? 116 PHE A CE2  1 
ATOM 1806 C CZ   . PHE A 1 113 ? -3.820  -11.459 -0.245  1.00 0.00 ? 116 PHE A CZ   1 
ATOM 1807 H H    . PHE A 1 113 ? -6.706  -10.768 -6.236  1.00 0.00 ? 116 PHE A H    1 
ATOM 1808 H HA   . PHE A 1 113 ? -4.146  -11.477 -5.169  1.00 0.00 ? 116 PHE A HA   1 
ATOM 1809 H HB2  . PHE A 1 113 ? -6.215  -10.142 -4.161  1.00 0.00 ? 116 PHE A HB2  1 
ATOM 1810 H HB3  . PHE A 1 113 ? -6.912  -11.724 -3.874  1.00 0.00 ? 116 PHE A HB3  1 
ATOM 1811 H HD1  . PHE A 1 113 ? -5.788  -13.299 -2.302  1.00 0.00 ? 116 PHE A HD1  1 
ATOM 1812 H HD2  . PHE A 1 113 ? -4.488  -9.285  -2.760  1.00 0.00 ? 116 PHE A HD2  1 
ATOM 1813 H HE1  . PHE A 1 113 ? -4.537  -13.457 -0.132  1.00 0.00 ? 116 PHE A HE1  1 
ATOM 1814 H HE2  . PHE A 1 113 ? -3.236  -9.443  -0.590  1.00 0.00 ? 116 PHE A HE2  1 
ATOM 1815 H HZ   . PHE A 1 113 ? -3.276  -11.527 0.698   1.00 0.00 ? 116 PHE A HZ   1 
ATOM 1816 N N    . GLN A 1 114 ? -4.382  -13.925 -4.559  1.00 0.00 ? 117 GLN A N    1 
ATOM 1817 C CA   . GLN A 1 114 ? -4.386  -15.376 -4.495  1.00 0.00 ? 117 GLN A CA   1 
ATOM 1818 C C    . GLN A 1 114 ? -3.820  -15.850 -3.155  1.00 0.00 ? 117 GLN A C    1 
ATOM 1819 O O    . GLN A 1 114 ? -2.724  -15.449 -2.764  1.00 0.00 ? 117 GLN A O    1 
ATOM 1820 C CB   . GLN A 1 114 ? -3.605  -15.979 -5.665  1.00 0.00 ? 117 GLN A CB   1 
ATOM 1821 C CG   . GLN A 1 114 ? -2.428  -15.083 -6.058  1.00 0.00 ? 117 GLN A CG   1 
ATOM 1822 C CD   . GLN A 1 114 ? -2.359  -14.905 -7.575  1.00 0.00 ? 117 GLN A CD   1 
ATOM 1823 O OE1  . GLN A 1 114 ? -1.990  -15.800 -8.316  1.00 0.00 ? 117 GLN A OE1  1 
ATOM 1824 N NE2  . GLN A 1 114 ? -2.732  -13.699 -7.996  1.00 0.00 ? 117 GLN A NE2  1 
ATOM 1825 H H    . GLN A 1 114 ? -3.613  -13.484 -4.096  1.00 0.00 ? 117 GLN A H    1 
ATOM 1826 H HA   . GLN A 1 114 ? -5.433  -15.667 -4.577  1.00 0.00 ? 117 GLN A HA   1 
ATOM 1827 H HB2  . GLN A 1 114 ? -3.238  -16.968 -5.390  1.00 0.00 ? 117 GLN A HB2  1 
ATOM 1828 H HB3  . GLN A 1 114 ? -4.269  -16.110 -6.520  1.00 0.00 ? 117 GLN A HB3  1 
ATOM 1829 H HG2  . GLN A 1 114 ? -2.532  -14.110 -5.578  1.00 0.00 ? 117 GLN A HG2  1 
ATOM 1830 H HG3  . GLN A 1 114 ? -1.498  -15.519 -5.696  1.00 0.00 ? 117 GLN A HG3  1 
ATOM 1831 H HE21 . GLN A 1 114 ? -3.024  -13.006 -7.336  1.00 0.00 ? 117 GLN A HE21 1 
ATOM 1832 H HE22 . GLN A 1 114 ? -2.722  -13.485 -8.973  1.00 0.00 ? 117 GLN A HE22 1 
ATOM 1833 N N    . ILE A 1 115 ? -4.589  -16.698 -2.490  1.00 0.00 ? 118 ILE A N    1 
ATOM 1834 C CA   . ILE A 1 115 ? -4.178  -17.231 -1.202  1.00 0.00 ? 118 ILE A CA   1 
ATOM 1835 C C    . ILE A 1 115 ? -3.334  -18.488 -1.422  1.00 0.00 ? 118 ILE A C    1 
ATOM 1836 O O    . ILE A 1 115 ? -3.736  -19.391 -2.155  1.00 0.00 ? 118 ILE A O    1 
ATOM 1837 C CB   . ILE A 1 115 ? -5.395  -17.457 -0.302  1.00 0.00 ? 118 ILE A CB   1 
ATOM 1838 C CG1  . ILE A 1 115 ? -6.198  -16.167 -0.132  1.00 0.00 ? 118 ILE A CG1  1 
ATOM 1839 C CG2  . ILE A 1 115 ? -4.977  -18.054 1.044   1.00 0.00 ? 118 ILE A CG2  1 
ATOM 1840 C CD1  . ILE A 1 115 ? -7.701  -16.453 -0.134  1.00 0.00 ? 118 ILE A CD1  1 
ATOM 1841 H H    . ILE A 1 115 ? -5.479  -17.020 -2.815  1.00 0.00 ? 118 ILE A H    1 
ATOM 1842 H HA   . ILE A 1 115 ? -3.556  -16.477 -0.720  1.00 0.00 ? 118 ILE A HA   1 
ATOM 1843 H HB   . ILE A 1 115 ? -6.048  -18.183 -0.786  1.00 0.00 ? 118 ILE A HB   1 
ATOM 1844 H HG12 . ILE A 1 115 ? -5.918  -15.680 0.802   1.00 0.00 ? 118 ILE A HG12 1 
ATOM 1845 H HG13 . ILE A 1 115 ? -5.955  -15.474 -0.938  1.00 0.00 ? 118 ILE A HG13 1 
ATOM 1846 H HG21 . ILE A 1 115 ? -4.198  -17.435 1.490   1.00 0.00 ? 118 ILE A HG21 1 
ATOM 1847 H HG22 . ILE A 1 115 ? -5.840  -18.089 1.709   1.00 0.00 ? 118 ILE A HG22 1 
ATOM 1848 H HG23 . ILE A 1 115 ? -4.595  -19.063 0.891   1.00 0.00 ? 118 ILE A HG23 1 
ATOM 1849 H HD11 . ILE A 1 115 ? -8.025  -16.705 0.876   1.00 0.00 ? 118 ILE A HD11 1 
ATOM 1850 H HD12 . ILE A 1 115 ? -8.239  -15.569 -0.478  1.00 0.00 ? 118 ILE A HD12 1 
ATOM 1851 H HD13 . ILE A 1 115 ? -7.911  -17.288 -0.803  1.00 0.00 ? 118 ILE A HD13 1 
ATOM 1852 N N    . ASP A 1 116 ? -2.178  -18.507 -0.775  1.00 0.00 ? 119 ASP A N    1 
ATOM 1853 C CA   . ASP A 1 116 ? -1.274  -19.638 -0.890  1.00 0.00 ? 119 ASP A CA   1 
ATOM 1854 C C    . ASP A 1 116 ? -1.674  -20.712 0.124   1.00 0.00 ? 119 ASP A C    1 
ATOM 1855 O O    . ASP A 1 116 ? -1.823  -20.425 1.310   1.00 0.00 ? 119 ASP A O    1 
ATOM 1856 C CB   . ASP A 1 116 ? 0.169   -19.222 -0.594  1.00 0.00 ? 119 ASP A CB   1 
ATOM 1857 C CG   . ASP A 1 116 ? 1.208   -19.735 -1.593  1.00 0.00 ? 119 ASP A CG   1 
ATOM 1858 O OD1  . ASP A 1 116 ? 1.151   -19.277 -2.755  1.00 0.00 ? 119 ASP A OD1  1 
ATOM 1859 O OD2  . ASP A 1 116 ? 2.035   -20.573 -1.173  1.00 0.00 ? 119 ASP A OD2  1 
ATOM 1860 H H    . ASP A 1 116 ? -1.858  -17.769 -0.181  1.00 0.00 ? 119 ASP A H    1 
ATOM 1861 H HA   . ASP A 1 116 ? -1.372  -19.980 -1.920  1.00 0.00 ? 119 ASP A HA   1 
ATOM 1862 H HB2  . ASP A 1 116 ? 0.219   -18.134 -0.565  1.00 0.00 ? 119 ASP A HB2  1 
ATOM 1863 H HB3  . ASP A 1 116 ? 0.437   -19.580 0.401   1.00 0.00 ? 119 ASP A HB3  1 
ATOM 1864 N N    . GLY A 1 117 ? -1.837  -21.926 -0.381  1.00 0.00 ? 120 GLY A N    1 
ATOM 1865 C CA   . GLY A 1 117 ? -2.218  -23.044 0.465   1.00 0.00 ? 120 GLY A CA   1 
ATOM 1866 C C    . GLY A 1 117 ? -3.287  -23.905 -0.212  1.00 0.00 ? 120 GLY A C    1 
ATOM 1867 O O    . GLY A 1 117 ? -3.479  -23.823 -1.424  1.00 0.00 ? 120 GLY A O    1 
ATOM 1868 H H    . GLY A 1 117 ? -1.713  -22.151 -1.348  1.00 0.00 ? 120 GLY A H    1 
ATOM 1869 H HA2  . GLY A 1 117 ? -1.342  -23.653 0.686   1.00 0.00 ? 120 GLY A HA2  1 
ATOM 1870 H HA3  . GLY A 1 117 ? -2.595  -22.670 1.417   1.00 0.00 ? 120 GLY A HA3  1 
ATOM 1871 N N    . ARG A 1 118 ? -3.955  -24.710 0.601   1.00 0.00 ? 121 ARG A N    1 
ATOM 1872 C CA   . ARG A 1 118 ? -4.999  -25.584 0.097   1.00 0.00 ? 121 ARG A CA   1 
ATOM 1873 C C    . ARG A 1 118 ? -6.137  -25.694 1.113   1.00 0.00 ? 121 ARG A C    1 
ATOM 1874 O O    . ARG A 1 118 ? -7.136  -26.366 0.862   1.00 0.00 ? 121 ARG A O    1 
ATOM 1875 C CB   . ARG A 1 118 ? -4.451  -26.982 -0.199  1.00 0.00 ? 121 ARG A CB   1 
ATOM 1876 C CG   . ARG A 1 118 ? -5.424  -27.778 -1.072  1.00 0.00 ? 121 ARG A CG   1 
ATOM 1877 C CD   . ARG A 1 118 ? -4.861  -29.164 -1.395  1.00 0.00 ? 121 ARG A CD   1 
ATOM 1878 N NE   . ARG A 1 118 ? -4.156  -29.134 -2.695  1.00 0.00 ? 121 ARG A NE   1 
ATOM 1879 C CZ   . ARG A 1 118 ? -3.873  -30.225 -3.421  1.00 0.00 ? 121 ARG A CZ   1 
ATOM 1880 N NH1  . ARG A 1 118 ? -4.233  -31.437 -2.978  1.00 0.00 ? 121 ARG A NH1  1 
ATOM 1881 N NH2  . ARG A 1 118 ? -3.230  -30.103 -4.590  1.00 0.00 ? 121 ARG A NH2  1 
ATOM 1882 H H    . ARG A 1 118 ? -3.793  -24.769 1.587   1.00 0.00 ? 121 ARG A H    1 
ATOM 1883 H HA   . ARG A 1 118 ? -5.340  -25.109 -0.824  1.00 0.00 ? 121 ARG A HA   1 
ATOM 1884 H HB2  . ARG A 1 118 ? -3.488  -26.900 -0.702  1.00 0.00 ? 121 ARG A HB2  1 
ATOM 1885 H HB3  . ARG A 1 118 ? -4.278  -27.514 0.737   1.00 0.00 ? 121 ARG A HB3  1 
ATOM 1886 H HG2  . ARG A 1 118 ? -6.380  -27.880 -0.558  1.00 0.00 ? 121 ARG A HG2  1 
ATOM 1887 H HG3  . ARG A 1 118 ? -5.615  -27.236 -1.998  1.00 0.00 ? 121 ARG A HG3  1 
ATOM 1888 H HD2  . ARG A 1 118 ? -4.177  -29.480 -0.607  1.00 0.00 ? 121 ARG A HD2  1 
ATOM 1889 H HD3  . ARG A 1 118 ? -5.670  -29.895 -1.426  1.00 0.00 ? 121 ARG A HD3  1 
ATOM 1890 H HE   . ARG A 1 118 ? -3.874  -28.246 -3.055  1.00 0.00 ? 121 ARG A HE   1 
ATOM 1891 H HH11 . ARG A 1 118 ? -4.713  -31.529 -2.105  1.00 0.00 ? 121 ARG A HH11 1 
ATOM 1892 H HH12 . ARG A 1 118 ? -4.022  -32.250 -3.519  1.00 0.00 ? 121 ARG A HH12 1 
ATOM 1893 H HH21 . ARG A 1 118 ? -2.962  -29.198 -4.921  1.00 0.00 ? 121 ARG A HH21 1 
ATOM 1894 H HH22 . ARG A 1 118 ? -3.019  -30.916 -5.132  1.00 0.00 ? 121 ARG A HH22 1 
# 
